data_9BJH
#
_entry.id   9BJH
#
_cell.length_a   54.868
_cell.length_b   71.620
_cell.length_c   132.927
_cell.angle_alpha   94.105
_cell.angle_beta   99.195
_cell.angle_gamma   112.393
#
_symmetry.space_group_name_H-M   'P 1'
#
loop_
_entity.id
_entity.type
_entity.pdbx_description
1 polymer 'Apical membrane antigen 1'
2 polymer '75C8 Fab Heavy Chain'
3 polymer '75C8 Fab Light Chain'
4 water water
#
loop_
_entity_poly.entity_id
_entity_poly.type
_entity_poly.pdbx_seq_one_letter_code
_entity_poly.pdbx_strand_id
1 'polypeptide(L)'
;ETGNYMGNPWTEYMAKYDIEEVHGSGIRVDLGEDAEVAGTQYRLPSGKCPVFGKGIIIENSNTAFLTPVATGNQYLKDGG
FAFPPTEPLMSPMTLDEMRHFYKDNKYVKNLDELTLCSRHAGNMIPDNDKNSNYKYPAVYDDKDKKCHILYIAAQENNGP
RYCNKDESKRNSMFCFRPAKDISFQNYAYLSKNVVDNWEKVCPRKNLQNAKFGLWVDGNCEDIPHVNEFPAIDLFECNKL
VFELSASDQPKQYEQHLTDYEKIKEGFKNKNAAMIKSAFLPTGAFKADRYKSHGKGYNWGNYNTETQKCEIFNVKPTCLI
NNAAYIATTALSHPIEVEGTKHHHHHH
;
A,B
2 'polypeptide(L)'
;MGIQVQLRESGPHLVKPSETLSLTCNVSGGTINRYYWNWIRQIPGKGLEWIGNIYYTGTTETNPSLEGRPLISIDRTTQQ
VSLTLTSVTPADTAVYYCARTRGEWSPDWCLDRWGRGTLVTVSSASTKGPSVFPLAPSSKSTSGGTAALGCLVKDYFPEP
VTVSWNSGALTSGVHTFPAVLQSSGLYSLSSVVTVPSSSLGTQTYICNVNHKPSNTKVDKKVEPKSCDKTGGSHHHHHH
;
H,I
3 'polypeptide(L)'
;MGIEIVLTQSPDTLSLSPGDTATLSCRASQTITNAYFAWYQQKPGQAPRLLIYSTSTRASGIPDRFSGSGSGTEFTLTIS
RLEPEDFAVFYCQQYVRSPWTFGQGTKVELKRTVAAPSVFIFPPSDEQLKSGTASVVCLLNNFYPREAKVQWKVDNALQS
GNSQESVTEQDSKDSTYSLSSTLTLSKADYEKHKVYACEVTHQGLSSPVTKSFNRGEC
;
L,M
#
# COMPACT_ATOMS: atom_id res chain seq x y z
N ASN A 8 -7.61 44.49 -54.16
CA ASN A 8 -6.34 44.01 -53.64
C ASN A 8 -5.85 42.80 -54.45
N PRO A 9 -4.71 42.95 -55.13
CA PRO A 9 -4.22 41.83 -55.96
C PRO A 9 -3.88 40.58 -55.18
N TRP A 10 -3.57 40.69 -53.89
CA TRP A 10 -3.19 39.54 -53.08
C TRP A 10 -4.39 38.70 -52.64
N THR A 11 -5.61 39.08 -53.03
CA THR A 11 -6.79 38.41 -52.49
C THR A 11 -6.72 36.90 -52.71
N GLU A 12 -6.49 36.47 -53.95
CA GLU A 12 -6.43 35.05 -54.24
C GLU A 12 -5.24 34.39 -53.54
N TYR A 13 -4.08 35.04 -53.56
CA TYR A 13 -2.88 34.44 -53.00
C TYR A 13 -2.98 34.28 -51.48
N MET A 14 -3.49 35.29 -50.79
CA MET A 14 -3.52 35.30 -49.33
C MET A 14 -4.77 34.61 -48.77
N ALA A 15 -5.59 34.00 -49.62
CA ALA A 15 -6.81 33.38 -49.13
C ALA A 15 -6.52 32.25 -48.16
N LYS A 16 -5.50 31.43 -48.46
CA LYS A 16 -5.19 30.31 -47.59
C LYS A 16 -4.69 30.74 -46.21
N TYR A 17 -4.29 32.00 -46.07
CA TYR A 17 -3.84 32.53 -44.79
C TYR A 17 -4.95 33.17 -43.98
N ASP A 18 -6.18 33.18 -44.50
CA ASP A 18 -7.36 33.58 -43.72
C ASP A 18 -7.82 32.37 -42.90
N ILE A 19 -7.03 32.10 -41.85
CA ILE A 19 -7.20 30.86 -41.10
C ILE A 19 -8.58 30.76 -40.47
N GLU A 20 -9.20 31.90 -40.16
CA GLU A 20 -10.54 31.86 -39.58
C GLU A 20 -11.57 31.33 -40.57
N GLU A 21 -11.25 31.30 -41.87
CA GLU A 21 -12.17 30.84 -42.91
C GLU A 21 -11.82 29.44 -43.41
N VAL A 22 -10.57 29.24 -43.84
CA VAL A 22 -10.18 27.94 -44.39
C VAL A 22 -10.16 26.88 -43.30
N HIS A 23 -9.70 27.23 -42.10
CA HIS A 23 -9.59 26.29 -40.99
C HIS A 23 -10.81 26.32 -40.08
N GLY A 24 -11.14 27.49 -39.54
CA GLY A 24 -12.39 27.66 -38.81
C GLY A 24 -12.54 26.82 -37.57
N SER A 25 -11.49 26.67 -36.78
CA SER A 25 -11.53 25.94 -35.52
C SER A 25 -10.21 26.17 -34.81
N GLY A 26 -10.12 25.64 -33.59
CA GLY A 26 -8.89 25.77 -32.84
C GLY A 26 -7.74 25.05 -33.51
N ILE A 27 -6.54 25.57 -33.30
CA ILE A 27 -5.31 24.97 -33.83
C ILE A 27 -4.56 24.23 -32.72
N ARG A 28 -4.18 24.94 -31.65
CA ARG A 28 -3.47 24.30 -30.56
C ARG A 28 -4.29 23.16 -29.97
N VAL A 29 -5.55 23.44 -29.63
CA VAL A 29 -6.52 22.41 -29.25
C VAL A 29 -7.71 22.56 -30.19
N ASP A 30 -8.04 21.48 -30.87
CA ASP A 30 -9.12 21.45 -31.86
C ASP A 30 -10.29 20.69 -31.26
N LEU A 31 -11.30 21.43 -30.80
CA LEU A 31 -12.54 20.84 -30.30
C LEU A 31 -13.72 21.68 -30.78
N GLY A 32 -13.73 22.03 -32.06
CA GLY A 32 -14.68 22.96 -32.62
C GLY A 32 -16.08 22.41 -32.89
N GLU A 33 -16.32 21.13 -32.67
CA GLU A 33 -17.63 20.53 -32.90
C GLU A 33 -18.02 19.65 -31.72
N ASP A 34 -19.28 19.22 -31.73
CA ASP A 34 -19.82 18.34 -30.71
C ASP A 34 -20.55 17.18 -31.39
N ALA A 35 -20.51 16.01 -30.76
CA ALA A 35 -21.16 14.83 -31.29
C ALA A 35 -21.57 13.93 -30.14
N GLU A 36 -22.63 13.14 -30.38
CA GLU A 36 -23.16 12.22 -29.39
C GLU A 36 -22.84 10.79 -29.81
N VAL A 37 -22.31 10.01 -28.87
CA VAL A 37 -22.02 8.60 -29.07
C VAL A 37 -22.72 7.81 -27.96
N ALA A 38 -23.68 6.96 -28.35
CA ALA A 38 -24.44 6.17 -27.39
C ALA A 38 -25.14 7.07 -26.37
N GLY A 39 -25.63 8.22 -26.82
CA GLY A 39 -26.40 9.11 -25.99
C GLY A 39 -25.59 10.09 -25.17
N THR A 40 -24.26 10.03 -25.23
CA THR A 40 -23.40 10.94 -24.50
C THR A 40 -22.70 11.87 -25.48
N GLN A 41 -22.71 13.17 -25.16
CA GLN A 41 -22.16 14.18 -26.05
C GLN A 41 -20.69 14.43 -25.71
N TYR A 42 -19.83 14.35 -26.73
CA TYR A 42 -18.41 14.54 -26.57
C TYR A 42 -17.92 15.60 -27.54
N ARG A 43 -16.80 16.23 -27.20
CA ARG A 43 -16.19 17.23 -28.05
C ARG A 43 -15.27 16.56 -29.07
N LEU A 44 -15.09 17.22 -30.21
CA LEU A 44 -14.52 16.59 -31.38
C LEU A 44 -13.70 17.57 -32.20
N PRO A 45 -12.50 17.21 -32.64
CA PRO A 45 -11.76 18.07 -33.56
C PRO A 45 -12.53 18.29 -34.85
N SER A 46 -12.50 19.53 -35.36
CA SER A 46 -13.26 19.89 -36.54
C SER A 46 -12.49 20.80 -37.48
N GLY A 47 -11.21 21.07 -37.22
CA GLY A 47 -10.45 21.93 -38.11
C GLY A 47 -10.39 21.37 -39.52
N LYS A 48 -10.55 22.25 -40.51
CA LYS A 48 -10.59 21.85 -41.90
C LYS A 48 -9.22 21.77 -42.55
N CYS A 49 -8.16 22.23 -41.88
CA CYS A 49 -6.82 22.21 -42.44
C CYS A 49 -5.92 21.31 -41.60
N PRO A 50 -4.99 20.58 -42.21
CA PRO A 50 -4.02 19.81 -41.41
C PRO A 50 -3.15 20.74 -40.57
N VAL A 51 -2.79 20.25 -39.38
CA VAL A 51 -1.92 20.97 -38.46
C VAL A 51 -0.56 20.30 -38.55
N PHE A 52 0.30 20.81 -39.42
CA PHE A 52 1.60 20.20 -39.66
C PHE A 52 2.51 20.39 -38.45
N GLY A 53 3.12 19.29 -37.98
CA GLY A 53 4.05 19.33 -36.89
C GLY A 53 3.44 19.20 -35.50
N LYS A 54 2.12 19.15 -35.40
CA LYS A 54 1.46 19.08 -34.10
C LYS A 54 1.46 17.65 -33.57
N GLY A 55 1.76 17.51 -32.28
CA GLY A 55 1.68 16.24 -31.60
C GLY A 55 1.32 16.45 -30.14
N ILE A 56 1.07 15.35 -29.44
CA ILE A 56 0.69 15.37 -28.04
C ILE A 56 1.82 14.76 -27.22
N ILE A 57 2.26 15.48 -26.20
CA ILE A 57 3.31 15.02 -25.30
C ILE A 57 2.66 14.56 -24.01
N ILE A 58 2.96 13.33 -23.60
CA ILE A 58 2.50 12.77 -22.34
C ILE A 58 3.62 13.00 -21.33
N GLU A 59 3.39 13.87 -20.36
CA GLU A 59 4.45 14.30 -19.45
C GLU A 59 4.57 13.44 -18.20
N ASN A 60 3.57 12.61 -17.88
CA ASN A 60 3.60 11.77 -16.70
C ASN A 60 3.79 10.30 -17.03
N SER A 61 4.19 9.97 -18.26
CA SER A 61 4.43 8.60 -18.65
C SER A 61 5.46 8.57 -19.76
N ASN A 62 6.22 7.49 -19.84
CA ASN A 62 7.19 7.29 -20.91
C ASN A 62 6.54 6.58 -22.10
N THR A 63 5.44 7.14 -22.57
CA THR A 63 4.65 6.55 -23.65
C THR A 63 4.44 7.55 -24.76
N ALA A 64 4.59 7.09 -26.00
CA ALA A 64 4.28 7.91 -27.16
C ALA A 64 2.77 7.98 -27.34
N PHE A 65 2.27 9.17 -27.70
CA PHE A 65 0.83 9.35 -27.80
C PHE A 65 0.23 8.60 -28.97
N LEU A 66 1.05 8.10 -29.91
CA LEU A 66 0.55 7.26 -30.99
C LEU A 66 0.56 5.78 -30.63
N THR A 67 0.96 5.42 -29.41
CA THR A 67 0.85 4.05 -28.96
C THR A 67 -0.63 3.68 -28.85
N PRO A 68 -1.01 2.45 -29.20
CA PRO A 68 -2.42 2.06 -29.06
C PRO A 68 -2.88 2.16 -27.62
N VAL A 69 -4.15 2.55 -27.44
CA VAL A 69 -4.73 2.61 -26.11
C VAL A 69 -4.64 1.23 -25.45
N ALA A 70 -4.54 1.22 -24.12
CA ALA A 70 -4.47 -0.02 -23.39
C ALA A 70 -5.77 -0.80 -23.53
N THR A 71 -5.66 -2.13 -23.58
CA THR A 71 -6.81 -3.03 -23.72
C THR A 71 -6.55 -4.25 -22.85
N GLY A 72 -7.05 -4.22 -21.61
CA GLY A 72 -6.88 -5.32 -20.68
C GLY A 72 -6.55 -4.86 -19.28
N LEU A 76 -3.13 1.02 -18.50
CA LEU A 76 -3.66 2.33 -18.87
C LEU A 76 -2.53 3.30 -19.23
N LYS A 77 -1.62 3.51 -18.28
CA LYS A 77 -0.47 4.38 -18.55
C LYS A 77 0.49 3.78 -19.55
N ASP A 78 0.41 2.47 -19.79
CA ASP A 78 1.26 1.81 -20.77
C ASP A 78 0.73 1.95 -22.20
N GLY A 79 -0.44 2.56 -22.38
CA GLY A 79 -1.00 2.80 -23.69
C GLY A 79 -1.00 4.29 -24.04
N GLY A 80 -1.35 4.57 -25.29
CA GLY A 80 -1.35 5.93 -25.78
C GLY A 80 -2.72 6.41 -26.20
N PHE A 81 -2.77 7.28 -27.21
CA PHE A 81 -4.00 7.89 -27.68
C PHE A 81 -4.52 7.26 -28.97
N ALA A 82 -3.85 6.23 -29.47
CA ALA A 82 -4.14 5.68 -30.79
C ALA A 82 -5.21 4.59 -30.70
N PHE A 83 -5.61 4.08 -31.87
CA PHE A 83 -6.74 3.16 -31.95
C PHE A 83 -6.36 1.80 -31.36
N PRO A 84 -7.32 1.10 -30.74
CA PRO A 84 -7.04 -0.24 -30.25
C PRO A 84 -6.76 -1.19 -31.41
N PRO A 85 -5.97 -2.23 -31.19
CA PRO A 85 -5.76 -3.22 -32.24
C PRO A 85 -7.07 -3.88 -32.66
N THR A 86 -7.16 -4.19 -33.96
CA THR A 86 -8.39 -4.73 -34.53
C THR A 86 -8.04 -5.80 -35.55
N GLU A 87 -9.01 -6.67 -35.83
CA GLU A 87 -8.89 -7.71 -36.85
C GLU A 87 -10.15 -7.68 -37.72
N PRO A 88 -10.07 -7.19 -38.97
CA PRO A 88 -8.87 -6.71 -39.69
C PRO A 88 -8.31 -5.43 -39.07
N LEU A 89 -7.01 -5.20 -39.20
CA LEU A 89 -6.37 -4.06 -38.55
C LEU A 89 -6.66 -2.79 -39.33
N MET A 90 -7.11 -1.75 -38.62
CA MET A 90 -7.43 -0.46 -39.22
C MET A 90 -6.40 0.61 -38.91
N SER A 91 -5.91 0.66 -37.68
CA SER A 91 -4.83 1.57 -37.30
C SER A 91 -3.77 0.80 -36.53
N PRO A 92 -2.48 1.06 -36.80
CA PRO A 92 -1.93 1.95 -37.84
C PRO A 92 -1.96 1.28 -39.20
N MET A 93 -2.22 2.02 -40.26
CA MET A 93 -2.25 1.49 -41.61
C MET A 93 -1.40 2.37 -42.51
N THR A 94 -0.52 1.76 -43.30
CA THR A 94 0.36 2.52 -44.16
C THR A 94 -0.41 3.12 -45.32
N LEU A 95 0.24 4.05 -46.02
CA LEU A 95 -0.38 4.65 -47.20
C LEU A 95 -0.68 3.59 -48.25
N ASP A 96 0.28 2.70 -48.49
CA ASP A 96 0.07 1.64 -49.47
C ASP A 96 -1.02 0.68 -49.03
N GLU A 97 -1.06 0.37 -47.74
CA GLU A 97 -2.14 -0.49 -47.22
C GLU A 97 -3.50 0.16 -47.40
N MET A 98 -3.59 1.48 -47.14
CA MET A 98 -4.88 2.15 -47.23
C MET A 98 -5.42 2.13 -48.66
N ARG A 99 -4.56 2.36 -49.65
CA ARG A 99 -5.03 2.47 -51.02
C ARG A 99 -5.46 1.11 -51.57
N HIS A 100 -4.81 0.03 -51.13
CA HIS A 100 -5.28 -1.30 -51.52
C HIS A 100 -6.50 -1.72 -50.70
N PHE A 101 -6.65 -1.19 -49.49
CA PHE A 101 -7.84 -1.47 -48.70
C PHE A 101 -9.08 -0.83 -49.32
N TYR A 102 -8.93 0.32 -49.95
CA TYR A 102 -10.02 1.01 -50.64
C TYR A 102 -9.82 0.97 -52.15
N LYS A 103 -9.30 -0.16 -52.66
CA LYS A 103 -8.97 -0.24 -54.08
C LYS A 103 -10.21 -0.10 -54.96
N ASP A 104 -11.35 -0.61 -54.50
CA ASP A 104 -12.57 -0.54 -55.30
C ASP A 104 -13.00 0.90 -55.54
N ASN A 105 -12.88 1.75 -54.52
CA ASN A 105 -13.34 3.14 -54.65
C ASN A 105 -12.49 3.90 -55.66
N LYS A 106 -13.16 4.71 -56.49
CA LYS A 106 -12.46 5.46 -57.52
C LYS A 106 -11.66 6.61 -56.94
N TYR A 107 -12.25 7.37 -56.00
CA TYR A 107 -11.67 8.63 -55.57
C TYR A 107 -10.46 8.45 -54.67
N VAL A 108 -10.26 7.25 -54.11
CA VAL A 108 -9.11 7.04 -53.24
C VAL A 108 -7.80 7.11 -54.02
N LYS A 109 -7.84 6.78 -55.31
CA LYS A 109 -6.66 7.02 -56.15
C LYS A 109 -6.34 8.50 -56.20
N ASN A 110 -7.35 9.35 -56.37
CA ASN A 110 -7.12 10.79 -56.46
C ASN A 110 -6.60 11.36 -55.14
N LEU A 111 -7.18 10.93 -54.03
CA LEU A 111 -6.91 11.58 -52.74
C LEU A 111 -5.44 11.42 -52.34
N ASP A 112 -4.94 12.43 -51.63
CA ASP A 112 -3.56 12.46 -51.19
C ASP A 112 -3.42 11.70 -49.87
N GLU A 113 -2.22 11.74 -49.30
CA GLU A 113 -1.96 11.00 -48.07
C GLU A 113 -2.84 11.50 -46.92
N LEU A 114 -2.83 12.82 -46.67
CA LEU A 114 -3.50 13.35 -45.49
C LEU A 114 -5.02 13.19 -45.61
N THR A 115 -5.59 13.53 -46.76
CA THR A 115 -7.02 13.40 -46.93
C THR A 115 -7.46 11.94 -46.79
N LEU A 116 -6.71 11.02 -47.39
CA LEU A 116 -7.04 9.60 -47.27
C LEU A 116 -6.99 9.15 -45.81
N CYS A 117 -5.96 9.58 -45.08
CA CYS A 117 -5.86 9.21 -43.68
C CYS A 117 -7.03 9.76 -42.87
N SER A 118 -7.43 11.01 -43.15
CA SER A 118 -8.57 11.59 -42.45
C SER A 118 -9.86 10.83 -42.76
N ARG A 119 -10.08 10.50 -44.03
CA ARG A 119 -11.31 9.79 -44.40
C ARG A 119 -11.32 8.36 -43.86
N HIS A 120 -10.16 7.71 -43.84
CA HIS A 120 -10.08 6.37 -43.29
C HIS A 120 -10.49 6.35 -41.82
N ALA A 121 -10.07 7.36 -41.07
CA ALA A 121 -10.46 7.45 -39.67
C ALA A 121 -11.95 7.75 -39.52
N GLY A 122 -12.52 8.52 -40.45
CA GLY A 122 -13.93 8.87 -40.38
C GLY A 122 -14.87 7.70 -40.61
N ASN A 123 -14.38 6.65 -41.27
CA ASN A 123 -15.20 5.47 -41.54
C ASN A 123 -15.24 4.49 -40.36
N MET A 124 -14.49 4.76 -39.29
CA MET A 124 -14.50 3.89 -38.12
C MET A 124 -15.75 4.16 -37.31
N ILE A 125 -16.60 3.15 -37.16
CA ILE A 125 -17.84 3.29 -36.40
C ILE A 125 -17.47 3.48 -34.93
N PRO A 126 -17.89 4.58 -34.29
CA PRO A 126 -17.46 4.86 -32.92
C PRO A 126 -18.24 4.03 -31.91
N ASP A 127 -17.58 3.03 -31.33
CA ASP A 127 -18.14 2.24 -30.24
C ASP A 127 -19.51 1.67 -30.60
N ASN A 128 -19.59 1.09 -31.81
CA ASN A 128 -20.77 0.37 -32.28
C ASN A 128 -22.00 1.26 -32.43
N ASP A 129 -21.82 2.58 -32.46
CA ASP A 129 -22.94 3.49 -32.72
C ASP A 129 -22.99 3.75 -34.22
N LYS A 130 -23.92 3.07 -34.90
CA LYS A 130 -23.96 3.13 -36.35
C LYS A 130 -24.29 4.53 -36.86
N ASN A 131 -25.09 5.29 -36.12
CA ASN A 131 -25.57 6.59 -36.59
C ASN A 131 -25.10 7.72 -35.68
N SER A 132 -23.82 7.70 -35.31
CA SER A 132 -23.21 8.76 -34.52
C SER A 132 -22.48 9.73 -35.43
N ASN A 133 -22.58 11.03 -35.11
CA ASN A 133 -21.83 12.04 -35.83
C ASN A 133 -20.33 11.95 -35.56
N TYR A 134 -19.91 11.23 -34.53
CA TYR A 134 -18.53 11.26 -34.10
C TYR A 134 -17.62 10.61 -35.14
N LYS A 135 -16.48 11.25 -35.39
CA LYS A 135 -15.43 10.71 -36.25
C LYS A 135 -14.09 10.89 -35.56
N TYR A 136 -13.35 9.80 -35.42
CA TYR A 136 -12.07 9.86 -34.71
C TYR A 136 -11.08 10.72 -35.49
N PRO A 137 -10.29 11.54 -34.82
CA PRO A 137 -9.20 12.24 -35.50
C PRO A 137 -8.05 11.29 -35.80
N ALA A 138 -7.15 11.74 -36.68
CA ALA A 138 -6.06 10.91 -37.15
C ALA A 138 -4.77 11.71 -37.17
N VAL A 139 -3.65 11.00 -37.03
CA VAL A 139 -2.31 11.55 -37.18
C VAL A 139 -1.58 10.73 -38.23
N TYR A 140 -0.97 11.41 -39.19
CA TYR A 140 -0.27 10.75 -40.30
C TYR A 140 1.22 11.00 -40.18
N ASP A 141 2.02 9.94 -40.25
CA ASP A 141 3.47 10.02 -40.19
C ASP A 141 4.01 9.88 -41.61
N ASP A 142 4.79 10.87 -42.05
CA ASP A 142 5.33 10.87 -43.39
C ASP A 142 6.73 10.27 -43.48
N LYS A 143 7.32 9.85 -42.36
CA LYS A 143 8.54 9.08 -42.39
C LYS A 143 8.24 7.59 -42.55
N ASP A 144 7.30 7.08 -41.77
CA ASP A 144 6.84 5.71 -41.90
C ASP A 144 5.66 5.56 -42.85
N LYS A 145 5.10 6.67 -43.35
CA LYS A 145 3.93 6.63 -44.22
C LYS A 145 2.77 5.88 -43.57
N LYS A 146 2.64 6.01 -42.24
CA LYS A 146 1.59 5.33 -41.49
C LYS A 146 0.49 6.32 -41.13
N CYS A 147 -0.75 5.84 -41.16
CA CYS A 147 -1.91 6.60 -40.71
C CYS A 147 -2.34 6.06 -39.35
N HIS A 148 -2.34 6.92 -38.34
CA HIS A 148 -2.68 6.54 -36.98
C HIS A 148 -4.01 7.17 -36.62
N ILE A 149 -5.01 6.32 -36.34
CA ILE A 149 -6.33 6.78 -35.92
C ILE A 149 -6.28 6.97 -34.40
N LEU A 150 -6.65 8.18 -33.95
CA LEU A 150 -6.59 8.52 -32.54
C LEU A 150 -7.91 8.15 -31.88
N TYR A 151 -7.87 7.17 -30.96
CA TYR A 151 -9.06 6.87 -30.17
C TYR A 151 -9.37 8.01 -29.21
N ILE A 152 -8.34 8.60 -28.62
CA ILE A 152 -8.50 9.73 -27.72
C ILE A 152 -8.37 11.01 -28.54
N ALA A 153 -9.45 11.75 -28.67
CA ALA A 153 -9.45 13.02 -29.38
C ALA A 153 -9.02 14.18 -28.50
N ALA A 154 -8.79 13.94 -27.21
CA ALA A 154 -8.36 15.00 -26.31
C ALA A 154 -6.91 15.38 -26.58
N GLN A 155 -6.61 16.67 -26.44
CA GLN A 155 -5.29 17.20 -26.73
C GLN A 155 -4.54 17.69 -25.50
N GLU A 156 -5.24 18.27 -24.52
CA GLU A 156 -4.57 18.80 -23.34
C GLU A 156 -5.33 18.42 -22.07
N ASN A 157 -4.60 17.90 -21.09
CA ASN A 157 -5.07 17.82 -19.71
C ASN A 157 -3.85 18.10 -18.83
N ASN A 158 -3.66 19.38 -18.49
CA ASN A 158 -2.48 19.79 -17.73
C ASN A 158 -2.89 20.97 -16.87
N GLY A 159 -3.23 20.70 -15.61
CA GLY A 159 -3.56 21.74 -14.67
C GLY A 159 -3.12 21.39 -13.27
N PRO A 160 -2.85 22.40 -12.43
CA PRO A 160 -2.35 22.10 -11.08
C PRO A 160 -3.30 21.27 -10.24
N ARG A 161 -4.57 21.14 -10.64
CA ARG A 161 -5.54 20.42 -9.81
C ARG A 161 -5.05 19.01 -9.50
N TYR A 162 -4.69 18.24 -10.53
CA TYR A 162 -4.17 16.89 -10.29
C TYR A 162 -3.06 16.52 -11.26
N CYS A 163 -2.43 17.48 -11.95
CA CYS A 163 -1.30 17.21 -12.82
C CYS A 163 -0.03 17.93 -12.39
N ASN A 164 -0.02 18.54 -11.21
CA ASN A 164 1.23 19.06 -10.66
C ASN A 164 2.10 17.94 -10.10
N LYS A 165 1.47 16.88 -9.57
CA LYS A 165 2.20 15.76 -8.99
C LYS A 165 1.39 14.50 -9.26
N ASP A 166 1.75 13.77 -10.33
CA ASP A 166 1.09 12.52 -10.65
C ASP A 166 1.54 11.41 -9.69
N PHE A 174 -3.81 10.27 -17.14
CA PHE A 174 -2.78 10.88 -17.99
C PHE A 174 -2.74 12.40 -17.84
N CYS A 175 -1.55 12.97 -18.02
CA CYS A 175 -1.34 14.41 -18.02
C CYS A 175 -0.56 14.75 -19.29
N PHE A 176 -1.17 15.54 -20.17
CA PHE A 176 -0.62 15.71 -21.51
C PHE A 176 -0.89 17.12 -22.01
N ARG A 177 -0.14 17.50 -23.05
CA ARG A 177 -0.21 18.84 -23.65
C ARG A 177 0.08 18.75 -25.15
N PRO A 178 -0.55 19.58 -25.98
CA PRO A 178 -0.18 19.64 -27.39
C PRO A 178 0.96 20.60 -27.62
N ALA A 179 1.81 20.26 -28.60
CA ALA A 179 2.98 21.08 -28.84
C ALA A 179 3.56 20.77 -30.22
N LYS A 180 4.43 21.66 -30.67
CA LYS A 180 5.28 21.43 -31.83
C LYS A 180 6.64 20.97 -31.33
N ASP A 181 7.14 19.87 -31.88
CA ASP A 181 8.45 19.35 -31.52
C ASP A 181 9.12 18.79 -32.76
N ILE A 182 10.46 18.81 -32.74
CA ILE A 182 11.22 18.19 -33.83
C ILE A 182 10.89 16.71 -33.91
N SER A 183 10.51 16.11 -32.79
CA SER A 183 10.03 14.72 -32.82
C SER A 183 8.77 14.60 -33.64
N PHE A 184 7.86 15.58 -33.51
CA PHE A 184 6.62 15.61 -34.27
C PHE A 184 6.80 16.23 -35.65
N GLN A 185 8.04 16.29 -36.14
CA GLN A 185 8.32 17.02 -37.37
C GLN A 185 7.55 16.45 -38.57
N ASN A 186 7.49 15.12 -38.67
CA ASN A 186 6.85 14.47 -39.80
C ASN A 186 5.38 14.13 -39.55
N TYR A 187 4.81 14.61 -38.45
CA TYR A 187 3.42 14.34 -38.13
C TYR A 187 2.52 15.42 -38.73
N ALA A 188 1.24 15.04 -38.91
CA ALA A 188 0.21 15.96 -39.38
C ALA A 188 -1.08 15.61 -38.64
N TYR A 189 -1.54 16.50 -37.78
CA TYR A 189 -2.77 16.28 -37.03
C TYR A 189 -3.96 16.53 -37.94
N LEU A 190 -4.84 15.54 -38.05
CA LEU A 190 -5.96 15.58 -38.98
C LEU A 190 -7.27 15.41 -38.22
N SER A 191 -8.23 16.29 -38.49
CA SER A 191 -9.59 16.13 -38.01
C SER A 191 -10.45 15.56 -39.12
N LYS A 192 -11.70 15.22 -38.76
CA LYS A 192 -12.61 14.63 -39.74
C LYS A 192 -12.89 15.57 -40.91
N ASN A 193 -12.74 16.88 -40.72
CA ASN A 193 -13.15 17.87 -41.72
C ASN A 193 -12.01 18.30 -42.64
N VAL A 194 -10.84 17.65 -42.56
CA VAL A 194 -9.73 17.97 -43.44
C VAL A 194 -10.22 17.91 -44.88
N VAL A 195 -10.16 19.04 -45.58
CA VAL A 195 -10.65 19.11 -46.95
C VAL A 195 -9.66 18.43 -47.89
N ASP A 196 -10.17 17.95 -49.02
CA ASP A 196 -9.34 17.24 -49.99
C ASP A 196 -8.51 18.18 -50.86
N ASN A 197 -8.79 19.47 -50.83
CA ASN A 197 -8.03 20.46 -51.58
C ASN A 197 -7.20 21.36 -50.66
N TRP A 198 -6.75 20.82 -49.52
CA TRP A 198 -5.97 21.60 -48.58
C TRP A 198 -4.66 22.08 -49.19
N GLU A 199 -4.14 21.38 -50.20
CA GLU A 199 -2.89 21.82 -50.83
C GLU A 199 -3.02 23.21 -51.43
N LYS A 200 -4.24 23.66 -51.70
CA LYS A 200 -4.47 24.96 -52.34
C LYS A 200 -5.08 26.00 -51.41
N VAL A 201 -5.71 25.59 -50.31
CA VAL A 201 -6.45 26.52 -49.46
C VAL A 201 -6.00 26.44 -48.01
N CYS A 202 -4.94 25.68 -47.75
CA CYS A 202 -4.41 25.58 -46.40
C CYS A 202 -2.93 25.90 -46.41
N PRO A 203 -2.43 26.58 -45.37
CA PRO A 203 -0.99 26.85 -45.31
C PRO A 203 -0.21 25.63 -44.86
N ARG A 204 0.91 25.38 -45.52
CA ARG A 204 1.81 24.31 -45.15
C ARG A 204 3.25 24.76 -45.01
N LYS A 205 3.73 25.64 -45.89
CA LYS A 205 5.13 26.02 -45.96
C LYS A 205 5.33 27.45 -45.51
N ASN A 206 6.47 27.70 -44.87
CA ASN A 206 6.86 29.05 -44.49
C ASN A 206 7.41 29.79 -45.70
N LEU A 207 7.11 31.08 -45.78
CA LEU A 207 7.47 31.89 -46.94
C LEU A 207 8.81 32.56 -46.70
N GLN A 208 9.80 32.22 -47.53
CA GLN A 208 11.13 32.78 -47.41
C GLN A 208 11.19 34.18 -48.01
N ASN A 209 11.97 35.06 -47.38
CA ASN A 209 12.15 36.43 -47.86
C ASN A 209 10.82 37.17 -47.95
N ALA A 210 9.87 36.80 -47.11
CA ALA A 210 8.54 37.39 -47.14
C ALA A 210 8.10 37.72 -45.73
N LYS A 211 7.20 38.71 -45.62
CA LYS A 211 6.67 39.16 -44.35
C LYS A 211 5.20 39.51 -44.52
N PHE A 212 4.37 39.05 -43.59
CA PHE A 212 2.95 39.37 -43.62
C PHE A 212 2.72 40.86 -43.40
N GLY A 213 1.61 41.36 -43.93
CA GLY A 213 1.24 42.75 -43.76
C GLY A 213 -0.23 42.96 -44.07
N LEU A 214 -0.69 44.19 -43.84
CA LEU A 214 -2.06 44.58 -44.12
C LEU A 214 -2.09 45.53 -45.32
N TRP A 215 -3.05 45.31 -46.21
CA TRP A 215 -3.22 46.14 -47.40
C TRP A 215 -4.19 47.27 -47.09
N VAL A 216 -3.68 48.49 -47.03
CA VAL A 216 -4.48 49.68 -46.74
C VAL A 216 -4.18 50.75 -47.76
N ASP A 217 -5.23 51.34 -48.34
CA ASP A 217 -5.09 52.46 -49.26
C ASP A 217 -4.15 52.12 -50.41
N GLY A 218 -4.29 50.92 -50.95
CA GLY A 218 -3.51 50.51 -52.11
C GLY A 218 -2.06 50.19 -51.83
N ASN A 219 -1.67 50.09 -50.56
CA ASN A 219 -0.29 49.80 -50.18
C ASN A 219 -0.27 48.70 -49.14
N CYS A 220 0.80 47.91 -49.14
CA CYS A 220 0.99 46.83 -48.17
C CYS A 220 1.86 47.35 -47.03
N GLU A 221 1.24 47.59 -45.88
CA GLU A 221 1.91 48.14 -44.71
C GLU A 221 2.22 47.05 -43.70
N ASP A 222 3.07 47.39 -42.74
CA ASP A 222 3.39 46.47 -41.66
C ASP A 222 2.17 46.25 -40.77
N ILE A 223 2.14 45.08 -40.13
CA ILE A 223 1.05 44.75 -39.22
C ILE A 223 1.02 45.82 -38.13
N PRO A 224 -0.10 46.51 -37.91
CA PRO A 224 -0.06 47.71 -37.05
C PRO A 224 0.44 47.45 -35.65
N HIS A 225 0.07 46.33 -35.03
CA HIS A 225 0.47 46.04 -33.66
C HIS A 225 0.79 44.55 -33.54
N VAL A 226 1.99 44.25 -33.06
CA VAL A 226 2.46 42.88 -32.92
C VAL A 226 3.10 42.71 -31.54
N ASN A 227 3.15 41.45 -31.12
CA ASN A 227 3.89 41.07 -29.91
C ASN A 227 5.22 40.46 -30.35
N GLU A 228 6.32 41.05 -29.91
CA GLU A 228 7.66 40.63 -30.31
C GLU A 228 8.24 39.72 -29.24
N PHE A 229 8.60 38.50 -29.63
CA PHE A 229 9.22 37.54 -28.73
C PHE A 229 10.58 37.10 -29.28
N PRO A 230 11.58 36.90 -28.43
CA PRO A 230 12.83 36.32 -28.92
C PRO A 230 12.61 34.90 -29.42
N ALA A 231 13.30 34.55 -30.50
CA ALA A 231 13.20 33.23 -31.10
C ALA A 231 14.50 32.91 -31.81
N ILE A 232 15.11 31.79 -31.47
CA ILE A 232 16.45 31.49 -31.95
C ILE A 232 16.44 30.98 -33.39
N ASP A 233 15.30 30.55 -33.91
CA ASP A 233 15.23 30.05 -35.28
C ASP A 233 13.78 30.03 -35.71
N LEU A 234 13.55 29.64 -36.96
CA LEU A 234 12.19 29.58 -37.50
C LEU A 234 11.34 28.58 -36.71
N PHE A 235 11.94 27.45 -36.31
CA PHE A 235 11.18 26.42 -35.63
C PHE A 235 10.58 26.96 -34.32
N GLU A 236 11.38 27.67 -33.54
CA GLU A 236 10.88 28.18 -32.27
C GLU A 236 9.76 29.19 -32.49
N CYS A 237 9.89 30.03 -33.51
CA CYS A 237 8.84 30.99 -33.81
C CYS A 237 7.54 30.30 -34.17
N ASN A 238 7.62 29.22 -34.95
CA ASN A 238 6.42 28.43 -35.22
C ASN A 238 5.88 27.80 -33.94
N LYS A 239 6.77 27.32 -33.07
CA LYS A 239 6.33 26.74 -31.80
C LYS A 239 5.65 27.80 -30.93
N LEU A 240 6.19 29.01 -30.90
CA LEU A 240 5.55 30.10 -30.16
C LEU A 240 4.18 30.42 -30.75
N VAL A 241 4.10 30.50 -32.08
CA VAL A 241 2.82 30.83 -32.72
C VAL A 241 1.79 29.75 -32.42
N PHE A 242 2.21 28.49 -32.46
CA PHE A 242 1.30 27.39 -32.12
C PHE A 242 0.81 27.51 -30.70
N GLU A 243 1.71 27.85 -29.76
CA GLU A 243 1.32 27.96 -28.36
C GLU A 243 0.28 29.06 -28.16
N LEU A 244 0.46 30.19 -28.82
CA LEU A 244 -0.45 31.33 -28.68
C LEU A 244 -1.59 31.30 -29.68
N SER A 245 -1.67 30.28 -30.53
CA SER A 245 -2.69 30.22 -31.56
C SER A 245 -4.06 29.98 -30.95
N ALA A 246 -5.08 30.03 -31.81
CA ALA A 246 -6.44 29.78 -31.37
C ALA A 246 -6.55 28.37 -30.80
N SER A 247 -7.27 28.26 -29.67
CA SER A 247 -7.56 26.98 -29.07
C SER A 247 -9.02 26.96 -28.63
N ASP A 248 -9.59 25.76 -28.60
CA ASP A 248 -10.97 25.57 -28.17
C ASP A 248 -11.06 25.05 -26.73
N GLN A 249 -10.03 25.30 -25.92
CA GLN A 249 -9.99 24.84 -24.54
C GLN A 249 -9.19 25.85 -23.73
N PRO A 250 -9.62 26.18 -22.50
CA PRO A 250 -8.84 27.11 -21.68
C PRO A 250 -7.46 26.57 -21.33
N LYS A 251 -6.66 27.39 -20.65
CA LYS A 251 -5.33 26.98 -20.21
C LYS A 251 -4.48 26.53 -21.39
N ASP A 288 -19.51 25.85 -26.17
CA ASP A 288 -19.46 26.81 -27.26
C ASP A 288 -18.80 28.12 -26.81
N ARG A 289 -18.63 28.27 -25.50
CA ARG A 289 -17.98 29.46 -24.98
C ARG A 289 -16.49 29.45 -25.31
N TYR A 290 -15.86 28.28 -25.28
CA TYR A 290 -14.42 28.17 -25.52
C TYR A 290 -14.06 28.02 -26.99
N LYS A 291 -15.03 27.76 -27.86
CA LYS A 291 -14.73 27.52 -29.26
C LYS A 291 -14.17 28.78 -29.90
N SER A 292 -12.95 28.70 -30.41
CA SER A 292 -12.29 29.86 -31.02
C SER A 292 -12.81 30.14 -32.42
N HIS A 293 -13.18 29.11 -33.17
CA HIS A 293 -13.58 29.26 -34.57
C HIS A 293 -12.45 29.82 -35.43
N GLY A 294 -11.20 29.56 -35.03
CA GLY A 294 -10.05 30.03 -35.76
C GLY A 294 -9.53 31.40 -35.35
N LYS A 295 -10.21 32.09 -34.44
CA LYS A 295 -9.73 33.38 -33.97
C LYS A 295 -8.60 33.19 -32.97
N GLY A 296 -7.47 33.83 -33.24
CA GLY A 296 -6.34 33.73 -32.35
C GLY A 296 -5.08 34.30 -32.98
N TYR A 297 -3.98 34.16 -32.24
CA TYR A 297 -2.67 34.59 -32.71
C TYR A 297 -2.07 33.49 -33.58
N ASN A 298 -2.60 33.38 -34.80
CA ASN A 298 -2.29 32.28 -35.70
C ASN A 298 -1.16 32.60 -36.68
N TRP A 299 -0.60 33.80 -36.64
CA TRP A 299 0.40 34.22 -37.62
C TRP A 299 1.60 34.82 -36.91
N GLY A 300 2.77 34.64 -37.52
CA GLY A 300 4.00 35.23 -37.01
C GLY A 300 4.96 35.60 -38.11
N ASN A 301 5.64 36.73 -37.95
CA ASN A 301 6.72 37.16 -38.83
C ASN A 301 8.03 36.96 -38.08
N TYR A 302 8.85 36.02 -38.54
CA TYR A 302 10.12 35.73 -37.88
C TYR A 302 11.24 36.51 -38.57
N ASN A 303 11.88 37.39 -37.82
CA ASN A 303 13.06 38.11 -38.30
C ASN A 303 14.30 37.29 -37.97
N THR A 304 14.93 36.71 -39.00
CA THR A 304 16.08 35.85 -38.78
C THR A 304 17.27 36.65 -38.24
N GLU A 305 17.49 37.86 -38.75
CA GLU A 305 18.65 38.64 -38.32
C GLU A 305 18.54 39.05 -36.86
N THR A 306 17.40 39.63 -36.47
CA THR A 306 17.21 40.07 -35.09
C THR A 306 16.73 38.97 -34.17
N GLN A 307 16.41 37.79 -34.71
CA GLN A 307 15.92 36.67 -33.91
C GLN A 307 14.68 37.08 -33.10
N LYS A 308 13.73 37.70 -33.79
CA LYS A 308 12.47 38.11 -33.20
C LYS A 308 11.31 37.41 -33.90
N CYS A 309 10.28 37.10 -33.13
CA CYS A 309 9.09 36.40 -33.62
C CYS A 309 7.90 37.31 -33.37
N GLU A 310 7.44 37.99 -34.41
CA GLU A 310 6.38 38.99 -34.30
C GLU A 310 5.03 38.30 -34.53
N ILE A 311 4.27 38.13 -33.45
CA ILE A 311 3.03 37.38 -33.46
C ILE A 311 1.86 38.35 -33.40
N PHE A 312 0.85 38.10 -34.23
CA PHE A 312 -0.33 38.97 -34.29
C PHE A 312 -1.59 38.11 -34.47
N ASN A 313 -2.73 38.74 -34.16
CA ASN A 313 -4.02 38.06 -34.15
C ASN A 313 -4.98 38.60 -35.22
N VAL A 314 -4.44 39.20 -36.28
CA VAL A 314 -5.25 39.76 -37.36
C VAL A 314 -4.84 39.07 -38.65
N LYS A 315 -5.82 38.65 -39.44
CA LYS A 315 -5.53 37.90 -40.66
C LYS A 315 -4.74 38.79 -41.62
N PRO A 316 -3.58 38.35 -42.10
CA PRO A 316 -2.83 39.17 -43.06
C PRO A 316 -3.50 39.14 -44.43
N THR A 317 -3.28 40.23 -45.19
CA THR A 317 -3.91 40.38 -46.49
C THR A 317 -2.92 40.74 -47.59
N CYS A 318 -1.62 40.75 -47.31
CA CYS A 318 -0.62 41.00 -48.34
C CYS A 318 0.74 40.58 -47.80
N LEU A 319 1.70 40.47 -48.71
CA LEU A 319 3.06 40.08 -48.38
C LEU A 319 4.04 41.22 -48.65
N ILE A 320 5.11 41.25 -47.88
CA ILE A 320 6.19 42.21 -48.03
C ILE A 320 7.49 41.44 -48.26
N ASN A 321 8.34 41.96 -49.14
CA ASN A 321 9.59 41.30 -49.49
C ASN A 321 10.71 41.85 -48.62
N ASN A 322 11.06 41.10 -47.57
CA ASN A 322 12.23 41.39 -46.75
C ASN A 322 13.03 40.12 -46.62
N ALA A 323 14.28 40.16 -47.10
CA ALA A 323 15.11 38.96 -47.13
C ALA A 323 15.45 38.43 -45.75
N ALA A 324 15.23 39.22 -44.70
CA ALA A 324 15.52 38.81 -43.34
C ALA A 324 14.32 38.19 -42.62
N TYR A 325 13.19 38.04 -43.31
CA TYR A 325 11.94 37.62 -42.67
C TYR A 325 11.43 36.32 -43.29
N ILE A 326 10.80 35.50 -42.45
CA ILE A 326 10.07 34.32 -42.87
C ILE A 326 8.67 34.39 -42.28
N ALA A 327 7.66 34.21 -43.13
CA ALA A 327 6.27 34.28 -42.71
C ALA A 327 5.77 32.89 -42.36
N THR A 328 5.28 32.74 -41.12
CA THR A 328 4.83 31.44 -40.62
C THR A 328 3.46 31.57 -39.97
N THR A 329 2.71 30.48 -40.02
CA THR A 329 1.40 30.39 -39.39
C THR A 329 1.39 29.19 -38.44
N ALA A 330 0.38 29.17 -37.56
CA ALA A 330 0.28 28.09 -36.59
C ALA A 330 0.06 26.75 -37.28
N LEU A 331 -0.62 26.74 -38.43
CA LEU A 331 -0.83 25.51 -39.18
C LEU A 331 0.38 25.12 -40.02
N SER A 332 1.30 26.05 -40.28
CA SER A 332 2.40 25.79 -41.18
C SER A 332 3.37 24.78 -40.59
N HIS A 333 4.04 24.04 -41.47
CA HIS A 333 5.08 23.11 -41.04
C HIS A 333 6.22 23.90 -40.41
N PRO A 334 6.72 23.49 -39.24
CA PRO A 334 7.70 24.31 -38.51
C PRO A 334 9.05 24.45 -39.22
N ILE A 335 9.32 23.67 -40.26
CA ILE A 335 10.62 23.63 -40.90
C ILE A 335 10.56 23.94 -42.39
N GLU A 336 9.60 23.34 -43.10
CA GLU A 336 9.57 23.45 -44.55
C GLU A 336 9.43 24.89 -45.00
N VAL A 337 10.02 25.19 -46.16
CA VAL A 337 10.07 26.54 -46.70
C VAL A 337 9.94 26.46 -48.21
N GLU A 338 9.40 27.52 -48.81
CA GLU A 338 9.39 27.66 -50.28
C GLU A 338 9.69 29.09 -50.69
N ASN B 8 -8.97 -69.31 10.80
CA ASN B 8 -9.72 -68.11 11.12
C ASN B 8 -10.93 -67.96 10.19
N PRO B 9 -12.15 -68.18 10.71
CA PRO B 9 -13.34 -68.02 9.85
C PRO B 9 -13.60 -66.60 9.40
N TRP B 10 -12.94 -65.60 10.00
CA TRP B 10 -13.13 -64.21 9.63
C TRP B 10 -12.13 -63.75 8.55
N THR B 11 -11.36 -64.67 7.97
CA THR B 11 -10.30 -64.28 7.05
C THR B 11 -10.86 -63.45 5.89
N GLU B 12 -11.98 -63.89 5.31
CA GLU B 12 -12.49 -63.25 4.11
C GLU B 12 -13.45 -62.11 4.42
N TYR B 13 -14.15 -62.15 5.55
CA TYR B 13 -14.95 -61.00 5.96
C TYR B 13 -14.06 -59.81 6.27
N MET B 14 -12.92 -60.05 6.91
CA MET B 14 -12.05 -59.01 7.43
C MET B 14 -10.93 -58.63 6.46
N ALA B 15 -10.95 -59.17 5.24
CA ALA B 15 -9.90 -58.81 4.28
C ALA B 15 -9.98 -57.34 3.90
N LYS B 16 -11.19 -56.80 3.77
CA LYS B 16 -11.35 -55.41 3.37
C LYS B 16 -10.88 -54.44 4.44
N TYR B 17 -10.72 -54.89 5.68
CA TYR B 17 -10.26 -54.03 6.76
C TYR B 17 -8.76 -54.09 6.97
N ASP B 18 -8.04 -54.88 6.18
CA ASP B 18 -6.58 -54.85 6.17
C ASP B 18 -6.15 -53.73 5.23
N ILE B 19 -6.16 -52.51 5.79
CA ILE B 19 -5.99 -51.31 4.96
C ILE B 19 -4.60 -51.26 4.33
N GLU B 20 -3.58 -51.76 5.02
CA GLU B 20 -2.24 -51.74 4.45
C GLU B 20 -2.19 -52.42 3.09
N GLU B 21 -3.04 -53.43 2.88
CA GLU B 21 -3.06 -54.17 1.62
C GLU B 21 -4.05 -53.55 0.62
N VAL B 22 -5.31 -53.44 1.01
CA VAL B 22 -6.34 -52.99 0.08
C VAL B 22 -6.09 -51.54 -0.34
N HIS B 23 -5.73 -50.67 0.60
CA HIS B 23 -5.54 -49.25 0.32
C HIS B 23 -4.08 -48.94 0.00
N GLY B 24 -3.18 -49.21 0.95
CA GLY B 24 -1.75 -49.15 0.72
C GLY B 24 -1.15 -47.76 0.69
N SER B 25 -1.88 -46.73 1.11
CA SER B 25 -1.34 -45.39 1.13
C SER B 25 -2.00 -44.59 2.25
N GLY B 26 -1.62 -43.33 2.37
CA GLY B 26 -2.22 -42.47 3.37
C GLY B 26 -3.68 -42.21 3.09
N ILE B 27 -4.45 -42.05 4.17
CA ILE B 27 -5.88 -41.80 4.08
C ILE B 27 -6.14 -40.32 4.28
N ARG B 28 -5.69 -39.77 5.41
CA ARG B 28 -5.88 -38.34 5.66
C ARG B 28 -5.19 -37.50 4.60
N VAL B 29 -3.90 -37.78 4.35
CA VAL B 29 -3.16 -37.17 3.25
C VAL B 29 -2.56 -38.31 2.44
N ASP B 30 -2.95 -38.39 1.16
CA ASP B 30 -2.56 -39.49 0.28
C ASP B 30 -1.52 -38.95 -0.70
N LEU B 31 -0.26 -39.29 -0.46
CA LEU B 31 0.85 -38.93 -1.35
C LEU B 31 1.81 -40.11 -1.48
N GLY B 32 1.26 -41.30 -1.67
CA GLY B 32 2.05 -42.52 -1.63
C GLY B 32 2.92 -42.79 -2.84
N GLU B 33 2.78 -42.01 -3.91
CA GLU B 33 3.54 -42.22 -5.13
C GLU B 33 4.07 -40.89 -5.65
N ASP B 34 4.95 -40.99 -6.65
CA ASP B 34 5.55 -39.83 -7.29
C ASP B 34 5.52 -40.02 -8.79
N ALA B 35 5.50 -38.90 -9.52
CA ALA B 35 5.45 -38.93 -10.97
C ALA B 35 6.11 -37.67 -11.51
N GLU B 36 6.64 -37.78 -12.73
CA GLU B 36 7.33 -36.69 -13.40
C GLU B 36 6.38 -35.96 -14.33
N VAL B 37 6.35 -34.64 -14.20
CA VAL B 37 5.60 -33.77 -15.11
C VAL B 37 6.54 -32.65 -15.55
N ALA B 38 6.79 -32.57 -16.86
CA ALA B 38 7.66 -31.54 -17.41
C ALA B 38 9.01 -31.51 -16.70
N GLY B 39 9.56 -32.70 -16.44
CA GLY B 39 10.86 -32.81 -15.83
C GLY B 39 10.83 -32.95 -14.32
N THR B 40 10.28 -31.96 -13.64
CA THR B 40 10.23 -31.98 -12.18
C THR B 40 9.05 -32.82 -11.71
N GLN B 41 9.30 -33.73 -10.78
CA GLN B 41 8.30 -34.67 -10.30
C GLN B 41 7.71 -34.18 -8.98
N TYR B 42 6.40 -34.33 -8.84
CA TYR B 42 5.66 -33.94 -7.64
C TYR B 42 5.06 -35.18 -6.99
N ARG B 43 4.43 -34.98 -5.84
CA ARG B 43 3.78 -36.06 -5.12
C ARG B 43 2.36 -36.26 -5.63
N LEU B 44 1.80 -37.42 -5.30
CA LEU B 44 0.62 -37.91 -6.01
C LEU B 44 -0.17 -38.89 -5.15
N PRO B 45 -1.48 -38.68 -4.99
CA PRO B 45 -2.30 -39.68 -4.30
C PRO B 45 -2.25 -41.02 -5.01
N SER B 46 -2.21 -42.10 -4.23
CA SER B 46 -2.10 -43.44 -4.79
C SER B 46 -2.98 -44.46 -4.07
N GLY B 47 -3.80 -44.03 -3.12
CA GLY B 47 -4.63 -44.98 -2.39
C GLY B 47 -5.57 -45.72 -3.33
N LYS B 48 -5.74 -47.02 -3.07
CA LYS B 48 -6.54 -47.88 -3.91
C LYS B 48 -8.01 -47.95 -3.51
N CYS B 49 -8.38 -47.38 -2.35
CA CYS B 49 -9.77 -47.37 -1.90
C CYS B 49 -10.30 -45.94 -1.88
N PRO B 50 -11.57 -45.74 -2.19
CA PRO B 50 -12.17 -44.41 -2.02
C PRO B 50 -12.22 -44.03 -0.55
N VAL B 51 -12.08 -42.73 -0.29
CA VAL B 51 -12.14 -42.20 1.06
C VAL B 51 -13.45 -41.44 1.24
N PHE B 52 -14.47 -42.13 1.74
CA PHE B 52 -15.79 -41.52 1.88
C PHE B 52 -15.78 -40.44 2.95
N GLY B 53 -16.46 -39.33 2.66
CA GLY B 53 -16.59 -38.25 3.60
C GLY B 53 -15.43 -37.28 3.65
N LYS B 54 -14.40 -37.48 2.83
CA LYS B 54 -13.21 -36.64 2.88
C LYS B 54 -13.36 -35.44 1.95
N GLY B 55 -12.90 -34.29 2.44
CA GLY B 55 -12.85 -33.07 1.65
C GLY B 55 -11.79 -32.16 2.21
N ILE B 56 -11.43 -31.16 1.41
CA ILE B 56 -10.38 -30.21 1.76
C ILE B 56 -11.06 -28.90 2.13
N ILE B 57 -10.79 -28.41 3.33
CA ILE B 57 -11.41 -27.20 3.85
C ILE B 57 -10.41 -26.05 3.67
N ILE B 58 -10.69 -25.17 2.71
CA ILE B 58 -9.93 -23.94 2.58
C ILE B 58 -10.24 -23.03 3.76
N GLU B 59 -9.20 -22.46 4.37
CA GLU B 59 -9.37 -21.62 5.54
C GLU B 59 -8.82 -20.21 5.35
N ASN B 60 -8.45 -19.84 4.13
CA ASN B 60 -8.00 -18.49 3.81
C ASN B 60 -8.99 -17.72 2.96
N SER B 61 -10.08 -18.33 2.54
CA SER B 61 -11.06 -17.65 1.69
C SER B 61 -12.39 -18.36 1.81
N ASN B 62 -13.45 -17.68 1.36
CA ASN B 62 -14.78 -18.28 1.31
C ASN B 62 -14.92 -19.26 0.16
N THR B 63 -13.86 -19.50 -0.60
CA THR B 63 -13.93 -20.38 -1.75
C THR B 63 -14.05 -21.84 -1.31
N ALA B 64 -14.85 -22.60 -2.06
CA ALA B 64 -14.99 -24.03 -1.83
C ALA B 64 -13.95 -24.78 -2.66
N PHE B 65 -13.38 -25.84 -2.07
CA PHE B 65 -12.25 -26.51 -2.69
C PHE B 65 -12.63 -27.22 -3.99
N LEU B 66 -13.91 -27.40 -4.27
CA LEU B 66 -14.34 -27.96 -5.55
C LEU B 66 -14.54 -26.90 -6.62
N THR B 67 -14.33 -25.62 -6.29
CA THR B 67 -14.39 -24.59 -7.31
C THR B 67 -13.22 -24.73 -8.28
N PRO B 68 -13.42 -24.45 -9.56
CA PRO B 68 -12.29 -24.52 -10.50
C PRO B 68 -11.18 -23.56 -10.11
N VAL B 69 -9.94 -24.00 -10.36
CA VAL B 69 -8.79 -23.16 -10.06
C VAL B 69 -8.89 -21.84 -10.85
N ALA B 70 -8.22 -20.82 -10.32
CA ALA B 70 -8.22 -19.51 -10.97
C ALA B 70 -7.43 -19.57 -12.28
N THR B 71 -7.96 -18.89 -13.29
CA THR B 71 -7.32 -18.86 -14.61
C THR B 71 -6.79 -17.46 -14.91
N LEU B 76 -5.44 -16.38 -7.26
CA LEU B 76 -5.54 -17.71 -6.66
C LEU B 76 -6.63 -17.75 -5.59
N LYS B 77 -6.77 -16.65 -4.86
CA LYS B 77 -7.68 -16.61 -3.71
C LYS B 77 -9.14 -16.85 -4.11
N ASP B 78 -9.50 -16.59 -5.35
CA ASP B 78 -10.88 -16.73 -5.81
C ASP B 78 -11.10 -18.01 -6.60
N GLY B 79 -10.26 -19.01 -6.41
CA GLY B 79 -10.43 -20.29 -7.08
C GLY B 79 -10.13 -21.44 -6.15
N GLY B 80 -10.70 -22.60 -6.48
CA GLY B 80 -10.54 -23.80 -5.70
C GLY B 80 -9.43 -24.68 -6.22
N PHE B 81 -9.50 -25.96 -5.86
CA PHE B 81 -8.54 -26.96 -6.28
C PHE B 81 -9.01 -27.76 -7.49
N ALA B 82 -10.18 -27.46 -8.04
CA ALA B 82 -10.77 -28.28 -9.09
C ALA B 82 -10.16 -27.94 -10.45
N PHE B 83 -10.59 -28.68 -11.46
CA PHE B 83 -10.03 -28.55 -12.80
C PHE B 83 -10.49 -27.25 -13.45
N PRO B 84 -9.64 -26.61 -14.26
CA PRO B 84 -10.03 -25.37 -14.93
C PRO B 84 -11.03 -25.64 -16.04
N PRO B 85 -11.73 -24.62 -16.52
CA PRO B 85 -12.66 -24.81 -17.64
C PRO B 85 -11.94 -25.35 -18.87
N THR B 86 -12.61 -26.25 -19.58
CA THR B 86 -12.05 -26.87 -20.78
C THR B 86 -13.13 -26.94 -21.86
N GLU B 87 -12.67 -27.02 -23.11
CA GLU B 87 -13.56 -27.11 -24.27
C GLU B 87 -13.11 -28.27 -25.14
N PRO B 88 -13.84 -29.39 -25.18
CA PRO B 88 -15.10 -29.68 -24.48
C PRO B 88 -14.92 -29.76 -22.97
N LEU B 89 -15.96 -29.49 -22.20
CA LEU B 89 -15.83 -29.50 -20.74
C LEU B 89 -15.60 -30.92 -20.25
N MET B 90 -14.54 -31.10 -19.45
CA MET B 90 -14.20 -32.40 -18.88
C MET B 90 -14.51 -32.49 -17.40
N SER B 91 -14.45 -31.37 -16.67
CA SER B 91 -14.74 -31.34 -15.25
C SER B 91 -15.38 -30.00 -14.92
N PRO B 92 -16.48 -29.99 -14.15
CA PRO B 92 -17.20 -31.15 -13.59
C PRO B 92 -18.01 -31.86 -14.68
N MET B 93 -18.19 -33.16 -14.55
CA MET B 93 -18.98 -33.94 -15.50
C MET B 93 -19.88 -34.88 -14.73
N THR B 94 -21.18 -34.87 -15.05
CA THR B 94 -22.12 -35.72 -14.33
C THR B 94 -21.90 -37.19 -14.71
N LEU B 95 -22.54 -38.07 -13.93
CA LEU B 95 -22.45 -39.49 -14.23
C LEU B 95 -23.04 -39.79 -15.61
N ASP B 96 -24.18 -39.18 -15.93
CA ASP B 96 -24.78 -39.37 -17.23
C ASP B 96 -23.91 -38.79 -18.34
N GLU B 97 -23.28 -37.64 -18.07
CA GLU B 97 -22.38 -37.05 -19.05
C GLU B 97 -21.17 -37.94 -19.30
N MET B 98 -20.62 -38.54 -18.24
CA MET B 98 -19.45 -39.41 -18.38
C MET B 98 -19.77 -40.64 -19.20
N ARG B 99 -20.95 -41.23 -18.99
CA ARG B 99 -21.29 -42.47 -19.69
C ARG B 99 -21.40 -42.25 -21.19
N HIS B 100 -21.92 -41.09 -21.60
CA HIS B 100 -22.02 -40.79 -23.03
C HIS B 100 -20.68 -40.37 -23.62
N PHE B 101 -19.83 -39.70 -22.84
CA PHE B 101 -18.51 -39.35 -23.33
C PHE B 101 -17.68 -40.59 -23.61
N TYR B 102 -17.86 -41.65 -22.81
CA TYR B 102 -17.19 -42.93 -23.01
C TYR B 102 -18.17 -43.98 -23.52
N LYS B 103 -19.12 -43.54 -24.36
CA LYS B 103 -20.13 -44.47 -24.88
C LYS B 103 -19.50 -45.57 -25.71
N ASP B 104 -18.46 -45.25 -26.49
CA ASP B 104 -17.85 -46.25 -27.36
C ASP B 104 -17.28 -47.41 -26.55
N ASN B 105 -16.62 -47.12 -25.44
CA ASN B 105 -16.04 -48.17 -24.62
C ASN B 105 -17.13 -49.05 -24.01
N LYS B 106 -16.86 -50.36 -23.95
CA LYS B 106 -17.83 -51.34 -23.49
C LYS B 106 -17.73 -51.60 -21.99
N TYR B 107 -16.54 -51.93 -21.50
CA TYR B 107 -16.38 -52.19 -20.07
C TYR B 107 -16.63 -50.93 -19.26
N VAL B 108 -16.18 -49.78 -19.76
CA VAL B 108 -16.39 -48.52 -19.06
C VAL B 108 -17.85 -48.09 -19.05
N LYS B 109 -18.70 -48.70 -19.87
CA LYS B 109 -20.12 -48.37 -19.85
C LYS B 109 -20.75 -48.69 -18.50
N ASN B 110 -20.38 -49.83 -17.91
CA ASN B 110 -21.03 -50.35 -16.71
C ASN B 110 -20.18 -50.18 -15.45
N LEU B 111 -19.07 -49.44 -15.53
CA LEU B 111 -18.28 -49.19 -14.33
C LEU B 111 -19.08 -48.36 -13.33
N ASP B 112 -18.86 -48.62 -12.05
CA ASP B 112 -19.50 -47.80 -11.02
C ASP B 112 -19.01 -46.36 -11.13
N GLU B 113 -19.78 -45.44 -10.53
CA GLU B 113 -19.48 -44.03 -10.68
C GLU B 113 -18.12 -43.67 -10.09
N LEU B 114 -17.77 -44.23 -8.94
CA LEU B 114 -16.51 -43.85 -8.30
C LEU B 114 -15.31 -44.25 -9.15
N THR B 115 -15.29 -45.50 -9.61
CA THR B 115 -14.20 -45.94 -10.48
C THR B 115 -14.21 -45.19 -11.81
N LEU B 116 -15.41 -44.96 -12.36
CA LEU B 116 -15.51 -44.23 -13.62
C LEU B 116 -14.96 -42.81 -13.46
N CYS B 117 -15.30 -42.15 -12.35
CA CYS B 117 -14.79 -40.80 -12.11
C CYS B 117 -13.26 -40.82 -11.98
N SER B 118 -12.72 -41.82 -11.29
CA SER B 118 -11.27 -41.93 -11.17
C SER B 118 -10.62 -42.10 -12.53
N ARG B 119 -11.12 -43.04 -13.33
CA ARG B 119 -10.54 -43.29 -14.64
C ARG B 119 -10.70 -42.08 -15.56
N HIS B 120 -11.80 -41.35 -15.44
CA HIS B 120 -11.98 -40.14 -16.22
C HIS B 120 -10.89 -39.12 -15.90
N ALA B 121 -10.57 -38.96 -14.61
CA ALA B 121 -9.51 -38.04 -14.22
C ALA B 121 -8.14 -38.55 -14.65
N GLY B 122 -7.96 -39.87 -14.73
CA GLY B 122 -6.69 -40.43 -15.14
C GLY B 122 -6.37 -40.22 -16.60
N ASN B 123 -7.37 -39.98 -17.43
CA ASN B 123 -7.17 -39.78 -18.86
C ASN B 123 -6.84 -38.34 -19.22
N MET B 124 -6.76 -37.44 -18.24
CA MET B 124 -6.43 -36.05 -18.50
C MET B 124 -4.93 -35.88 -18.59
N ILE B 125 -4.45 -35.33 -19.71
CA ILE B 125 -3.02 -35.15 -19.94
C ILE B 125 -2.51 -34.04 -19.01
N PRO B 126 -1.50 -34.30 -18.16
CA PRO B 126 -1.02 -33.26 -17.24
C PRO B 126 -0.11 -32.28 -17.97
N ASP B 127 -0.60 -31.05 -18.16
CA ASP B 127 0.19 -29.99 -18.76
C ASP B 127 0.77 -30.43 -20.11
N ASN B 128 -0.04 -31.14 -20.89
CA ASN B 128 0.35 -31.60 -22.23
C ASN B 128 1.67 -32.37 -22.18
N ASP B 129 1.78 -33.29 -21.22
CA ASP B 129 2.91 -34.19 -21.10
C ASP B 129 2.39 -35.61 -21.29
N LYS B 130 2.44 -36.10 -22.53
CA LYS B 130 1.92 -37.42 -22.84
C LYS B 130 2.77 -38.54 -22.23
N ASN B 131 3.97 -38.23 -21.77
CA ASN B 131 4.87 -39.23 -21.19
C ASN B 131 4.87 -39.21 -19.67
N SER B 132 3.93 -38.51 -19.05
CA SER B 132 3.90 -38.37 -17.60
C SER B 132 3.04 -39.47 -16.98
N ASN B 133 3.55 -40.08 -15.91
CA ASN B 133 2.76 -41.01 -15.13
C ASN B 133 1.69 -40.30 -14.30
N TYR B 134 1.77 -38.99 -14.19
CA TYR B 134 0.86 -38.25 -13.31
C TYR B 134 -0.59 -38.44 -13.75
N LYS B 135 -1.46 -38.75 -12.78
CA LYS B 135 -2.88 -38.87 -13.02
C LYS B 135 -3.61 -38.10 -11.94
N TYR B 136 -4.40 -37.11 -12.33
CA TYR B 136 -5.02 -36.21 -11.38
C TYR B 136 -5.99 -36.98 -10.48
N PRO B 137 -6.03 -36.70 -9.18
CA PRO B 137 -7.09 -37.25 -8.34
C PRO B 137 -8.42 -36.56 -8.61
N ALA B 138 -9.49 -37.20 -8.15
CA ALA B 138 -10.83 -36.71 -8.40
C ALA B 138 -11.68 -36.85 -7.15
N VAL B 139 -12.75 -36.06 -7.12
CA VAL B 139 -13.77 -36.12 -6.07
C VAL B 139 -15.12 -36.30 -6.75
N TYR B 140 -15.87 -37.31 -6.31
CA TYR B 140 -17.20 -37.59 -6.85
C TYR B 140 -18.24 -37.14 -5.83
N ASP B 141 -19.24 -36.40 -6.30
CA ASP B 141 -20.30 -35.85 -5.45
C ASP B 141 -21.58 -36.64 -5.73
N ASP B 142 -21.93 -37.53 -4.80
CA ASP B 142 -23.11 -38.38 -5.00
C ASP B 142 -24.40 -37.59 -4.94
N LYS B 143 -24.38 -36.40 -4.34
CA LYS B 143 -25.60 -35.57 -4.32
C LYS B 143 -25.95 -35.08 -5.71
N ASP B 144 -25.01 -34.39 -6.37
CA ASP B 144 -25.20 -33.92 -7.72
C ASP B 144 -24.81 -34.96 -8.77
N LYS B 145 -24.22 -36.09 -8.36
CA LYS B 145 -23.80 -37.14 -9.28
C LYS B 145 -22.77 -36.60 -10.28
N LYS B 146 -21.84 -35.79 -9.79
CA LYS B 146 -20.85 -35.11 -10.63
C LYS B 146 -19.44 -35.50 -10.22
N CYS B 147 -18.61 -35.76 -11.22
CA CYS B 147 -17.19 -36.04 -11.01
C CYS B 147 -16.41 -34.74 -11.07
N HIS B 148 -15.58 -34.49 -10.05
CA HIS B 148 -14.79 -33.27 -9.94
C HIS B 148 -13.31 -33.65 -10.02
N ILE B 149 -12.68 -33.40 -11.17
CA ILE B 149 -11.26 -33.63 -11.31
C ILE B 149 -10.50 -32.55 -10.56
N LEU B 150 -9.56 -32.97 -9.70
CA LEU B 150 -8.77 -32.04 -8.91
C LEU B 150 -7.46 -31.76 -9.63
N TYR B 151 -7.25 -30.49 -10.01
CA TYR B 151 -5.97 -30.10 -10.59
C TYR B 151 -4.89 -30.02 -9.53
N ILE B 152 -5.26 -29.67 -8.30
CA ILE B 152 -4.33 -29.56 -7.19
C ILE B 152 -4.47 -30.82 -6.34
N ALA B 153 -3.46 -31.68 -6.38
CA ALA B 153 -3.44 -32.89 -5.56
C ALA B 153 -3.03 -32.61 -4.13
N ALA B 154 -2.47 -31.44 -3.84
CA ALA B 154 -2.09 -31.10 -2.47
C ALA B 154 -3.32 -31.11 -1.58
N GLN B 155 -3.16 -31.65 -0.38
CA GLN B 155 -4.27 -31.85 0.54
C GLN B 155 -4.17 -31.04 1.83
N GLU B 156 -2.96 -30.76 2.33
CA GLU B 156 -2.82 -30.02 3.57
C GLU B 156 -1.71 -29.00 3.44
N ASN B 157 -2.03 -27.73 3.74
CA ASN B 157 -0.99 -26.72 3.98
C ASN B 157 -1.52 -25.81 5.08
N ASN B 158 -1.24 -26.17 6.33
CA ASN B 158 -1.63 -25.37 7.50
C ASN B 158 -0.48 -25.45 8.50
N GLY B 159 0.48 -24.54 8.37
CA GLY B 159 1.60 -24.46 9.28
C GLY B 159 1.66 -23.11 9.96
N PRO B 160 2.20 -23.06 11.18
CA PRO B 160 1.99 -21.86 12.00
C PRO B 160 2.74 -20.63 11.52
N ARG B 161 3.95 -20.79 10.96
CA ARG B 161 4.65 -19.66 10.36
C ARG B 161 3.75 -18.93 9.36
N TYR B 162 3.37 -19.64 8.30
CA TYR B 162 2.72 -19.05 7.15
C TYR B 162 1.21 -19.03 7.23
N CYS B 163 0.63 -19.85 8.12
CA CYS B 163 -0.83 -19.94 8.28
C CYS B 163 -1.14 -19.80 9.76
N ASN B 164 -1.58 -18.61 10.17
CA ASN B 164 -1.94 -18.36 11.56
C ASN B 164 -2.93 -17.20 11.66
N PHE B 174 -2.64 -20.17 -0.27
CA PHE B 174 -3.75 -20.76 0.46
C PHE B 174 -3.30 -21.42 1.76
N CYS B 175 -4.27 -21.68 2.64
CA CYS B 175 -4.04 -22.44 3.87
C CYS B 175 -5.24 -23.38 4.02
N PHE B 176 -5.00 -24.68 3.88
CA PHE B 176 -6.06 -25.67 3.80
C PHE B 176 -5.70 -26.90 4.62
N ARG B 177 -6.70 -27.76 4.85
CA ARG B 177 -6.52 -28.97 5.64
C ARG B 177 -7.50 -30.03 5.21
N PRO B 178 -7.12 -31.30 5.20
CA PRO B 178 -8.11 -32.37 5.00
C PRO B 178 -8.97 -32.56 6.24
N ALA B 179 -10.19 -33.03 6.03
CA ALA B 179 -11.09 -33.25 7.15
C ALA B 179 -12.35 -33.95 6.65
N LYS B 180 -13.09 -34.52 7.59
CA LYS B 180 -14.40 -35.10 7.34
C LYS B 180 -15.46 -34.20 7.96
N ASP B 181 -16.41 -33.76 7.15
CA ASP B 181 -17.44 -32.83 7.60
C ASP B 181 -18.77 -33.24 6.98
N ILE B 182 -19.86 -32.89 7.67
CA ILE B 182 -21.18 -33.16 7.12
C ILE B 182 -21.34 -32.52 5.76
N SER B 183 -20.61 -31.42 5.52
CA SER B 183 -20.57 -30.84 4.19
C SER B 183 -20.03 -31.82 3.17
N PHE B 184 -19.10 -32.68 3.57
CA PHE B 184 -18.43 -33.61 2.68
C PHE B 184 -19.05 -35.00 2.73
N GLN B 185 -20.20 -35.16 3.40
CA GLN B 185 -20.75 -36.51 3.62
C GLN B 185 -21.02 -37.22 2.30
N ASN B 186 -21.34 -36.48 1.23
CA ASN B 186 -21.65 -37.07 -0.06
C ASN B 186 -20.44 -37.13 -0.98
N TYR B 187 -19.27 -36.71 -0.52
CA TYR B 187 -18.07 -36.72 -1.34
C TYR B 187 -17.30 -38.03 -1.16
N ALA B 188 -16.54 -38.38 -2.19
CA ALA B 188 -15.62 -39.51 -2.15
C ALA B 188 -14.31 -39.08 -2.80
N TYR B 189 -13.24 -39.07 -2.01
CA TYR B 189 -11.93 -38.64 -2.51
C TYR B 189 -11.27 -39.79 -3.25
N LEU B 190 -11.07 -39.61 -4.55
CA LEU B 190 -10.59 -40.67 -5.43
C LEU B 190 -9.16 -40.37 -5.88
N SER B 191 -8.30 -41.38 -5.81
CA SER B 191 -6.94 -41.29 -6.32
C SER B 191 -6.92 -41.78 -7.77
N LYS B 192 -5.73 -42.02 -8.30
CA LYS B 192 -5.61 -42.63 -9.62
C LYS B 192 -5.67 -44.15 -9.57
N ASN B 193 -5.49 -44.75 -8.40
CA ASN B 193 -5.33 -46.19 -8.27
C ASN B 193 -6.55 -46.87 -7.68
N VAL B 194 -7.67 -46.15 -7.54
CA VAL B 194 -8.89 -46.74 -7.02
C VAL B 194 -9.21 -47.99 -7.85
N VAL B 195 -9.27 -49.14 -7.20
CA VAL B 195 -9.56 -50.39 -7.90
C VAL B 195 -11.03 -50.45 -8.27
N ASP B 196 -11.31 -51.11 -9.40
CA ASP B 196 -12.68 -51.21 -9.90
C ASP B 196 -13.52 -52.22 -9.15
N ASN B 197 -12.92 -53.02 -8.27
CA ASN B 197 -13.66 -53.94 -7.41
C ASN B 197 -13.65 -53.47 -5.95
N TRP B 198 -13.54 -52.16 -5.75
CA TRP B 198 -13.47 -51.61 -4.39
C TRP B 198 -14.69 -52.00 -3.57
N GLU B 199 -15.84 -52.17 -4.22
CA GLU B 199 -17.06 -52.51 -3.49
C GLU B 199 -16.92 -53.80 -2.69
N LYS B 200 -16.00 -54.68 -3.09
CA LYS B 200 -15.79 -55.95 -2.41
C LYS B 200 -14.52 -56.00 -1.58
N VAL B 201 -13.55 -55.12 -1.85
CA VAL B 201 -12.25 -55.17 -1.18
C VAL B 201 -11.95 -53.92 -0.37
N CYS B 202 -12.88 -52.98 -0.28
CA CYS B 202 -12.65 -51.75 0.46
C CYS B 202 -13.77 -51.49 1.44
N PRO B 203 -13.48 -50.82 2.56
CA PRO B 203 -14.54 -50.50 3.53
C PRO B 203 -15.33 -49.28 3.08
N ARG B 204 -16.66 -49.40 3.10
CA ARG B 204 -17.55 -48.27 2.91
C ARG B 204 -18.45 -48.05 4.11
N LYS B 205 -19.18 -49.07 4.55
CA LYS B 205 -20.17 -48.94 5.61
C LYS B 205 -19.53 -49.16 6.97
N ASN B 206 -20.24 -48.73 8.00
CA ASN B 206 -19.88 -48.99 9.39
C ASN B 206 -20.73 -50.13 9.92
N LEU B 207 -20.11 -51.01 10.70
CA LEU B 207 -20.75 -52.23 11.15
C LEU B 207 -21.48 -51.97 12.47
N GLN B 208 -22.81 -52.14 12.44
CA GLN B 208 -23.62 -51.93 13.64
C GLN B 208 -23.64 -53.18 14.49
N ASN B 209 -23.70 -52.98 15.81
CA ASN B 209 -23.73 -54.08 16.77
C ASN B 209 -22.49 -54.97 16.65
N ALA B 210 -21.37 -54.40 16.24
CA ALA B 210 -20.14 -55.14 16.04
C ALA B 210 -18.96 -54.34 16.59
N LYS B 211 -17.91 -55.07 16.97
CA LYS B 211 -16.70 -54.45 17.50
C LYS B 211 -15.50 -55.18 16.93
N PHE B 212 -14.53 -54.39 16.45
CA PHE B 212 -13.28 -54.97 15.95
C PHE B 212 -12.50 -55.64 17.07
N GLY B 213 -11.83 -56.73 16.72
CA GLY B 213 -11.02 -57.46 17.68
C GLY B 213 -10.00 -58.33 16.98
N LEU B 214 -9.17 -59.00 17.78
CA LEU B 214 -8.15 -59.91 17.29
C LEU B 214 -8.59 -61.35 17.52
N TRP B 215 -7.87 -62.28 16.88
CA TRP B 215 -8.27 -63.68 16.82
C TRP B 215 -7.25 -64.58 17.50
N VAL B 216 -6.83 -64.21 18.72
CA VAL B 216 -5.81 -64.97 19.43
C VAL B 216 -6.39 -66.29 19.88
N ASP B 217 -5.80 -67.39 19.40
CA ASP B 217 -6.11 -68.75 19.87
C ASP B 217 -7.59 -69.10 19.67
N GLY B 218 -8.07 -68.90 18.45
CA GLY B 218 -9.39 -69.38 18.09
C GLY B 218 -10.56 -68.67 18.74
N ASN B 219 -10.31 -67.58 19.46
CA ASN B 219 -11.37 -66.78 20.05
C ASN B 219 -11.15 -65.32 19.67
N CYS B 220 -12.25 -64.60 19.44
CA CYS B 220 -12.16 -63.19 19.05
C CYS B 220 -12.01 -62.35 20.32
N GLU B 221 -10.81 -61.78 20.50
CA GLU B 221 -10.47 -61.02 21.69
C GLU B 221 -10.57 -59.53 21.42
N ASP B 222 -10.63 -58.75 22.50
CA ASP B 222 -10.65 -57.30 22.38
C ASP B 222 -9.25 -56.78 22.02
N ILE B 223 -9.22 -55.64 21.34
CA ILE B 223 -7.94 -55.06 20.95
C ILE B 223 -7.13 -54.75 22.20
N PRO B 224 -5.87 -55.21 22.31
CA PRO B 224 -5.16 -55.03 23.59
C PRO B 224 -4.95 -53.58 23.98
N HIS B 225 -4.43 -52.75 23.07
CA HIS B 225 -4.11 -51.36 23.35
C HIS B 225 -5.06 -50.47 22.55
N VAL B 226 -5.95 -49.76 23.26
CA VAL B 226 -6.91 -48.87 22.63
C VAL B 226 -6.84 -47.52 23.32
N ASN B 227 -6.79 -46.45 22.52
CA ASN B 227 -6.83 -45.09 23.04
C ASN B 227 -8.28 -44.63 23.07
N GLU B 228 -8.75 -44.26 24.24
CA GLU B 228 -10.17 -43.96 24.47
C GLU B 228 -10.37 -42.45 24.44
N PHE B 229 -11.02 -41.95 23.37
CA PHE B 229 -11.34 -40.54 23.24
C PHE B 229 -12.85 -40.34 23.37
N PRO B 230 -13.29 -39.15 23.80
CA PRO B 230 -14.73 -38.86 23.83
C PRO B 230 -15.24 -38.46 22.46
N ALA B 231 -16.42 -38.96 22.11
CA ALA B 231 -17.05 -38.66 20.83
C ALA B 231 -18.56 -38.74 20.98
N ILE B 232 -19.24 -37.69 20.52
CA ILE B 232 -20.68 -37.57 20.79
C ILE B 232 -21.51 -38.51 19.94
N ASP B 233 -21.02 -38.90 18.76
CA ASP B 233 -21.77 -39.80 17.90
C ASP B 233 -20.80 -40.50 16.95
N LEU B 234 -21.34 -41.40 16.12
CA LEU B 234 -20.52 -42.17 15.20
C LEU B 234 -19.76 -41.26 14.23
N PHE B 235 -20.38 -40.15 13.82
CA PHE B 235 -19.72 -39.26 12.87
C PHE B 235 -18.42 -38.72 13.44
N GLU B 236 -18.45 -38.27 14.70
CA GLU B 236 -17.25 -37.68 15.29
C GLU B 236 -16.14 -38.72 15.45
N CYS B 237 -16.50 -39.94 15.87
CA CYS B 237 -15.49 -40.99 16.00
C CYS B 237 -14.87 -41.29 14.64
N ASN B 238 -15.68 -41.37 13.59
CA ASN B 238 -15.13 -41.52 12.24
C ASN B 238 -14.26 -40.33 11.88
N LYS B 239 -14.73 -39.11 12.20
CA LYS B 239 -13.92 -37.93 11.94
C LYS B 239 -12.63 -37.94 12.77
N LEU B 240 -12.74 -38.35 14.03
CA LEU B 240 -11.55 -38.42 14.88
C LEU B 240 -10.57 -39.47 14.38
N VAL B 241 -11.08 -40.65 13.98
CA VAL B 241 -10.20 -41.69 13.46
C VAL B 241 -9.51 -41.22 12.18
N PHE B 242 -10.24 -40.49 11.34
CA PHE B 242 -9.65 -39.96 10.10
C PHE B 242 -8.50 -39.02 10.41
N GLU B 243 -8.63 -38.20 11.44
CA GLU B 243 -7.54 -37.30 11.81
C GLU B 243 -6.29 -38.07 12.19
N LEU B 244 -6.43 -39.14 12.96
CA LEU B 244 -5.31 -39.93 13.43
C LEU B 244 -4.90 -41.03 12.45
N SER B 245 -5.62 -41.18 11.34
CA SER B 245 -5.33 -42.26 10.41
C SER B 245 -3.98 -42.03 9.73
N ALA B 246 -3.59 -43.00 8.90
CA ALA B 246 -2.34 -42.89 8.18
C ALA B 246 -2.33 -41.62 7.33
N SER B 247 -1.21 -40.90 7.38
CA SER B 247 -1.02 -39.70 6.59
C SER B 247 0.39 -39.73 6.00
N ASP B 248 0.55 -39.06 4.86
CA ASP B 248 1.82 -39.01 4.15
C ASP B 248 2.46 -37.62 4.21
N GLN B 249 2.15 -36.85 5.27
CA GLN B 249 2.65 -35.50 5.41
C GLN B 249 2.70 -35.15 6.88
N PRO B 250 3.71 -34.37 7.33
CA PRO B 250 3.76 -33.99 8.75
C PRO B 250 2.71 -32.95 9.13
N LYS B 251 2.77 -32.48 10.37
CA LYS B 251 1.84 -31.46 10.86
C LYS B 251 0.39 -31.91 10.72
N ALA B 287 10.82 -39.68 -0.50
CA ALA B 287 9.81 -39.39 0.51
C ALA B 287 9.48 -40.63 1.34
N ASP B 288 10.35 -41.64 1.29
CA ASP B 288 10.14 -42.84 2.10
C ASP B 288 9.96 -42.48 3.57
N ARG B 289 10.58 -41.38 4.01
CA ARG B 289 10.39 -40.91 5.37
C ARG B 289 8.93 -40.59 5.66
N TYR B 290 8.20 -40.10 4.66
CA TYR B 290 6.84 -39.60 4.86
C TYR B 290 5.78 -40.49 4.20
N LYS B 291 6.11 -41.73 3.88
CA LYS B 291 5.15 -42.64 3.23
C LYS B 291 4.63 -43.62 4.28
N SER B 292 3.34 -43.51 4.59
CA SER B 292 2.71 -44.39 5.56
C SER B 292 2.49 -45.78 4.99
N HIS B 293 2.13 -45.86 3.71
CA HIS B 293 1.77 -47.13 3.06
C HIS B 293 0.58 -47.78 3.74
N GLY B 294 -0.33 -46.97 4.28
CA GLY B 294 -1.52 -47.46 4.95
C GLY B 294 -1.36 -47.75 6.42
N LYS B 295 -0.18 -47.52 7.01
CA LYS B 295 0.06 -47.82 8.40
C LYS B 295 -0.35 -46.62 9.26
N GLY B 296 -1.24 -46.86 10.22
CA GLY B 296 -1.68 -45.80 11.10
C GLY B 296 -2.91 -46.22 11.88
N TYR B 297 -3.40 -45.28 12.69
CA TYR B 297 -4.61 -45.47 13.50
C TYR B 297 -5.83 -45.34 12.58
N ASN B 298 -6.05 -46.38 11.78
CA ASN B 298 -7.08 -46.36 10.74
C ASN B 298 -8.38 -47.00 11.18
N TRP B 299 -8.48 -47.49 12.42
CA TRP B 299 -9.66 -48.20 12.88
C TRP B 299 -10.12 -47.65 14.23
N GLY B 300 -11.43 -47.73 14.45
CA GLY B 300 -12.00 -47.28 15.70
C GLY B 300 -13.27 -48.03 16.08
N ASN B 301 -13.38 -48.44 17.34
CA ASN B 301 -14.58 -49.02 17.89
C ASN B 301 -15.31 -47.92 18.67
N TYR B 302 -16.48 -47.52 18.18
CA TYR B 302 -17.26 -46.46 18.82
C TYR B 302 -18.32 -47.08 19.73
N ASN B 303 -18.25 -46.75 21.01
CA ASN B 303 -19.25 -47.18 21.99
C ASN B 303 -20.36 -46.13 22.04
N THR B 304 -21.53 -46.47 21.50
CA THR B 304 -22.64 -45.52 21.47
C THR B 304 -23.24 -45.30 22.86
N GLU B 305 -23.04 -46.23 23.79
CA GLU B 305 -23.56 -46.07 25.13
C GLU B 305 -22.69 -45.11 25.95
N THR B 306 -21.40 -45.44 26.07
CA THR B 306 -20.47 -44.60 26.82
C THR B 306 -19.96 -43.41 26.01
N GLN B 307 -20.27 -43.35 24.71
CA GLN B 307 -19.81 -42.28 23.84
C GLN B 307 -18.28 -42.15 23.89
N LYS B 308 -17.61 -43.28 23.66
CA LYS B 308 -16.16 -43.34 23.61
C LYS B 308 -15.73 -43.86 22.25
N CYS B 309 -14.65 -43.28 21.72
CA CYS B 309 -14.09 -43.66 20.43
C CYS B 309 -12.75 -44.35 20.71
N GLU B 310 -12.73 -45.67 20.60
CA GLU B 310 -11.55 -46.48 20.90
C GLU B 310 -10.76 -46.69 19.61
N ILE B 311 -9.59 -46.06 19.52
CA ILE B 311 -8.81 -45.99 18.30
C ILE B 311 -7.53 -46.81 18.48
N PHE B 312 -7.22 -47.64 17.50
CA PHE B 312 -6.03 -48.50 17.56
C PHE B 312 -5.37 -48.52 16.19
N ASN B 313 -4.10 -48.93 16.18
CA ASN B 313 -3.27 -48.93 14.97
C ASN B 313 -2.84 -50.33 14.58
N VAL B 314 -3.63 -51.35 14.92
CA VAL B 314 -3.36 -52.73 14.54
C VAL B 314 -4.57 -53.26 13.80
N LYS B 315 -4.35 -53.83 12.62
CA LYS B 315 -5.45 -54.23 11.77
C LYS B 315 -6.29 -55.30 12.46
N PRO B 316 -7.61 -55.15 12.53
CA PRO B 316 -8.44 -56.18 13.16
C PRO B 316 -8.52 -57.43 12.30
N THR B 317 -8.84 -58.54 12.98
CA THR B 317 -8.96 -59.84 12.32
C THR B 317 -10.26 -60.57 12.61
N CYS B 318 -11.18 -59.97 13.37
CA CYS B 318 -12.47 -60.59 13.64
C CYS B 318 -13.41 -59.52 14.18
N LEU B 319 -14.62 -59.95 14.52
CA LEU B 319 -15.66 -59.05 15.02
C LEU B 319 -16.30 -59.65 16.27
N ILE B 320 -16.80 -58.77 17.13
CA ILE B 320 -17.51 -59.15 18.34
C ILE B 320 -18.88 -58.49 18.33
N ASN B 321 -19.93 -59.27 18.59
CA ASN B 321 -21.30 -58.75 18.55
C ASN B 321 -21.61 -58.07 19.86
N ASN B 322 -21.56 -56.73 19.86
CA ASN B 322 -21.97 -55.92 20.99
C ASN B 322 -22.93 -54.86 20.49
N ALA B 323 -24.15 -54.83 21.04
CA ALA B 323 -25.19 -53.93 20.55
C ALA B 323 -24.86 -52.47 20.78
N ALA B 324 -23.86 -52.15 21.60
CA ALA B 324 -23.51 -50.78 21.91
C ALA B 324 -22.28 -50.30 21.15
N TYR B 325 -21.85 -51.02 20.12
CA TYR B 325 -20.62 -50.72 19.41
C TYR B 325 -20.87 -50.63 17.90
N ILE B 326 -20.20 -49.68 17.26
CA ILE B 326 -20.19 -49.55 15.81
C ILE B 326 -18.73 -49.50 15.37
N ALA B 327 -18.35 -50.42 14.48
CA ALA B 327 -16.97 -50.49 14.01
C ALA B 327 -16.81 -49.63 12.77
N THR B 328 -15.82 -48.74 12.80
CA THR B 328 -15.60 -47.79 11.72
C THR B 328 -14.11 -47.67 11.44
N THR B 329 -13.79 -47.27 10.21
CA THR B 329 -12.43 -47.02 9.78
C THR B 329 -12.35 -45.62 9.18
N ALA B 330 -11.13 -45.16 8.97
CA ALA B 330 -10.94 -43.83 8.37
C ALA B 330 -11.45 -43.80 6.94
N LEU B 331 -11.41 -44.92 6.23
CA LEU B 331 -11.91 -44.99 4.87
C LEU B 331 -13.45 -44.98 4.82
N SER B 332 -14.09 -45.43 5.90
CA SER B 332 -15.52 -45.69 5.86
C SER B 332 -16.33 -44.39 5.78
N HIS B 333 -17.54 -44.52 5.25
CA HIS B 333 -18.47 -43.40 5.25
C HIS B 333 -18.82 -43.03 6.69
N PRO B 334 -18.82 -41.74 7.04
CA PRO B 334 -18.99 -41.35 8.45
C PRO B 334 -20.40 -41.54 8.98
N ILE B 335 -21.39 -41.85 8.13
CA ILE B 335 -22.79 -41.93 8.53
C ILE B 335 -23.37 -43.30 8.21
N GLU B 336 -23.17 -43.79 6.98
CA GLU B 336 -23.85 -44.99 6.52
C GLU B 336 -23.52 -46.18 7.40
N VAL B 337 -24.53 -47.00 7.67
CA VAL B 337 -24.40 -48.19 8.52
C VAL B 337 -25.00 -49.38 7.80
N GLU B 338 -24.33 -50.52 7.89
CA GLU B 338 -24.79 -51.74 7.24
C GLU B 338 -25.37 -52.72 8.26
N GLN C 4 14.62 20.56 -4.84
CA GLN C 4 15.90 21.06 -5.29
C GLN C 4 16.56 20.01 -6.18
N VAL C 5 16.77 20.36 -7.44
CA VAL C 5 17.19 19.39 -8.44
C VAL C 5 18.68 19.17 -8.35
N GLN C 6 19.08 17.90 -8.25
CA GLN C 6 20.47 17.50 -8.15
C GLN C 6 20.84 16.66 -9.36
N LEU C 7 21.91 17.04 -10.05
CA LEU C 7 22.43 16.30 -11.18
C LEU C 7 23.77 15.68 -10.80
N ARG C 8 23.95 14.41 -11.15
CA ARG C 8 25.16 13.67 -10.81
C ARG C 8 25.60 12.80 -11.98
N GLU C 9 26.88 12.88 -12.33
CA GLU C 9 27.44 12.05 -13.38
C GLU C 9 28.01 10.76 -12.81
N SER C 10 28.03 9.72 -13.64
CA SER C 10 28.61 8.45 -13.26
C SER C 10 29.18 7.78 -14.50
N GLY C 11 30.40 7.24 -14.37
CA GLY C 11 31.05 6.58 -15.48
C GLY C 11 32.44 6.09 -15.16
N PRO C 12 33.09 5.46 -16.13
CA PRO C 12 34.45 4.98 -15.91
C PRO C 12 35.45 6.11 -15.78
N HIS C 13 36.54 5.84 -15.07
CA HIS C 13 37.66 6.77 -14.99
C HIS C 13 38.74 6.47 -16.03
N LEU C 14 38.78 5.25 -16.55
CA LEU C 14 39.76 4.87 -17.56
C LEU C 14 39.05 4.16 -18.71
N VAL C 15 39.31 4.60 -19.93
CA VAL C 15 38.76 3.99 -21.13
C VAL C 15 39.89 3.85 -22.15
N LYS C 16 39.95 2.70 -22.81
CA LYS C 16 40.98 2.46 -23.80
C LYS C 16 40.71 3.27 -25.06
N PRO C 17 41.76 3.66 -25.79
CA PRO C 17 41.53 4.33 -27.08
C PRO C 17 40.76 3.42 -28.04
N SER C 18 39.94 4.05 -28.88
CA SER C 18 39.07 3.39 -29.85
C SER C 18 37.90 2.67 -29.20
N GLU C 19 37.80 2.67 -27.89
CA GLU C 19 36.67 2.08 -27.19
C GLU C 19 35.49 3.04 -27.24
N THR C 20 34.41 2.71 -26.54
CA THR C 20 33.25 3.58 -26.42
C THR C 20 33.16 4.09 -24.98
N LEU C 21 33.01 5.39 -24.82
CA LEU C 21 32.87 6.03 -23.52
C LEU C 21 31.39 6.21 -23.22
N SER C 22 30.91 5.56 -22.17
CA SER C 22 29.52 5.65 -21.75
C SER C 22 29.45 6.36 -20.40
N LEU C 23 28.69 7.45 -20.34
CA LEU C 23 28.48 8.21 -19.13
C LEU C 23 26.98 8.36 -18.88
N THR C 24 26.62 8.50 -17.61
CA THR C 24 25.22 8.61 -17.21
C THR C 24 25.06 9.77 -16.23
N CYS C 25 23.95 10.50 -16.39
CA CYS C 25 23.61 11.64 -15.54
C CYS C 25 22.29 11.33 -14.86
N ASN C 26 22.34 11.07 -13.55
CA ASN C 26 21.15 10.73 -12.79
C ASN C 26 20.50 12.03 -12.30
N VAL C 27 19.35 12.37 -12.88
CA VAL C 27 18.62 13.58 -12.52
C VAL C 27 17.64 13.25 -11.42
N SER C 28 17.80 13.90 -10.27
CA SER C 28 16.96 13.65 -9.10
C SER C 28 16.56 14.97 -8.48
N GLY C 29 15.41 14.97 -7.81
CA GLY C 29 14.90 16.16 -7.17
C GLY C 29 14.11 17.08 -8.08
N GLY C 30 13.96 16.74 -9.36
CA GLY C 30 13.19 17.56 -10.27
C GLY C 30 12.90 16.81 -11.55
N THR C 31 11.95 17.35 -12.31
CA THR C 31 11.53 16.71 -13.54
C THR C 31 12.54 16.94 -14.65
N ILE C 32 12.54 16.01 -15.61
CA ILE C 32 13.33 16.18 -16.84
C ILE C 32 12.52 16.85 -17.93
N ASN C 33 11.22 17.07 -17.73
CA ASN C 33 10.37 17.67 -18.75
C ASN C 33 10.64 19.16 -18.87
N ARG C 34 10.41 19.69 -20.08
CA ARG C 34 10.49 21.10 -20.39
C ARG C 34 11.91 21.67 -20.25
N TYR C 35 12.92 20.81 -20.14
CA TYR C 35 14.30 21.25 -19.97
C TYR C 35 15.19 20.56 -20.99
N TYR C 36 16.28 21.25 -21.37
CA TYR C 36 17.28 20.72 -22.27
C TYR C 36 18.50 20.29 -21.46
N TRP C 37 19.00 19.09 -21.74
CA TRP C 37 20.06 18.47 -20.97
C TRP C 37 21.31 18.34 -21.82
N ASN C 38 22.42 18.87 -21.31
CA ASN C 38 23.66 19.00 -22.06
C ASN C 38 24.74 18.14 -21.45
N TRP C 39 25.77 17.87 -22.26
CA TRP C 39 27.03 17.31 -21.80
C TRP C 39 28.12 18.30 -22.11
N ILE C 40 28.85 18.75 -21.09
CA ILE C 40 29.91 19.74 -21.23
C ILE C 40 31.22 19.11 -20.79
N ARG C 41 32.28 19.43 -21.52
CA ARG C 41 33.60 18.85 -21.32
C ARG C 41 34.64 19.96 -21.35
N GLN C 42 35.50 20.00 -20.32
CA GLN C 42 36.63 20.92 -20.31
C GLN C 42 37.91 20.09 -20.27
N ILE C 43 38.73 20.23 -21.31
CA ILE C 43 40.00 19.50 -21.41
C ILE C 43 41.05 20.31 -20.67
N PRO C 44 41.89 19.70 -19.82
CA PRO C 44 42.99 20.47 -19.22
C PRO C 44 43.96 20.97 -20.28
N GLY C 45 43.99 22.29 -20.48
CA GLY C 45 44.71 22.92 -21.57
C GLY C 45 43.81 23.76 -22.47
N LYS C 46 42.54 23.38 -22.57
CA LYS C 46 41.51 24.15 -23.25
C LYS C 46 40.46 24.59 -22.23
N GLY C 47 39.45 25.30 -22.71
CA GLY C 47 38.34 25.73 -21.88
C GLY C 47 37.22 24.70 -21.87
N LEU C 48 36.02 25.18 -21.56
CA LEU C 48 34.83 24.36 -21.58
C LEU C 48 34.37 24.14 -23.02
N GLU C 49 33.87 22.93 -23.30
CA GLU C 49 33.39 22.57 -24.63
C GLU C 49 32.02 21.94 -24.51
N TRP C 50 31.14 22.27 -25.46
CA TRP C 50 29.79 21.72 -25.49
C TRP C 50 29.76 20.50 -26.39
N ILE C 51 29.11 19.43 -25.92
CA ILE C 51 29.09 18.16 -26.62
C ILE C 51 27.77 17.99 -27.37
N GLY C 52 26.66 18.06 -26.66
CA GLY C 52 25.36 17.88 -27.29
C GLY C 52 24.23 18.10 -26.31
N ASN C 53 23.02 18.09 -26.86
CA ASN C 53 21.79 18.38 -26.15
C ASN C 53 20.86 17.16 -26.18
N ILE C 54 19.85 17.19 -25.32
CA ILE C 54 18.72 16.28 -25.46
C ILE C 54 17.50 16.83 -24.73
N TYR C 55 16.36 16.80 -25.39
CA TYR C 55 15.08 17.16 -24.82
C TYR C 55 14.33 15.88 -24.47
N TYR C 56 13.40 15.98 -23.51
CA TYR C 56 12.75 14.75 -23.05
C TYR C 56 11.87 14.12 -24.13
N THR C 57 11.61 14.84 -25.22
CA THR C 57 10.93 14.25 -26.37
C THR C 57 11.81 13.25 -27.12
N GLY C 58 13.13 13.36 -26.97
CA GLY C 58 14.08 12.54 -27.71
C GLY C 58 14.98 13.34 -28.64
N THR C 59 14.71 14.62 -28.85
CA THR C 59 15.47 15.41 -29.80
C THR C 59 16.87 15.71 -29.27
N THR C 60 17.88 15.52 -30.11
CA THR C 60 19.27 15.73 -29.73
C THR C 60 20.00 16.55 -30.79
N GLU C 61 20.92 17.40 -30.33
CA GLU C 61 21.84 18.11 -31.20
C GLU C 61 23.24 17.91 -30.63
N THR C 62 24.21 17.69 -31.51
CA THR C 62 25.59 17.45 -31.11
C THR C 62 26.52 18.48 -31.73
N ASN C 63 27.74 18.51 -31.21
CA ASN C 63 28.77 19.42 -31.73
C ASN C 63 29.42 18.79 -32.96
N PRO C 64 29.36 19.43 -34.13
CA PRO C 64 30.01 18.83 -35.30
C PRO C 64 31.51 18.65 -35.14
N SER C 65 32.15 19.41 -34.26
CA SER C 65 33.59 19.26 -34.07
C SER C 65 33.94 17.85 -33.60
N LEU C 66 33.05 17.21 -32.85
CA LEU C 66 33.27 15.84 -32.40
C LEU C 66 33.08 14.82 -33.51
N GLU C 67 32.61 15.24 -34.69
CA GLU C 67 32.56 14.40 -35.87
C GLU C 67 31.53 13.28 -35.74
N GLY C 68 30.39 13.58 -35.12
CA GLY C 68 29.31 12.63 -35.03
C GLY C 68 29.56 11.45 -34.12
N ARG C 69 30.66 11.47 -33.35
CA ARG C 69 30.97 10.41 -32.41
C ARG C 69 30.01 10.39 -31.22
N PRO C 70 29.59 11.54 -30.68
CA PRO C 70 28.74 11.51 -29.48
C PRO C 70 27.29 11.17 -29.82
N LEU C 71 26.72 10.28 -29.01
CA LEU C 71 25.32 9.91 -29.10
C LEU C 71 24.68 10.10 -27.74
N ILE C 72 23.62 10.89 -27.68
CA ILE C 72 22.96 11.25 -26.43
C ILE C 72 21.57 10.64 -26.43
N SER C 73 21.19 10.04 -25.31
CA SER C 73 19.88 9.43 -25.14
C SER C 73 19.37 9.74 -23.74
N ILE C 74 18.06 9.64 -23.56
CA ILE C 74 17.41 9.96 -22.30
C ILE C 74 16.39 8.87 -21.97
N ASP C 75 16.39 8.42 -20.72
CA ASP C 75 15.42 7.45 -20.22
C ASP C 75 14.48 8.19 -19.28
N ARG C 76 13.23 8.38 -19.72
CA ARG C 76 12.28 9.13 -18.91
C ARG C 76 11.89 8.36 -17.65
N THR C 77 11.78 7.03 -17.74
CA THR C 77 11.36 6.25 -16.59
C THR C 77 12.35 6.36 -15.45
N THR C 78 13.64 6.29 -15.75
CA THR C 78 14.68 6.39 -14.74
C THR C 78 15.26 7.80 -14.63
N GLN C 79 14.83 8.73 -15.48
CA GLN C 79 15.29 10.11 -15.46
C GLN C 79 16.81 10.18 -15.40
N GLN C 80 17.46 9.41 -16.26
CA GLN C 80 18.91 9.42 -16.39
C GLN C 80 19.28 9.71 -17.84
N VAL C 81 20.17 10.67 -18.03
CA VAL C 81 20.62 11.10 -19.35
C VAL C 81 21.99 10.47 -19.61
N SER C 82 22.14 9.87 -20.78
CA SER C 82 23.33 9.10 -21.12
C SER C 82 24.13 9.80 -22.21
N LEU C 83 25.45 9.60 -22.18
CA LEU C 83 26.35 10.02 -23.23
C LEU C 83 27.10 8.80 -23.74
N THR C 84 27.05 8.58 -25.06
CA THR C 84 27.74 7.46 -25.70
C THR C 84 28.71 8.04 -26.72
N LEU C 85 29.98 8.11 -26.37
CA LEU C 85 31.02 8.66 -27.22
C LEU C 85 31.84 7.52 -27.80
N THR C 86 31.85 7.40 -29.11
CA THR C 86 32.53 6.31 -29.81
C THR C 86 33.89 6.77 -30.31
N SER C 87 34.73 5.79 -30.67
CA SER C 87 36.05 6.04 -31.24
C SER C 87 36.81 7.07 -30.40
N VAL C 88 36.91 6.79 -29.10
CA VAL C 88 37.54 7.74 -28.19
C VAL C 88 39.04 7.83 -28.47
N THR C 89 39.62 8.95 -28.08
CA THR C 89 41.02 9.28 -28.30
C THR C 89 41.57 9.91 -27.03
N PRO C 90 42.87 9.78 -26.77
CA PRO C 90 43.45 10.49 -25.61
C PRO C 90 43.03 11.96 -25.53
N ALA C 91 42.84 12.62 -26.67
CA ALA C 91 42.38 14.01 -26.66
C ALA C 91 41.01 14.16 -26.01
N ASP C 92 40.23 13.08 -25.94
CA ASP C 92 38.96 13.10 -25.26
C ASP C 92 39.10 13.07 -23.73
N THR C 93 40.31 12.86 -23.22
CA THR C 93 40.54 12.89 -21.78
C THR C 93 40.16 14.26 -21.23
N ALA C 94 39.20 14.27 -20.30
CA ALA C 94 38.72 15.52 -19.74
C ALA C 94 37.71 15.28 -18.63
N VAL C 95 37.22 16.35 -18.02
CA VAL C 95 36.18 16.28 -17.00
C VAL C 95 34.84 16.56 -17.69
N TYR C 96 33.89 15.64 -17.53
CA TYR C 96 32.60 15.72 -18.20
C TYR C 96 31.53 16.11 -17.19
N TYR C 97 30.75 17.14 -17.53
CA TYR C 97 29.61 17.57 -16.75
C TYR C 97 28.33 17.35 -17.54
N CYS C 98 27.23 17.17 -16.82
CA CYS C 98 25.89 17.30 -17.39
C CYS C 98 25.25 18.54 -16.79
N ALA C 99 24.80 19.44 -17.65
CA ALA C 99 24.21 20.70 -17.23
C ALA C 99 22.81 20.84 -17.80
N ARG C 100 21.95 21.53 -17.06
CA ARG C 100 20.55 21.70 -17.42
C ARG C 100 20.27 23.18 -17.69
N THR C 101 19.48 23.44 -18.73
CA THR C 101 19.17 24.81 -19.11
C THR C 101 18.18 25.43 -18.12
N ARG C 102 18.22 26.77 -18.04
CA ARG C 102 17.31 27.47 -17.15
C ARG C 102 15.85 27.13 -17.46
N GLY C 103 15.52 26.95 -18.74
CA GLY C 103 14.17 26.64 -19.12
C GLY C 103 14.08 26.02 -20.50
N GLU C 104 12.89 26.10 -21.08
CA GLU C 104 12.62 25.53 -22.38
C GLU C 104 12.94 26.50 -23.52
N TRP C 105 12.59 27.76 -23.37
CA TRP C 105 12.70 28.72 -24.47
C TRP C 105 14.13 29.23 -24.61
N SER C 106 14.44 29.71 -25.82
CA SER C 106 15.83 29.98 -26.17
C SER C 106 16.54 30.94 -25.21
N PRO C 107 15.95 32.04 -24.75
CA PRO C 107 16.69 32.91 -23.83
C PRO C 107 17.06 32.23 -22.52
N ASP C 108 16.35 31.16 -22.13
CA ASP C 108 16.64 30.43 -20.91
C ASP C 108 17.51 29.20 -21.16
N TRP C 109 18.27 29.19 -22.24
CA TRP C 109 19.16 28.08 -22.55
C TRP C 109 20.52 28.21 -21.87
N CYS C 110 20.70 29.23 -21.03
CA CYS C 110 21.87 29.28 -20.17
C CYS C 110 21.83 28.11 -19.19
N LEU C 111 23.02 27.66 -18.78
CA LEU C 111 23.16 26.48 -17.93
C LEU C 111 23.21 26.93 -16.48
N ASP C 112 22.09 26.76 -15.77
CA ASP C 112 21.99 27.17 -14.38
C ASP C 112 22.08 26.01 -13.39
N ARG C 113 22.01 24.77 -13.88
CA ARG C 113 22.14 23.58 -13.05
C ARG C 113 23.27 22.72 -13.58
N TRP C 114 24.16 22.30 -12.70
CA TRP C 114 25.34 21.56 -13.08
C TRP C 114 25.56 20.39 -12.14
N GLY C 115 26.16 19.33 -12.67
CA GLY C 115 26.65 18.24 -11.85
C GLY C 115 28.03 18.53 -11.30
N ARG C 116 28.51 17.60 -10.47
CA ARG C 116 29.83 17.77 -9.89
C ARG C 116 30.94 17.50 -10.88
N GLY C 117 30.66 16.81 -11.97
CA GLY C 117 31.67 16.47 -12.95
C GLY C 117 32.42 15.21 -12.56
N THR C 118 32.77 14.40 -13.56
CA THR C 118 33.51 13.16 -13.35
C THR C 118 34.67 13.11 -14.33
N LEU C 119 35.86 12.78 -13.83
CA LEU C 119 37.05 12.74 -14.67
C LEU C 119 37.09 11.44 -15.45
N VAL C 120 37.41 11.54 -16.74
CA VAL C 120 37.55 10.39 -17.62
C VAL C 120 38.90 10.51 -18.31
N THR C 121 39.72 9.47 -18.19
CA THR C 121 41.02 9.42 -18.83
C THR C 121 40.98 8.39 -19.94
N VAL C 122 41.53 8.75 -21.10
CA VAL C 122 41.63 7.85 -22.24
C VAL C 122 43.10 7.56 -22.46
N SER C 123 43.49 6.30 -22.28
CA SER C 123 44.89 5.91 -22.41
C SER C 123 44.98 4.41 -22.52
N SER C 124 46.06 3.95 -23.17
CA SER C 124 46.34 2.52 -23.24
C SER C 124 46.98 2.00 -21.95
N ALA C 125 47.35 2.88 -21.04
CA ALA C 125 47.97 2.45 -19.79
C ALA C 125 46.94 1.74 -18.91
N SER C 126 47.43 0.85 -18.06
CA SER C 126 46.58 0.05 -17.19
C SER C 126 46.42 0.74 -15.84
N THR C 127 45.30 0.43 -15.18
CA THR C 127 45.04 0.97 -13.86
C THR C 127 46.01 0.37 -12.84
N LYS C 128 46.58 1.21 -11.99
CA LYS C 128 47.46 0.78 -10.92
C LYS C 128 47.08 1.50 -9.63
N GLY C 129 47.05 0.75 -8.53
CA GLY C 129 46.74 1.31 -7.24
C GLY C 129 47.89 2.13 -6.70
N PRO C 130 47.61 3.01 -5.73
CA PRO C 130 48.65 3.86 -5.18
C PRO C 130 49.48 3.15 -4.12
N SER C 131 50.60 3.77 -3.79
CA SER C 131 51.45 3.36 -2.68
C SER C 131 51.62 4.58 -1.78
N VAL C 132 50.97 4.56 -0.63
CA VAL C 132 51.05 5.68 0.32
C VAL C 132 52.27 5.48 1.20
N PHE C 133 53.13 6.50 1.25
CA PHE C 133 54.30 6.48 2.11
C PHE C 133 54.21 7.61 3.12
N PRO C 134 54.70 7.41 4.34
CA PRO C 134 54.55 8.45 5.38
C PRO C 134 55.65 9.50 5.26
N LEU C 135 55.24 10.77 5.34
CA LEU C 135 56.19 11.89 5.48
C LEU C 135 56.31 12.19 6.96
N ALA C 136 57.20 11.43 7.61
CA ALA C 136 57.27 11.46 9.07
C ALA C 136 57.78 12.81 9.55
N PRO C 137 57.27 13.30 10.69
CA PRO C 137 57.87 14.49 11.31
C PRO C 137 59.30 14.19 11.77
N SER C 138 60.11 15.24 11.78
CA SER C 138 61.49 15.14 12.24
C SER C 138 61.97 16.52 12.62
N SER C 139 63.19 16.57 13.18
CA SER C 139 63.79 17.86 13.50
C SER C 139 63.89 18.75 12.27
N LYS C 140 63.98 18.14 11.09
CA LYS C 140 64.03 18.86 9.83
C LYS C 140 62.64 19.22 9.30
N SER C 141 61.59 18.87 10.04
CA SER C 141 60.22 19.21 9.66
C SER C 141 59.46 19.90 10.80
N THR C 142 60.14 20.25 11.89
CA THR C 142 59.53 20.93 13.03
C THR C 142 60.18 22.29 13.18
N SER C 143 59.40 23.35 12.97
CA SER C 143 59.86 24.73 13.13
C SER C 143 59.39 25.19 14.51
N GLY C 144 60.25 25.02 15.51
CA GLY C 144 59.89 25.43 16.85
C GLY C 144 58.67 24.69 17.33
N GLY C 145 57.62 25.43 17.67
CA GLY C 145 56.41 24.87 18.23
C GLY C 145 55.44 24.25 17.26
N THR C 146 55.72 24.29 15.95
CA THR C 146 54.86 23.71 14.94
C THR C 146 55.60 22.63 14.17
N ALA C 147 54.89 21.56 13.82
CA ALA C 147 55.46 20.42 13.13
C ALA C 147 54.70 20.17 11.84
N ALA C 148 55.43 19.76 10.80
CA ALA C 148 54.86 19.47 9.49
C ALA C 148 54.97 17.98 9.20
N LEU C 149 53.89 17.39 8.70
CA LEU C 149 53.87 15.98 8.38
C LEU C 149 52.95 15.76 7.18
N GLY C 150 52.98 14.55 6.66
CA GLY C 150 52.18 14.24 5.48
C GLY C 150 52.32 12.79 5.11
N CYS C 151 51.77 12.45 3.95
CA CYS C 151 51.95 11.11 3.39
C CYS C 151 51.94 11.23 1.88
N LEU C 152 52.81 10.45 1.23
CA LEU C 152 53.06 10.56 -0.20
C LEU C 152 52.33 9.46 -0.94
N VAL C 153 51.41 9.85 -1.82
CA VAL C 153 50.67 8.92 -2.67
C VAL C 153 51.40 8.85 -4.00
N LYS C 154 52.05 7.72 -4.27
CA LYS C 154 52.99 7.61 -5.38
C LYS C 154 52.63 6.43 -6.27
N ASP C 155 52.92 6.59 -7.57
CA ASP C 155 52.86 5.52 -8.55
C ASP C 155 51.44 4.91 -8.63
N TYR C 156 50.49 5.75 -9.03
CA TYR C 156 49.13 5.32 -9.30
C TYR C 156 48.71 5.81 -10.67
N PHE C 157 47.71 5.13 -11.24
CA PHE C 157 47.16 5.53 -12.53
C PHE C 157 45.77 4.96 -12.68
N PRO C 158 44.81 5.72 -13.22
CA PRO C 158 44.87 7.13 -13.62
C PRO C 158 44.42 8.06 -12.49
N GLU C 159 44.23 9.34 -12.78
CA GLU C 159 43.57 10.23 -11.85
C GLU C 159 42.10 9.82 -11.71
N PRO C 160 41.43 10.25 -10.64
CA PRO C 160 41.88 11.14 -9.57
C PRO C 160 42.16 10.44 -8.24
N VAL C 161 42.76 11.17 -7.30
CA VAL C 161 42.98 10.70 -5.94
C VAL C 161 42.50 11.78 -4.98
N THR C 162 41.90 11.36 -3.87
CA THR C 162 41.45 12.28 -2.82
C THR C 162 42.01 11.83 -1.48
N VAL C 163 42.42 12.79 -0.67
CA VAL C 163 43.09 12.53 0.60
C VAL C 163 42.37 13.29 1.71
N SER C 164 42.13 12.61 2.82
CA SER C 164 41.60 13.23 4.03
C SER C 164 42.42 12.77 5.23
N TRP C 165 42.36 13.55 6.30
CA TRP C 165 43.16 13.31 7.49
C TRP C 165 42.24 13.05 8.68
N ASN C 166 42.51 11.98 9.42
CA ASN C 166 41.74 11.62 10.60
C ASN C 166 40.26 11.50 10.27
N SER C 167 39.97 10.94 9.08
CA SER C 167 38.60 10.70 8.64
C SER C 167 37.78 11.99 8.60
N GLY C 168 38.42 13.07 8.16
CA GLY C 168 37.77 14.36 8.09
C GLY C 168 37.76 15.15 9.37
N ALA C 169 38.28 14.58 10.47
CA ALA C 169 38.35 15.32 11.72
C ALA C 169 39.42 16.41 11.67
N LEU C 170 40.53 16.16 10.97
CA LEU C 170 41.61 17.12 10.83
C LEU C 170 41.53 17.76 9.45
N THR C 171 41.21 19.05 9.42
CA THR C 171 41.06 19.78 8.15
C THR C 171 41.89 21.06 8.14
N SER C 172 42.09 21.68 9.31
CA SER C 172 42.82 22.93 9.38
C SER C 172 44.32 22.67 9.18
N GLY C 173 44.92 23.45 8.28
CA GLY C 173 46.33 23.29 7.96
C GLY C 173 46.64 22.22 6.95
N VAL C 174 45.63 21.56 6.39
CA VAL C 174 45.85 20.49 5.43
C VAL C 174 46.06 21.09 4.04
N HIS C 175 46.97 20.49 3.29
CA HIS C 175 47.25 20.92 1.91
C HIS C 175 47.45 19.68 1.06
N THR C 176 46.54 19.46 0.12
CA THR C 176 46.60 18.36 -0.83
C THR C 176 46.96 18.94 -2.19
N PHE C 177 48.17 18.64 -2.67
CA PHE C 177 48.70 19.25 -3.87
C PHE C 177 48.21 18.54 -5.12
N PRO C 178 48.20 19.23 -6.27
CA PRO C 178 47.92 18.55 -7.54
C PRO C 178 48.97 17.49 -7.82
N ALA C 179 48.52 16.40 -8.47
CA ALA C 179 49.42 15.31 -8.80
C ALA C 179 50.38 15.73 -9.91
N VAL C 180 51.43 14.92 -10.09
CA VAL C 180 52.40 15.09 -11.17
C VAL C 180 52.44 13.79 -11.95
N LEU C 181 52.60 13.89 -13.27
CA LEU C 181 52.77 12.73 -14.13
C LEU C 181 54.27 12.47 -14.24
N GLN C 182 54.75 11.44 -13.54
CA GLN C 182 56.16 11.11 -13.55
C GLN C 182 56.57 10.59 -14.93
N SER C 183 57.88 10.49 -15.13
CA SER C 183 58.40 9.93 -16.38
C SER C 183 58.00 8.47 -16.56
N SER C 184 57.63 7.78 -15.48
CA SER C 184 57.22 6.38 -15.56
C SER C 184 55.79 6.21 -16.06
N GLY C 185 55.05 7.29 -16.25
CA GLY C 185 53.67 7.20 -16.66
C GLY C 185 52.67 7.12 -15.52
N LEU C 186 53.13 7.07 -14.28
CA LEU C 186 52.26 7.02 -13.12
C LEU C 186 52.18 8.39 -12.45
N TYR C 187 51.19 8.55 -11.58
CA TYR C 187 50.96 9.80 -10.88
C TYR C 187 51.47 9.72 -9.45
N SER C 188 51.98 10.84 -8.95
CA SER C 188 52.43 10.97 -7.58
C SER C 188 51.83 12.22 -6.96
N LEU C 189 51.33 12.08 -5.73
CA LEU C 189 50.64 13.16 -5.03
C LEU C 189 51.11 13.21 -3.58
N SER C 190 51.18 14.41 -3.04
CA SER C 190 51.59 14.63 -1.66
C SER C 190 50.52 15.40 -0.91
N SER C 191 50.28 15.01 0.34
CA SER C 191 49.34 15.69 1.22
C SER C 191 50.03 15.93 2.56
N VAL C 192 49.96 17.17 3.05
CA VAL C 192 50.66 17.56 4.26
C VAL C 192 49.73 18.33 5.18
N VAL C 193 50.11 18.40 6.44
CA VAL C 193 49.36 19.15 7.45
C VAL C 193 50.34 19.63 8.51
N THR C 194 50.10 20.83 9.04
CA THR C 194 50.90 21.38 10.12
C THR C 194 50.14 21.18 11.43
N VAL C 195 50.83 20.64 12.43
CA VAL C 195 50.20 20.29 13.71
C VAL C 195 51.09 20.81 14.83
N PRO C 196 50.52 21.00 16.03
CA PRO C 196 51.34 21.41 17.17
C PRO C 196 52.47 20.42 17.40
N SER C 197 53.66 20.95 17.66
CA SER C 197 54.83 20.10 17.79
C SER C 197 54.76 19.20 19.01
N SER C 198 54.00 19.60 20.04
CA SER C 198 53.92 18.81 21.27
C SER C 198 52.98 17.62 21.15
N SER C 199 52.08 17.61 20.17
CA SER C 199 51.10 16.54 20.04
C SER C 199 51.63 15.32 19.30
N LEU C 200 52.88 15.37 18.81
CA LEU C 200 53.38 14.27 18.00
C LEU C 200 53.43 12.96 18.79
N GLY C 201 53.86 13.02 20.03
CA GLY C 201 53.98 11.83 20.85
C GLY C 201 52.73 11.37 21.56
N THR C 202 51.61 12.08 21.37
CA THR C 202 50.37 11.75 22.05
C THR C 202 49.15 11.76 21.15
N GLN C 203 49.27 12.18 19.89
CA GLN C 203 48.15 12.23 18.96
C GLN C 203 48.47 11.42 17.72
N THR C 204 47.49 10.62 17.28
CA THR C 204 47.65 9.78 16.10
C THR C 204 47.10 10.50 14.88
N TYR C 205 47.92 10.60 13.84
CA TYR C 205 47.55 11.22 12.58
C TYR C 205 47.53 10.15 11.50
N ILE C 206 46.37 9.98 10.86
CA ILE C 206 46.20 9.00 9.79
C ILE C 206 45.67 9.73 8.56
N CYS C 207 46.33 9.52 7.43
CA CYS C 207 45.88 10.06 6.15
C CYS C 207 45.11 8.98 5.41
N ASN C 208 43.93 9.33 4.91
CA ASN C 208 43.04 8.40 4.23
C ASN C 208 43.06 8.71 2.74
N VAL C 209 43.69 7.84 1.96
CA VAL C 209 43.85 8.04 0.53
C VAL C 209 42.83 7.18 -0.18
N ASN C 210 42.03 7.81 -1.03
CA ASN C 210 40.97 7.13 -1.78
C ASN C 210 41.27 7.23 -3.26
N HIS C 211 41.21 6.09 -3.96
CA HIS C 211 41.53 6.01 -5.38
C HIS C 211 40.37 5.28 -6.07
N LYS C 212 39.47 6.05 -6.69
CA LYS C 212 38.29 5.45 -7.32
C LYS C 212 38.66 4.49 -8.44
N PRO C 213 39.56 4.81 -9.36
CA PRO C 213 39.80 3.90 -10.50
C PRO C 213 40.16 2.49 -10.08
N SER C 214 40.94 2.32 -9.02
CA SER C 214 41.31 1.00 -8.52
C SER C 214 40.45 0.54 -7.34
N ASN C 215 39.52 1.37 -6.89
CA ASN C 215 38.63 1.04 -5.77
C ASN C 215 39.39 0.86 -4.47
N THR C 216 40.58 1.45 -4.36
CA THR C 216 41.45 1.26 -3.20
C THR C 216 41.27 2.40 -2.22
N LYS C 217 41.01 2.06 -0.96
CA LYS C 217 41.06 3.00 0.17
C LYS C 217 42.15 2.51 1.11
N VAL C 218 43.12 3.37 1.40
CA VAL C 218 44.27 3.04 2.22
C VAL C 218 44.42 4.07 3.31
N ASP C 219 44.51 3.59 4.56
CA ASP C 219 44.76 4.44 5.72
C ASP C 219 46.19 4.21 6.18
N LYS C 220 46.94 5.30 6.36
CA LYS C 220 48.35 5.23 6.73
C LYS C 220 48.57 6.09 7.97
N LYS C 221 49.09 5.47 9.03
CA LYS C 221 49.43 6.18 10.25
C LYS C 221 50.83 6.79 10.09
N VAL C 222 50.92 8.11 10.18
CA VAL C 222 52.20 8.81 10.08
C VAL C 222 52.73 8.97 11.51
N GLU C 223 53.92 8.43 11.77
CA GLU C 223 54.50 8.45 13.09
C GLU C 223 55.86 9.16 13.07
N PRO C 224 56.20 9.90 14.12
CA PRO C 224 57.48 10.63 14.12
C PRO C 224 58.66 9.69 13.89
N LYS C 225 59.60 10.15 13.07
CA LYS C 225 60.80 9.39 12.77
C LYS C 225 61.72 10.18 11.84
N GLN D 4 -8.99 -10.97 21.63
CA GLN D 4 -10.20 -11.46 22.31
C GLN D 4 -11.39 -11.31 21.39
N VAL D 5 -12.15 -12.38 21.23
CA VAL D 5 -13.26 -12.41 20.29
C VAL D 5 -14.47 -11.73 20.93
N GLN D 6 -14.97 -10.69 20.28
CA GLN D 6 -16.15 -9.97 20.75
C GLN D 6 -17.32 -10.32 19.84
N LEU D 7 -18.39 -10.82 20.44
CA LEU D 7 -19.62 -11.12 19.72
C LEU D 7 -20.65 -10.04 20.02
N ARG D 8 -21.27 -9.49 18.97
CA ARG D 8 -22.28 -8.46 19.12
C ARG D 8 -23.46 -8.78 18.21
N GLU D 9 -24.66 -8.73 18.78
CA GLU D 9 -25.89 -9.00 18.03
C GLU D 9 -26.52 -7.69 17.57
N SER D 10 -27.22 -7.77 16.44
CA SER D 10 -27.99 -6.64 15.94
C SER D 10 -29.27 -7.16 15.32
N GLY D 11 -30.31 -6.31 15.32
CA GLY D 11 -31.58 -6.67 14.77
C GLY D 11 -32.70 -5.76 15.25
N PRO D 12 -33.90 -5.95 14.71
CA PRO D 12 -35.03 -5.10 15.12
C PRO D 12 -35.45 -5.38 16.55
N HIS D 13 -36.02 -4.36 17.18
CA HIS D 13 -36.62 -4.51 18.50
C HIS D 13 -38.08 -4.92 18.44
N LEU D 14 -38.77 -4.64 17.33
CA LEU D 14 -40.17 -4.99 17.16
C LEU D 14 -40.36 -5.68 15.83
N VAL D 15 -41.18 -6.73 15.82
CA VAL D 15 -41.52 -7.46 14.61
C VAL D 15 -42.97 -7.92 14.73
N LYS D 16 -43.74 -7.74 13.66
CA LYS D 16 -45.14 -8.10 13.68
C LYS D 16 -45.30 -9.63 13.65
N PRO D 17 -46.39 -10.15 14.22
CA PRO D 17 -46.60 -11.61 14.18
C PRO D 17 -46.69 -12.12 12.76
N SER D 18 -46.17 -13.33 12.55
CA SER D 18 -46.11 -14.01 11.27
C SER D 18 -45.04 -13.42 10.35
N GLU D 19 -44.36 -12.35 10.77
CA GLU D 19 -43.28 -11.78 10.00
C GLU D 19 -42.03 -12.65 10.17
N THR D 20 -40.94 -12.24 9.53
CA THR D 20 -39.66 -12.93 9.64
C THR D 20 -38.70 -12.10 10.47
N LEU D 21 -38.16 -12.70 11.52
CA LEU D 21 -37.17 -12.05 12.38
C LEU D 21 -35.77 -12.33 11.86
N SER D 22 -35.00 -11.27 11.62
CA SER D 22 -33.64 -11.38 11.13
C SER D 22 -32.68 -10.83 12.17
N LEU D 23 -31.71 -11.65 12.57
CA LEU D 23 -30.70 -11.27 13.55
C LEU D 23 -29.32 -11.57 12.99
N THR D 24 -28.38 -10.67 13.24
CA THR D 24 -27.00 -10.84 12.81
C THR D 24 -26.07 -10.70 14.01
N CYS D 25 -25.08 -11.60 14.07
CA CYS D 25 -24.08 -11.61 15.14
C CYS D 25 -22.71 -11.35 14.53
N ASN D 26 -22.15 -10.18 14.81
CA ASN D 26 -20.81 -9.85 14.33
C ASN D 26 -19.76 -10.50 15.23
N VAL D 27 -18.77 -11.11 14.61
CA VAL D 27 -17.65 -11.74 15.31
C VAL D 27 -16.39 -10.99 14.92
N SER D 28 -15.72 -10.41 15.92
CA SER D 28 -14.48 -9.68 15.70
C SER D 28 -13.51 -10.02 16.82
N GLY D 29 -12.22 -9.86 16.52
CA GLY D 29 -11.17 -10.22 17.45
C GLY D 29 -10.73 -11.66 17.40
N GLY D 30 -11.24 -12.44 16.45
CA GLY D 30 -10.83 -13.83 16.31
C GLY D 30 -11.50 -14.45 15.11
N THR D 31 -11.12 -15.71 14.86
CA THR D 31 -11.62 -16.43 13.70
C THR D 31 -12.95 -17.09 14.01
N ILE D 32 -13.72 -17.33 12.95
CA ILE D 32 -14.90 -18.20 13.05
C ILE D 32 -14.58 -19.64 12.74
N ASN D 33 -13.35 -19.94 12.31
CA ASN D 33 -13.01 -21.28 11.88
C ASN D 33 -12.91 -22.23 13.07
N ARG D 34 -13.41 -23.45 12.87
CA ARG D 34 -13.26 -24.54 13.84
C ARG D 34 -14.00 -24.24 15.14
N TYR D 35 -15.06 -23.45 15.06
CA TYR D 35 -15.95 -23.20 16.19
C TYR D 35 -17.39 -23.39 15.74
N TYR D 36 -18.25 -23.76 16.67
CA TYR D 36 -19.69 -23.83 16.44
C TYR D 36 -20.35 -22.59 17.02
N TRP D 37 -21.19 -21.94 16.22
CA TRP D 37 -21.76 -20.64 16.56
C TRP D 37 -23.27 -20.81 16.77
N ASN D 38 -23.70 -20.70 18.02
CA ASN D 38 -25.06 -20.97 18.42
C ASN D 38 -25.87 -19.67 18.54
N TRP D 39 -27.18 -19.83 18.47
CA TRP D 39 -28.13 -18.79 18.83
C TRP D 39 -28.90 -19.26 20.05
N ILE D 40 -28.84 -18.48 21.12
CA ILE D 40 -29.47 -18.81 22.40
C ILE D 40 -30.56 -17.80 22.67
N ARG D 41 -31.72 -18.28 23.08
CA ARG D 41 -32.88 -17.45 23.38
C ARG D 41 -33.24 -17.63 24.85
N GLN D 42 -33.46 -16.52 25.54
CA GLN D 42 -33.86 -16.54 26.94
C GLN D 42 -35.31 -16.05 27.02
N ILE D 43 -36.24 -17.00 27.04
CA ILE D 43 -37.65 -16.63 27.14
C ILE D 43 -37.87 -15.90 28.44
N PRO D 44 -38.64 -14.80 28.47
CA PRO D 44 -38.77 -14.05 29.74
C PRO D 44 -39.31 -14.88 30.89
N GLY D 45 -40.23 -15.81 30.63
CA GLY D 45 -40.90 -16.53 31.70
C GLY D 45 -40.45 -17.97 31.88
N LYS D 46 -39.56 -18.45 31.01
CA LYS D 46 -39.11 -19.84 31.06
C LYS D 46 -37.64 -19.97 31.42
N GLY D 47 -36.75 -19.33 30.67
CA GLY D 47 -35.33 -19.46 30.86
C GLY D 47 -34.63 -19.53 29.52
N LEU D 48 -33.45 -20.15 29.52
CA LEU D 48 -32.62 -20.22 28.33
C LEU D 48 -33.06 -21.39 27.44
N GLU D 49 -33.19 -21.12 26.15
CA GLU D 49 -33.55 -22.13 25.16
C GLU D 49 -32.54 -22.07 24.00
N TRP D 50 -32.17 -23.25 23.50
CA TRP D 50 -31.21 -23.36 22.41
C TRP D 50 -31.93 -23.42 21.08
N ILE D 51 -31.52 -22.56 20.14
CA ILE D 51 -32.19 -22.46 18.84
C ILE D 51 -31.47 -23.33 17.83
N GLY D 52 -30.20 -23.02 17.57
CA GLY D 52 -29.43 -23.77 16.59
C GLY D 52 -28.02 -23.20 16.52
N ASN D 53 -27.18 -23.92 15.77
CA ASN D 53 -25.80 -23.50 15.58
C ASN D 53 -25.40 -23.76 14.15
N ILE D 54 -24.28 -23.15 13.75
CA ILE D 54 -23.73 -23.32 12.40
C ILE D 54 -22.22 -23.45 12.52
N TYR D 55 -21.67 -24.44 11.81
CA TYR D 55 -20.23 -24.58 11.65
C TYR D 55 -19.79 -23.74 10.46
N TYR D 56 -18.51 -23.33 10.46
CA TYR D 56 -18.06 -22.40 9.44
C TYR D 56 -18.00 -23.02 8.05
N THR D 57 -18.19 -24.32 7.93
CA THR D 57 -18.35 -24.97 6.63
C THR D 57 -19.79 -24.94 6.12
N GLY D 58 -20.71 -24.37 6.90
CA GLY D 58 -22.10 -24.27 6.50
C GLY D 58 -23.02 -25.27 7.18
N THR D 59 -22.49 -26.29 7.84
CA THR D 59 -23.34 -27.27 8.52
C THR D 59 -24.15 -26.59 9.62
N THR D 60 -25.45 -26.91 9.67
CA THR D 60 -26.38 -26.28 10.60
C THR D 60 -27.25 -27.33 11.26
N GLU D 61 -27.46 -27.17 12.57
CA GLU D 61 -28.40 -27.98 13.34
C GLU D 61 -29.33 -27.03 14.08
N THR D 62 -30.62 -27.35 14.09
CA THR D 62 -31.62 -26.50 14.70
C THR D 62 -32.46 -27.31 15.69
N ASN D 63 -33.09 -26.59 16.61
CA ASN D 63 -33.88 -27.24 17.66
C ASN D 63 -35.19 -27.75 17.07
N PRO D 64 -35.47 -29.05 17.14
CA PRO D 64 -36.77 -29.53 16.64
C PRO D 64 -37.96 -28.99 17.39
N SER D 65 -37.77 -28.46 18.61
CA SER D 65 -38.87 -27.87 19.34
C SER D 65 -39.60 -26.83 18.49
N LEU D 66 -38.84 -25.98 17.83
CA LEU D 66 -39.41 -25.06 16.85
C LEU D 66 -39.58 -25.77 15.53
N GLU D 67 -40.75 -25.58 14.91
CA GLU D 67 -41.13 -26.39 13.76
C GLU D 67 -40.35 -25.99 12.51
N GLY D 68 -39.03 -26.09 12.58
CA GLY D 68 -38.19 -25.77 11.44
C GLY D 68 -38.15 -24.31 11.06
N ARG D 69 -38.74 -23.43 11.88
CA ARG D 69 -38.73 -22.01 11.56
C ARG D 69 -37.33 -21.41 11.53
N PRO D 70 -36.44 -21.70 12.47
CA PRO D 70 -35.08 -21.12 12.41
C PRO D 70 -34.35 -21.56 11.16
N LEU D 71 -33.57 -20.62 10.60
CA LEU D 71 -32.67 -20.92 9.49
C LEU D 71 -31.39 -20.11 9.71
N ILE D 72 -30.28 -20.80 9.94
CA ILE D 72 -29.03 -20.17 10.36
C ILE D 72 -28.03 -20.25 9.23
N SER D 73 -27.34 -19.13 8.98
CA SER D 73 -26.34 -19.04 7.94
C SER D 73 -25.14 -18.25 8.45
N ILE D 74 -24.00 -18.43 7.78
CA ILE D 74 -22.75 -17.78 8.16
C ILE D 74 -22.12 -17.16 6.93
N ASP D 75 -21.31 -16.13 7.14
CA ASP D 75 -20.63 -15.41 6.07
C ASP D 75 -19.16 -15.28 6.45
N ARG D 76 -18.31 -16.08 5.81
CA ARG D 76 -16.90 -16.12 6.21
C ARG D 76 -16.19 -14.81 5.88
N THR D 77 -16.53 -14.18 4.75
CA THR D 77 -15.85 -12.94 4.37
C THR D 77 -16.10 -11.84 5.40
N THR D 78 -17.34 -11.69 5.84
CA THR D 78 -17.69 -10.69 6.85
C THR D 78 -17.60 -11.22 8.27
N GLN D 79 -17.40 -12.53 8.44
CA GLN D 79 -17.52 -13.20 9.74
C GLN D 79 -18.75 -12.71 10.48
N GLN D 80 -19.91 -12.86 9.82
CA GLN D 80 -21.20 -12.50 10.40
C GLN D 80 -22.08 -13.75 10.42
N VAL D 81 -22.59 -14.09 11.59
CA VAL D 81 -23.53 -15.20 11.76
C VAL D 81 -24.94 -14.62 11.79
N SER D 82 -25.85 -15.27 11.07
CA SER D 82 -27.20 -14.75 10.86
C SER D 82 -28.25 -15.76 11.32
N LEU D 83 -29.41 -15.23 11.72
CA LEU D 83 -30.55 -16.04 12.12
C LEU D 83 -31.80 -15.44 11.50
N THR D 84 -32.51 -16.23 10.70
CA THR D 84 -33.75 -15.81 10.06
C THR D 84 -34.88 -16.71 10.54
N LEU D 85 -35.54 -16.28 11.61
CA LEU D 85 -36.67 -17.01 12.18
C LEU D 85 -37.94 -16.56 11.46
N THR D 86 -38.65 -17.50 10.85
CA THR D 86 -39.85 -17.19 10.08
C THR D 86 -41.10 -17.43 10.93
N SER D 87 -42.19 -16.79 10.52
CA SER D 87 -43.49 -16.94 11.18
C SER D 87 -43.35 -16.76 12.69
N VAL D 88 -42.90 -15.58 13.08
CA VAL D 88 -42.73 -15.28 14.50
C VAL D 88 -44.09 -15.12 15.17
N THR D 89 -44.12 -15.38 16.47
CA THR D 89 -45.33 -15.28 17.28
C THR D 89 -44.95 -14.61 18.60
N PRO D 90 -45.90 -13.90 19.24
CA PRO D 90 -45.60 -13.31 20.55
C PRO D 90 -44.77 -14.19 21.47
N ALA D 91 -44.95 -15.51 21.37
CA ALA D 91 -44.14 -16.42 22.18
C ALA D 91 -42.66 -16.30 21.85
N ASP D 92 -42.33 -15.91 20.62
CA ASP D 92 -40.93 -15.74 20.22
C ASP D 92 -40.28 -14.53 20.86
N THR D 93 -41.04 -13.67 21.52
CA THR D 93 -40.45 -12.53 22.23
C THR D 93 -39.48 -13.03 23.29
N ALA D 94 -38.25 -12.52 23.25
CA ALA D 94 -37.22 -12.93 24.18
C ALA D 94 -35.95 -12.13 23.89
N VAL D 95 -34.95 -12.32 24.74
CA VAL D 95 -33.61 -11.80 24.52
C VAL D 95 -32.82 -12.85 23.75
N TYR D 96 -32.26 -12.47 22.61
CA TYR D 96 -31.54 -13.38 21.73
C TYR D 96 -30.05 -13.17 21.89
N TYR D 97 -29.35 -14.22 22.32
CA TYR D 97 -27.91 -14.18 22.53
C TYR D 97 -27.16 -14.86 21.39
N CYS D 98 -25.92 -14.47 21.22
CA CYS D 98 -24.98 -15.12 20.32
C CYS D 98 -23.90 -15.78 21.16
N ALA D 99 -23.71 -17.08 20.99
CA ALA D 99 -22.80 -17.85 21.84
C ALA D 99 -21.88 -18.70 20.98
N ARG D 100 -20.63 -18.85 21.45
CA ARG D 100 -19.62 -19.63 20.78
C ARG D 100 -19.20 -20.81 21.64
N THR D 101 -18.97 -21.96 21.01
CA THR D 101 -18.44 -23.10 21.72
C THR D 101 -16.97 -22.87 22.08
N ARG D 102 -16.51 -23.61 23.09
CA ARG D 102 -15.12 -23.51 23.51
C ARG D 102 -14.17 -23.99 22.41
N GLY D 103 -14.56 -25.03 21.69
CA GLY D 103 -13.73 -25.56 20.63
C GLY D 103 -14.54 -26.33 19.60
N GLU D 104 -13.83 -27.15 18.83
CA GLU D 104 -14.44 -27.94 17.77
C GLU D 104 -15.04 -29.25 18.25
N TRP D 105 -14.43 -29.88 19.24
CA TRP D 105 -14.81 -31.22 19.64
C TRP D 105 -15.82 -31.20 20.77
N SER D 106 -16.54 -32.32 20.91
CA SER D 106 -17.70 -32.39 21.80
C SER D 106 -17.42 -31.94 23.23
N PRO D 107 -16.35 -32.39 23.90
CA PRO D 107 -16.12 -31.92 25.28
C PRO D 107 -15.95 -30.41 25.38
N ASP D 108 -15.54 -29.74 24.31
CA ASP D 108 -15.38 -28.30 24.27
C ASP D 108 -16.58 -27.60 23.63
N TRP D 109 -17.75 -28.21 23.67
CA TRP D 109 -18.97 -27.58 23.16
C TRP D 109 -19.67 -26.74 24.21
N CYS D 110 -19.15 -26.68 25.43
CA CYS D 110 -19.59 -25.65 26.37
C CYS D 110 -19.45 -24.28 25.72
N LEU D 111 -20.35 -23.38 26.10
CA LEU D 111 -20.42 -22.05 25.47
C LEU D 111 -19.43 -21.13 26.16
N ASP D 112 -18.25 -20.99 25.56
CA ASP D 112 -17.17 -20.22 26.16
C ASP D 112 -17.42 -18.72 26.06
N ARG D 113 -17.90 -18.26 24.91
CA ARG D 113 -18.06 -16.84 24.64
C ARG D 113 -19.51 -16.51 24.31
N TRP D 114 -19.98 -15.37 24.82
CA TRP D 114 -21.35 -14.94 24.65
C TRP D 114 -21.38 -13.50 24.18
N GLY D 115 -22.42 -13.17 23.42
CA GLY D 115 -22.69 -11.78 23.11
C GLY D 115 -23.49 -11.12 24.22
N ARG D 116 -23.59 -9.79 24.11
CA ARG D 116 -24.32 -9.03 25.13
C ARG D 116 -25.82 -9.29 25.07
N GLY D 117 -26.33 -9.74 23.93
CA GLY D 117 -27.74 -10.01 23.77
C GLY D 117 -28.51 -8.82 23.24
N THR D 118 -29.70 -9.11 22.70
CA THR D 118 -30.59 -8.08 22.20
C THR D 118 -32.03 -8.53 22.39
N LEU D 119 -32.89 -7.59 22.79
CA LEU D 119 -34.28 -7.88 23.06
C LEU D 119 -35.10 -7.74 21.78
N VAL D 120 -35.85 -8.78 21.45
CA VAL D 120 -36.74 -8.79 20.29
C VAL D 120 -38.16 -9.01 20.81
N THR D 121 -39.05 -8.09 20.49
CA THR D 121 -40.45 -8.18 20.90
C THR D 121 -41.29 -8.49 19.67
N VAL D 122 -42.21 -9.45 19.80
CA VAL D 122 -43.13 -9.83 18.73
C VAL D 122 -44.53 -9.42 19.19
N SER D 123 -45.10 -8.41 18.54
CA SER D 123 -46.39 -7.90 18.95
C SER D 123 -47.07 -7.22 17.76
N SER D 124 -48.39 -7.09 17.86
CA SER D 124 -49.18 -6.43 16.84
C SER D 124 -49.18 -4.91 16.98
N ALA D 125 -48.73 -4.39 18.11
CA ALA D 125 -48.73 -2.95 18.35
C ALA D 125 -47.60 -2.28 17.58
N SER D 126 -47.68 -0.96 17.48
CA SER D 126 -46.70 -0.17 16.77
C SER D 126 -45.75 0.50 17.77
N THR D 127 -44.57 0.87 17.26
CA THR D 127 -43.59 1.55 18.10
C THR D 127 -44.11 2.91 18.54
N LYS D 128 -43.85 3.25 19.80
CA LYS D 128 -44.28 4.53 20.37
C LYS D 128 -43.16 5.07 21.25
N GLY D 129 -42.80 6.33 21.06
CA GLY D 129 -41.77 6.95 21.84
C GLY D 129 -42.24 7.26 23.25
N PRO D 130 -41.30 7.45 24.16
CA PRO D 130 -41.67 7.71 25.57
C PRO D 130 -42.04 9.16 25.82
N SER D 131 -42.83 9.35 26.87
CA SER D 131 -43.12 10.66 27.42
C SER D 131 -42.43 10.75 28.77
N VAL D 132 -41.57 11.75 28.94
CA VAL D 132 -40.72 11.88 30.12
C VAL D 132 -41.24 13.05 30.95
N PHE D 133 -41.69 12.76 32.16
CA PHE D 133 -42.25 13.76 33.05
C PHE D 133 -41.38 13.85 34.30
N PRO D 134 -41.01 15.06 34.75
CA PRO D 134 -40.13 15.17 35.91
C PRO D 134 -40.82 14.71 37.19
N LEU D 135 -40.02 14.15 38.09
CA LEU D 135 -40.44 13.83 39.46
C LEU D 135 -39.72 14.82 40.37
N ALA D 136 -40.31 15.99 40.55
CA ALA D 136 -39.62 17.08 41.24
C ALA D 136 -39.38 16.70 42.71
N PRO D 137 -38.19 17.02 43.25
CA PRO D 137 -37.94 16.77 44.68
C PRO D 137 -38.64 17.82 45.53
N SER D 138 -39.71 17.40 46.20
CA SER D 138 -40.46 18.27 47.10
C SER D 138 -40.96 17.46 48.28
N SER D 139 -40.87 18.04 49.47
CA SER D 139 -41.30 17.38 50.70
C SER D 139 -42.73 16.84 50.56
N GLY D 144 -34.57 13.70 54.81
CA GLY D 144 -34.43 15.00 55.43
C GLY D 144 -33.36 15.85 54.77
N GLY D 145 -32.12 15.71 55.26
CA GLY D 145 -31.00 16.38 54.63
C GLY D 145 -30.67 15.88 53.24
N THR D 146 -31.27 14.78 52.81
CA THR D 146 -31.12 14.26 51.46
C THR D 146 -32.43 14.46 50.70
N ALA D 147 -32.31 14.56 49.38
CA ALA D 147 -33.44 14.79 48.49
C ALA D 147 -33.54 13.66 47.48
N ALA D 148 -34.76 13.29 47.14
CA ALA D 148 -35.03 12.25 46.15
C ALA D 148 -35.69 12.88 44.93
N LEU D 149 -35.09 12.70 43.77
CA LEU D 149 -35.62 13.23 42.52
C LEU D 149 -35.47 12.18 41.43
N GLY D 150 -36.37 12.24 40.45
CA GLY D 150 -36.37 11.28 39.37
C GLY D 150 -37.12 11.82 38.17
N CYS D 151 -37.41 10.91 37.23
CA CYS D 151 -38.23 11.25 36.07
C CYS D 151 -38.91 9.98 35.58
N LEU D 152 -40.22 10.10 35.29
CA LEU D 152 -41.03 8.95 34.90
C LEU D 152 -41.03 8.80 33.39
N VAL D 153 -40.58 7.64 32.91
CA VAL D 153 -40.53 7.32 31.49
C VAL D 153 -41.78 6.49 31.20
N LYS D 154 -42.88 7.17 30.86
CA LYS D 154 -44.18 6.55 30.72
C LYS D 154 -44.60 6.42 29.26
N ASP D 155 -45.51 5.49 29.00
CA ASP D 155 -46.24 5.38 27.73
C ASP D 155 -45.29 5.20 26.53
N TYR D 156 -44.64 4.03 26.49
CA TYR D 156 -43.71 3.73 25.42
C TYR D 156 -43.75 2.25 25.07
N PHE D 157 -43.78 1.94 23.77
CA PHE D 157 -43.66 0.59 23.25
C PHE D 157 -42.60 0.56 22.16
N PRO D 158 -41.81 -0.53 22.05
CA PRO D 158 -41.68 -1.67 22.95
C PRO D 158 -40.54 -1.49 23.95
N GLU D 159 -40.32 -2.49 24.80
CA GLU D 159 -39.08 -2.57 25.57
C GLU D 159 -37.91 -2.66 24.59
N PRO D 160 -36.72 -2.13 24.94
CA PRO D 160 -36.26 -1.54 26.21
C PRO D 160 -36.08 -0.03 26.20
N VAL D 161 -35.73 0.51 27.37
CA VAL D 161 -35.34 1.91 27.53
C VAL D 161 -34.24 1.97 28.58
N THR D 162 -33.25 2.83 28.35
CA THR D 162 -32.09 2.97 29.22
C THR D 162 -32.00 4.40 29.73
N VAL D 163 -31.73 4.54 31.03
CA VAL D 163 -31.74 5.84 31.70
C VAL D 163 -30.38 6.06 32.37
N SER D 164 -29.83 7.26 32.17
CA SER D 164 -28.61 7.68 32.85
C SER D 164 -28.81 9.12 33.31
N TRP D 165 -28.02 9.51 34.32
CA TRP D 165 -28.14 10.82 34.94
C TRP D 165 -26.86 11.62 34.73
N ASN D 166 -27.01 12.86 34.26
CA ASN D 166 -25.90 13.77 34.05
C ASN D 166 -24.80 13.12 33.20
N SER D 167 -25.23 12.35 32.20
CA SER D 167 -24.32 11.75 31.23
C SER D 167 -23.26 10.88 31.91
N GLY D 168 -23.68 10.14 32.94
CA GLY D 168 -22.81 9.23 33.64
C GLY D 168 -22.02 9.84 34.78
N ALA D 169 -22.10 11.15 34.98
CA ALA D 169 -21.42 11.77 36.11
C ALA D 169 -22.08 11.39 37.42
N LEU D 170 -23.41 11.34 37.44
CA LEU D 170 -24.17 10.99 38.64
C LEU D 170 -24.54 9.51 38.54
N THR D 171 -23.89 8.67 39.35
CA THR D 171 -24.10 7.24 39.33
C THR D 171 -24.51 6.67 40.68
N SER D 172 -23.96 7.20 41.77
CA SER D 172 -24.27 6.68 43.10
C SER D 172 -25.67 7.10 43.53
N GLY D 173 -26.38 6.18 44.19
CA GLY D 173 -27.72 6.45 44.66
C GLY D 173 -28.80 6.33 43.61
N VAL D 174 -28.45 5.94 42.39
CA VAL D 174 -29.39 5.89 41.28
C VAL D 174 -30.05 4.53 41.24
N HIS D 175 -31.38 4.51 41.10
CA HIS D 175 -32.15 3.28 40.97
C HIS D 175 -33.08 3.41 39.78
N THR D 176 -32.89 2.55 38.78
CA THR D 176 -33.78 2.47 37.63
C THR D 176 -34.56 1.18 37.71
N PHE D 177 -35.88 1.29 37.87
CA PHE D 177 -36.73 0.14 38.10
C PHE D 177 -37.11 -0.54 36.80
N PRO D 178 -37.44 -1.84 36.84
CA PRO D 178 -37.97 -2.50 35.65
C PRO D 178 -39.33 -1.93 35.26
N ALA D 179 -39.61 -2.00 33.97
CA ALA D 179 -40.85 -1.44 33.45
C ALA D 179 -42.05 -2.29 33.89
N VAL D 180 -43.23 -1.72 33.71
CA VAL D 180 -44.49 -2.44 33.91
C VAL D 180 -45.37 -2.21 32.69
N LEU D 181 -45.97 -3.28 32.18
CA LEU D 181 -46.85 -3.17 31.03
C LEU D 181 -48.22 -2.67 31.51
N GLN D 182 -48.57 -1.44 31.14
CA GLN D 182 -49.81 -0.85 31.58
C GLN D 182 -51.00 -1.50 30.86
N SER D 183 -52.20 -1.23 31.38
CA SER D 183 -53.41 -1.78 30.77
C SER D 183 -53.65 -1.22 29.37
N SER D 184 -52.98 -0.12 29.00
CA SER D 184 -53.14 0.48 27.69
C SER D 184 -52.20 -0.13 26.65
N GLY D 185 -51.43 -1.13 27.02
CA GLY D 185 -50.50 -1.75 26.10
C GLY D 185 -49.16 -1.07 25.98
N LEU D 186 -48.87 -0.10 26.84
CA LEU D 186 -47.61 0.65 26.81
C LEU D 186 -46.87 0.46 28.12
N TYR D 187 -45.55 0.61 28.06
CA TYR D 187 -44.70 0.42 29.23
C TYR D 187 -44.47 1.75 29.95
N SER D 188 -44.25 1.65 31.27
CA SER D 188 -43.91 2.81 32.08
C SER D 188 -42.78 2.44 33.03
N LEU D 189 -41.66 3.13 32.91
CA LEU D 189 -40.50 2.95 33.76
C LEU D 189 -40.33 4.14 34.70
N SER D 190 -39.66 3.89 35.83
CA SER D 190 -39.28 4.94 36.76
C SER D 190 -37.78 4.90 37.01
N SER D 191 -37.20 6.06 37.27
CA SER D 191 -35.80 6.17 37.64
C SER D 191 -35.65 7.26 38.68
N VAL D 192 -34.96 6.95 39.77
CA VAL D 192 -34.86 7.85 40.91
C VAL D 192 -33.40 7.96 41.34
N VAL D 193 -33.08 9.08 42.00
CA VAL D 193 -31.75 9.33 42.54
C VAL D 193 -31.91 10.08 43.86
N THR D 194 -31.02 9.79 44.79
CA THR D 194 -30.94 10.50 46.06
C THR D 194 -29.73 11.40 46.05
N VAL D 195 -29.94 12.68 46.35
CA VAL D 195 -28.88 13.68 46.27
C VAL D 195 -28.91 14.52 47.54
N PRO D 196 -27.81 15.22 47.83
CA PRO D 196 -27.82 16.15 48.97
C PRO D 196 -28.92 17.19 48.82
N SER D 197 -29.60 17.49 49.91
CA SER D 197 -30.67 18.48 49.87
C SER D 197 -30.12 19.88 49.66
N SER D 198 -28.87 20.13 50.06
CA SER D 198 -28.26 21.44 49.91
C SER D 198 -27.80 21.72 48.48
N SER D 199 -27.87 20.74 47.59
CA SER D 199 -27.48 20.92 46.20
C SER D 199 -28.62 21.37 45.30
N LEU D 200 -29.83 21.53 45.86
CA LEU D 200 -31.00 21.91 45.07
C LEU D 200 -30.96 23.42 44.87
N GLY D 201 -30.39 23.84 43.74
CA GLY D 201 -30.26 25.25 43.44
C GLY D 201 -28.85 25.63 43.04
N THR D 202 -27.93 24.67 43.10
CA THR D 202 -26.54 24.86 42.69
C THR D 202 -26.08 23.87 41.64
N GLN D 203 -26.62 22.65 41.62
CA GLN D 203 -26.24 21.62 40.66
C GLN D 203 -27.46 21.23 39.85
N THR D 204 -27.27 21.13 38.53
CA THR D 204 -28.35 20.69 37.65
C THR D 204 -28.38 19.16 37.60
N TYR D 205 -29.59 18.60 37.59
CA TYR D 205 -29.80 17.17 37.51
C TYR D 205 -30.65 16.88 36.26
N ILE D 206 -30.03 16.20 35.29
CA ILE D 206 -30.67 15.89 34.02
C ILE D 206 -30.72 14.37 33.90
N CYS D 207 -31.90 13.83 33.63
CA CYS D 207 -32.09 12.41 33.40
C CYS D 207 -32.13 12.17 31.89
N ASN D 208 -31.26 11.29 31.41
CA ASN D 208 -31.11 11.02 29.99
C ASN D 208 -31.83 9.71 29.67
N VAL D 209 -32.90 9.79 28.90
CA VAL D 209 -33.70 8.62 28.54
C VAL D 209 -33.39 8.25 27.10
N ASN D 210 -32.92 7.03 26.90
CA ASN D 210 -32.60 6.51 25.57
C ASN D 210 -33.58 5.39 25.25
N HIS D 211 -34.34 5.55 24.16
CA HIS D 211 -35.32 4.57 23.71
C HIS D 211 -34.93 4.15 22.29
N LYS D 212 -34.06 3.15 22.21
CA LYS D 212 -33.53 2.73 20.91
C LYS D 212 -34.61 2.33 19.92
N PRO D 213 -35.64 1.55 20.28
CA PRO D 213 -36.59 1.10 19.25
C PRO D 213 -37.28 2.24 18.51
N SER D 214 -37.46 3.39 19.14
CA SER D 214 -38.03 4.56 18.46
C SER D 214 -36.96 5.58 18.07
N ASN D 215 -35.68 5.21 18.18
CA ASN D 215 -34.58 6.11 17.84
C ASN D 215 -34.67 7.42 18.60
N THR D 216 -35.10 7.34 19.85
CA THR D 216 -35.37 8.50 20.69
C THR D 216 -34.37 8.57 21.84
N LYS D 217 -33.71 9.71 21.98
CA LYS D 217 -32.84 10.00 23.11
C LYS D 217 -33.26 11.36 23.66
N VAL D 218 -33.73 11.37 24.91
CA VAL D 218 -34.34 12.55 25.51
C VAL D 218 -33.62 12.87 26.81
N ASP D 219 -33.24 14.13 26.98
CA ASP D 219 -32.68 14.64 28.22
C ASP D 219 -33.65 15.65 28.83
N LYS D 220 -34.01 15.45 30.09
CA LYS D 220 -34.97 16.31 30.77
C LYS D 220 -34.38 16.82 32.07
N LYS D 221 -34.61 18.10 32.35
CA LYS D 221 -34.17 18.73 33.58
C LYS D 221 -35.23 18.57 34.65
N VAL D 222 -34.84 18.08 35.82
CA VAL D 222 -35.74 17.90 36.96
C VAL D 222 -35.44 19.02 37.95
N GLU D 223 -36.45 19.84 38.23
CA GLU D 223 -36.31 20.95 39.16
C GLU D 223 -37.47 20.95 40.15
N PRO D 224 -37.26 21.51 41.36
CA PRO D 224 -38.34 21.57 42.36
C PRO D 224 -39.57 22.32 41.86
N GLU E 4 31.83 27.72 -36.13
CA GLU E 4 31.30 28.07 -34.79
C GLU E 4 31.66 29.51 -34.43
N ILE E 5 30.93 30.08 -33.47
CA ILE E 5 31.23 31.42 -32.98
C ILE E 5 32.37 31.34 -31.99
N VAL E 6 33.41 32.13 -32.21
CA VAL E 6 34.59 32.14 -31.37
C VAL E 6 34.48 33.26 -30.35
N LEU E 7 34.72 32.95 -29.08
CA LEU E 7 34.73 33.92 -28.01
C LEU E 7 36.14 34.06 -27.47
N THR E 8 36.60 35.30 -27.33
CA THR E 8 37.93 35.60 -26.82
C THR E 8 37.79 36.54 -25.62
N GLN E 9 38.34 36.13 -24.49
CA GLN E 9 38.30 36.92 -23.27
C GLN E 9 39.64 37.62 -23.04
N SER E 10 39.58 38.69 -22.25
CA SER E 10 40.78 39.43 -21.89
C SER E 10 40.48 40.27 -20.66
N PRO E 11 41.41 40.39 -19.71
CA PRO E 11 42.75 39.81 -19.69
C PRO E 11 42.73 38.36 -19.22
N ASP E 12 43.80 37.61 -19.45
CA ASP E 12 43.85 36.23 -18.98
C ASP E 12 43.97 36.14 -17.47
N THR E 13 44.67 37.09 -16.84
CA THR E 13 44.91 37.05 -15.41
C THR E 13 44.68 38.43 -14.80
N LEU E 14 44.27 38.45 -13.54
CA LEU E 14 44.08 39.68 -12.79
C LEU E 14 44.44 39.45 -11.33
N SER E 15 45.17 40.39 -10.76
CA SER E 15 45.49 40.39 -9.33
C SER E 15 44.90 41.68 -8.75
N LEU E 16 43.75 41.55 -8.10
CA LEU E 16 43.03 42.69 -7.52
C LEU E 16 42.77 42.42 -6.05
N SER E 17 43.00 43.43 -5.22
CA SER E 17 42.69 43.33 -3.81
C SER E 17 41.18 43.34 -3.60
N PRO E 18 40.70 42.79 -2.49
CA PRO E 18 39.28 42.92 -2.18
C PRO E 18 38.87 44.38 -2.10
N GLY E 19 37.67 44.69 -2.60
CA GLY E 19 37.19 46.04 -2.68
C GLY E 19 37.45 46.71 -4.01
N ASP E 20 38.33 46.16 -4.84
CA ASP E 20 38.61 46.72 -6.15
C ASP E 20 37.54 46.27 -7.15
N THR E 21 37.58 46.86 -8.33
CA THR E 21 36.63 46.57 -9.40
C THR E 21 37.33 45.80 -10.51
N ALA E 22 36.74 44.68 -10.90
CA ALA E 22 37.27 43.85 -11.97
C ALA E 22 36.42 44.03 -13.21
N THR E 23 37.06 44.34 -14.34
CA THR E 23 36.39 44.47 -15.62
C THR E 23 36.88 43.36 -16.54
N LEU E 24 35.97 42.48 -16.95
CA LEU E 24 36.27 41.38 -17.85
C LEU E 24 35.56 41.62 -19.17
N SER E 25 36.29 41.38 -20.27
CA SER E 25 35.77 41.61 -21.61
C SER E 25 35.74 40.31 -22.40
N CYS E 26 34.75 40.20 -23.28
CA CYS E 26 34.57 39.03 -24.13
C CYS E 26 34.20 39.51 -25.52
N ARG E 27 34.98 39.08 -26.51
CA ARG E 27 34.77 39.46 -27.91
C ARG E 27 34.34 38.23 -28.70
N ALA E 28 33.42 38.45 -29.65
CA ALA E 28 32.84 37.38 -30.44
C ALA E 28 33.24 37.54 -31.90
N SER E 29 33.32 36.40 -32.60
CA SER E 29 33.66 36.41 -34.02
C SER E 29 32.52 36.92 -34.89
N GLN E 30 31.29 36.95 -34.36
CA GLN E 30 30.16 37.49 -35.10
C GLN E 30 29.10 37.95 -34.10
N THR E 31 28.17 38.77 -34.59
CA THR E 31 27.21 39.43 -33.71
C THR E 31 26.41 38.42 -32.91
N ILE E 32 26.11 38.79 -31.66
CA ILE E 32 25.41 37.91 -30.72
C ILE E 32 24.21 38.67 -30.18
N THR E 33 23.02 38.09 -30.34
CA THR E 33 21.81 38.69 -29.79
C THR E 33 21.93 38.77 -28.27
N ASN E 34 21.39 39.86 -27.70
CA ASN E 34 21.54 40.08 -26.26
C ASN E 34 20.87 38.98 -25.44
N ALA E 35 19.82 38.37 -25.97
CA ALA E 35 19.09 37.36 -25.22
C ALA E 35 19.87 36.08 -25.00
N TYR E 36 21.00 35.88 -25.69
CA TYR E 36 21.71 34.61 -25.70
C TYR E 36 23.18 34.79 -25.36
N PHE E 37 23.48 35.56 -24.31
CA PHE E 37 24.83 35.70 -23.80
C PHE E 37 24.82 35.52 -22.29
N ALA E 38 25.83 34.84 -21.77
CA ALA E 38 25.87 34.50 -20.35
C ALA E 38 27.29 34.53 -19.83
N TRP E 39 27.41 34.63 -18.51
CA TRP E 39 28.69 34.61 -17.82
C TRP E 39 28.65 33.55 -16.73
N TYR E 40 29.81 32.95 -16.45
CA TYR E 40 29.93 31.87 -15.50
C TYR E 40 31.10 32.09 -14.56
N GLN E 41 31.01 31.49 -13.39
CA GLN E 41 32.07 31.49 -12.39
C GLN E 41 32.41 30.05 -12.05
N GLN E 42 33.71 29.73 -12.03
CA GLN E 42 34.16 28.40 -11.66
C GLN E 42 35.27 28.50 -10.63
N LYS E 43 35.11 27.81 -9.52
CA LYS E 43 36.12 27.68 -8.49
C LYS E 43 36.86 26.36 -8.65
N PRO E 44 38.10 26.27 -8.16
CA PRO E 44 38.84 25.01 -8.30
C PRO E 44 38.10 23.85 -7.67
N GLY E 45 38.09 22.71 -8.36
CA GLY E 45 37.42 21.54 -7.88
C GLY E 45 35.91 21.59 -7.93
N GLN E 46 35.34 22.60 -8.59
CA GLN E 46 33.90 22.79 -8.66
C GLN E 46 33.47 23.08 -10.09
N ALA E 47 32.20 22.80 -10.37
CA ALA E 47 31.64 23.06 -11.68
C ALA E 47 31.32 24.55 -11.82
N PRO E 48 31.20 25.03 -13.05
CA PRO E 48 30.83 26.45 -13.25
C PRO E 48 29.48 26.78 -12.65
N ARG E 49 29.34 28.02 -12.21
CA ARG E 49 28.10 28.54 -11.64
C ARG E 49 27.62 29.72 -12.48
N LEU E 50 26.34 29.72 -12.83
CA LEU E 50 25.81 30.77 -13.70
C LEU E 50 25.71 32.09 -12.93
N LEU E 51 26.20 33.17 -13.54
CA LEU E 51 26.13 34.50 -12.95
C LEU E 51 25.10 35.38 -13.65
N ILE E 52 25.21 35.54 -14.97
CA ILE E 52 24.30 36.38 -15.75
C ILE E 52 23.90 35.63 -17.01
N TYR E 53 22.66 35.83 -17.44
CA TYR E 53 22.16 35.34 -18.70
C TYR E 53 21.39 36.47 -19.38
N SER E 54 21.18 36.33 -20.70
CA SER E 54 20.59 37.37 -21.52
C SER E 54 21.41 38.66 -21.46
N THR E 55 22.69 38.51 -21.16
CA THR E 55 23.70 39.57 -21.19
C THR E 55 23.61 40.55 -20.03
N SER E 56 22.48 40.56 -19.32
CA SER E 56 22.34 41.45 -18.16
C SER E 56 21.56 40.86 -17.00
N THR E 57 20.80 39.78 -17.18
CA THR E 57 19.89 39.31 -16.15
C THR E 57 20.69 38.49 -15.13
N ARG E 58 20.73 38.98 -13.90
CA ARG E 58 21.52 38.34 -12.87
C ARG E 58 20.85 37.04 -12.43
N ALA E 59 21.63 35.97 -12.35
CA ALA E 59 21.08 34.68 -11.97
C ALA E 59 20.59 34.72 -10.53
N SER E 60 19.82 33.71 -10.15
CA SER E 60 19.26 33.65 -8.80
C SER E 60 20.36 33.65 -7.75
N GLY E 61 20.22 34.51 -6.75
CA GLY E 61 21.13 34.54 -5.62
C GLY E 61 22.46 35.21 -5.87
N ILE E 62 22.67 35.76 -7.06
CA ILE E 62 23.94 36.41 -7.39
C ILE E 62 23.90 37.85 -6.88
N PRO E 63 24.92 38.31 -6.14
CA PRO E 63 24.89 39.69 -5.65
C PRO E 63 24.99 40.70 -6.78
N ASP E 64 24.41 41.88 -6.53
CA ASP E 64 24.40 42.96 -7.53
C ASP E 64 25.78 43.54 -7.80
N ARG E 65 26.83 43.04 -7.15
CA ARG E 65 28.19 43.43 -7.54
C ARG E 65 28.49 43.01 -8.96
N PHE E 66 27.93 41.87 -9.39
CA PHE E 66 28.11 41.40 -10.76
C PHE E 66 27.15 42.11 -11.69
N SER E 67 27.66 42.58 -12.82
CA SER E 67 26.84 43.26 -13.82
C SER E 67 27.43 43.01 -15.19
N GLY E 68 26.60 42.49 -16.09
CA GLY E 68 27.01 42.21 -17.46
C GLY E 68 26.39 43.22 -18.42
N SER E 69 27.07 43.44 -19.55
CA SER E 69 26.61 44.38 -20.55
C SER E 69 27.28 44.04 -21.88
N GLY E 70 26.74 44.59 -22.95
CA GLY E 70 27.36 44.46 -24.25
C GLY E 70 26.33 44.42 -25.35
N SER E 71 26.83 44.47 -26.58
CA SER E 71 26.00 44.39 -27.78
C SER E 71 26.86 43.91 -28.93
N GLY E 72 26.21 43.27 -29.90
CA GLY E 72 26.91 42.80 -31.08
C GLY E 72 28.05 41.85 -30.76
N THR E 73 29.28 42.30 -30.96
CA THR E 73 30.47 41.48 -30.74
C THR E 73 31.27 41.90 -29.51
N GLU E 74 30.75 42.85 -28.72
CA GLU E 74 31.44 43.36 -27.54
C GLU E 74 30.59 43.09 -26.30
N PHE E 75 31.19 42.45 -25.30
CA PHE E 75 30.50 42.16 -24.05
C PHE E 75 31.50 42.26 -22.91
N THR E 76 31.07 42.82 -21.78
CA THR E 76 31.93 42.98 -20.62
C THR E 76 31.18 42.56 -19.36
N LEU E 77 31.95 42.04 -18.40
CA LEU E 77 31.44 41.66 -17.08
C LEU E 77 32.17 42.50 -16.04
N THR E 78 31.41 43.10 -15.13
CA THR E 78 31.95 43.96 -14.10
C THR E 78 31.59 43.41 -12.72
N ILE E 79 32.57 43.38 -11.82
CA ILE E 79 32.38 43.02 -10.43
C ILE E 79 32.67 44.26 -9.60
N SER E 80 31.63 44.77 -8.92
CA SER E 80 31.69 46.13 -8.38
C SER E 80 32.74 46.23 -7.27
N ARG E 81 32.55 45.50 -6.18
CA ARG E 81 33.46 45.55 -5.03
C ARG E 81 33.86 44.12 -4.69
N LEU E 82 35.00 43.69 -5.23
CA LEU E 82 35.46 42.33 -5.01
C LEU E 82 35.61 42.03 -3.53
N GLU E 83 35.19 40.84 -3.13
CA GLU E 83 35.42 40.30 -1.80
C GLU E 83 35.88 38.85 -1.96
N PRO E 84 36.51 38.29 -0.93
CA PRO E 84 37.25 37.03 -1.12
C PRO E 84 36.43 35.92 -1.77
N GLU E 85 35.15 35.82 -1.46
CA GLU E 85 34.31 34.75 -2.02
C GLU E 85 34.08 34.92 -3.52
N ASP E 86 34.42 36.07 -4.10
CA ASP E 86 34.19 36.28 -5.53
C ASP E 86 35.34 35.79 -6.40
N PHE E 87 36.56 35.78 -5.87
CA PHE E 87 37.73 35.47 -6.69
C PHE E 87 37.65 34.03 -7.21
N ALA E 88 37.65 33.90 -8.52
CA ALA E 88 37.53 32.61 -9.19
C ALA E 88 37.88 32.82 -10.66
N VAL E 89 37.63 31.80 -11.48
CA VAL E 89 37.75 31.90 -12.93
C VAL E 89 36.38 32.22 -13.50
N PHE E 90 36.35 33.06 -14.52
CA PHE E 90 35.11 33.51 -15.15
C PHE E 90 35.13 33.22 -16.63
N TYR E 91 34.01 32.73 -17.16
CA TYR E 91 33.85 32.39 -18.57
C TYR E 91 32.64 33.11 -19.14
N CYS E 92 32.73 33.48 -20.42
CA CYS E 92 31.59 33.92 -21.19
C CYS E 92 31.10 32.78 -22.09
N GLN E 93 29.83 32.86 -22.47
CA GLN E 93 29.20 31.84 -23.28
C GLN E 93 28.20 32.50 -24.23
N GLN E 94 28.04 31.90 -25.40
CA GLN E 94 27.01 32.29 -26.35
C GLN E 94 26.19 31.06 -26.71
N TYR E 95 24.88 31.24 -26.85
CA TYR E 95 23.99 30.19 -27.32
C TYR E 95 23.04 30.74 -28.38
N VAL E 96 23.60 31.47 -29.33
CA VAL E 96 22.84 31.93 -30.50
C VAL E 96 22.82 30.85 -31.58
N ARG E 97 23.99 30.32 -31.93
CA ARG E 97 24.13 29.31 -32.95
C ARG E 97 24.88 28.11 -32.38
N SER E 98 24.34 26.92 -32.58
CA SER E 98 25.10 25.72 -32.25
C SER E 98 26.33 25.64 -33.14
N PRO E 99 27.46 25.19 -32.62
CA PRO E 99 27.69 24.70 -31.25
C PRO E 99 27.79 25.84 -30.25
N TRP E 100 27.26 25.64 -29.04
CA TRP E 100 27.45 26.63 -27.98
C TRP E 100 28.92 26.65 -27.58
N THR E 101 29.45 27.85 -27.37
CA THR E 101 30.87 28.05 -27.16
C THR E 101 31.12 28.88 -25.91
N PHE E 102 32.32 28.73 -25.36
CA PHE E 102 32.76 29.47 -24.19
C PHE E 102 34.05 30.20 -24.50
N GLY E 103 34.35 31.21 -23.70
CA GLY E 103 35.66 31.83 -23.73
C GLY E 103 36.68 31.01 -22.96
N GLN E 104 37.97 31.29 -23.22
CA GLN E 104 39.02 30.54 -22.56
C GLN E 104 39.08 30.80 -21.06
N GLY E 105 38.49 31.89 -20.59
CA GLY E 105 38.40 32.17 -19.18
C GLY E 105 39.35 33.27 -18.75
N THR E 106 39.02 33.89 -17.62
CA THR E 106 39.87 34.88 -16.97
C THR E 106 40.05 34.49 -15.51
N LYS E 107 41.31 34.42 -15.08
CA LYS E 107 41.64 34.07 -13.70
C LYS E 107 41.83 35.36 -12.90
N VAL E 108 41.08 35.49 -11.81
CA VAL E 108 41.10 36.69 -10.98
C VAL E 108 41.71 36.30 -9.63
N GLU E 109 43.00 36.58 -9.46
CA GLU E 109 43.69 36.29 -8.22
C GLU E 109 43.40 37.36 -7.18
N LEU E 110 43.48 36.98 -5.90
CA LEU E 110 43.31 37.90 -4.79
C LEU E 110 44.67 38.45 -4.40
N LYS E 111 44.90 39.73 -4.66
CA LYS E 111 46.15 40.37 -4.28
C LYS E 111 46.21 40.56 -2.77
N ARG E 112 47.28 40.07 -2.14
CA ARG E 112 47.46 40.19 -0.71
C ARG E 112 48.91 40.61 -0.44
N THR E 113 49.23 40.75 0.85
CA THR E 113 50.57 41.14 1.24
C THR E 113 51.54 39.97 1.07
N VAL E 114 52.82 40.31 0.89
CA VAL E 114 53.85 39.30 0.71
C VAL E 114 54.02 38.50 1.98
N ALA E 115 54.09 37.17 1.83
CA ALA E 115 54.35 36.26 2.94
C ALA E 115 55.43 35.27 2.53
N ALA E 116 56.46 35.14 3.36
CA ALA E 116 57.54 34.22 3.06
C ALA E 116 57.12 32.78 3.34
N PRO E 117 57.63 31.82 2.57
CA PRO E 117 57.27 30.42 2.80
C PRO E 117 57.96 29.83 4.01
N SER E 118 57.26 28.92 4.67
CA SER E 118 57.86 28.06 5.68
C SER E 118 58.30 26.77 5.00
N VAL E 119 59.60 26.46 5.09
CA VAL E 119 60.20 25.36 4.34
C VAL E 119 60.35 24.16 5.26
N PHE E 120 59.92 23.00 4.78
CA PHE E 120 60.09 21.73 5.48
C PHE E 120 60.62 20.69 4.51
N ILE E 121 61.38 19.73 5.03
CA ILE E 121 61.98 18.67 4.23
C ILE E 121 61.71 17.34 4.92
N PHE E 122 61.28 16.35 4.13
CA PHE E 122 60.97 15.03 4.63
C PHE E 122 61.90 14.00 4.02
N PRO E 123 62.60 13.20 4.81
CA PRO E 123 63.45 12.14 4.23
C PRO E 123 62.59 11.02 3.66
N PRO E 124 63.16 10.17 2.80
CA PRO E 124 62.41 9.02 2.31
C PRO E 124 62.02 8.08 3.44
N SER E 125 60.82 7.53 3.34
CA SER E 125 60.35 6.59 4.35
C SER E 125 61.06 5.25 4.20
N ASP E 126 61.29 4.58 5.34
CA ASP E 126 61.87 3.25 5.31
C ASP E 126 61.03 2.30 4.48
N GLU E 127 59.72 2.53 4.42
CA GLU E 127 58.84 1.67 3.62
C GLU E 127 59.16 1.78 2.14
N GLN E 128 59.32 3.02 1.64
CA GLN E 128 59.65 3.20 0.24
C GLN E 128 61.04 2.68 -0.08
N LEU E 129 61.99 2.85 0.85
CA LEU E 129 63.34 2.38 0.62
C LEU E 129 63.36 0.87 0.42
N LYS E 130 62.51 0.14 1.14
CA LYS E 130 62.44 -1.30 0.97
C LYS E 130 61.95 -1.68 -0.42
N SER E 131 61.32 -0.75 -1.13
CA SER E 131 60.85 -1.00 -2.49
C SER E 131 61.88 -0.59 -3.55
N GLY E 132 63.07 -0.18 -3.13
CA GLY E 132 64.12 0.18 -4.08
C GLY E 132 64.02 1.59 -4.62
N THR E 133 63.26 2.46 -3.98
CA THR E 133 63.13 3.85 -4.42
C THR E 133 63.20 4.77 -3.21
N ALA E 134 63.72 5.97 -3.42
CA ALA E 134 63.85 6.98 -2.37
C ALA E 134 63.34 8.31 -2.91
N SER E 135 62.31 8.85 -2.25
CA SER E 135 61.73 10.13 -2.62
C SER E 135 61.91 11.12 -1.47
N VAL E 136 62.45 12.30 -1.80
CA VAL E 136 62.62 13.39 -0.84
C VAL E 136 61.63 14.48 -1.21
N VAL E 137 60.87 14.93 -0.22
CA VAL E 137 59.78 15.89 -0.42
C VAL E 137 60.16 17.20 0.27
N CYS E 138 60.06 18.30 -0.46
CA CYS E 138 60.28 19.64 0.08
C CYS E 138 58.98 20.42 0.03
N LEU E 139 58.63 21.05 1.15
CA LEU E 139 57.35 21.72 1.31
C LEU E 139 57.57 23.20 1.54
N LEU E 140 56.90 24.03 0.74
CA LEU E 140 56.84 25.47 0.94
C LEU E 140 55.41 25.82 1.34
N ASN E 141 55.24 26.45 2.50
CA ASN E 141 53.94 26.60 3.13
C ASN E 141 53.55 28.06 3.26
N ASN E 142 52.37 28.41 2.73
CA ASN E 142 51.70 29.68 3.00
C ASN E 142 52.60 30.87 2.62
N PHE E 143 52.83 31.00 1.31
CA PHE E 143 53.62 32.08 0.77
C PHE E 143 52.86 32.79 -0.33
N TYR E 144 53.19 34.06 -0.54
CA TYR E 144 52.61 34.89 -1.60
C TYR E 144 53.67 35.89 -2.01
N PRO E 145 53.82 36.17 -3.31
CA PRO E 145 53.07 35.66 -4.47
C PRO E 145 53.41 34.22 -4.85
N ARG E 146 52.72 33.70 -5.87
CA ARG E 146 52.88 32.30 -6.26
C ARG E 146 54.29 32.01 -6.75
N GLU E 147 54.94 32.98 -7.39
CA GLU E 147 56.26 32.74 -7.97
C GLU E 147 57.24 32.26 -6.90
N ALA E 148 57.91 31.15 -7.19
CA ALA E 148 58.87 30.55 -6.26
C ALA E 148 59.82 29.68 -7.04
N LYS E 149 60.95 29.35 -6.41
CA LYS E 149 61.98 28.54 -7.04
C LYS E 149 62.59 27.60 -6.00
N VAL E 150 62.61 26.31 -6.31
CA VAL E 150 63.22 25.29 -5.46
C VAL E 150 64.33 24.62 -6.25
N GLN E 151 65.50 24.50 -5.63
CA GLN E 151 66.65 23.84 -6.22
C GLN E 151 67.11 22.72 -5.29
N TRP E 152 67.30 21.53 -5.86
CA TRP E 152 67.77 20.38 -5.09
C TRP E 152 69.28 20.27 -5.17
N LYS E 153 69.91 19.91 -4.06
CA LYS E 153 71.36 19.72 -3.99
C LYS E 153 71.66 18.45 -3.22
N VAL E 154 72.19 17.45 -3.91
CA VAL E 154 72.66 16.22 -3.28
C VAL E 154 74.17 16.33 -3.16
N ASP E 155 74.67 16.39 -1.92
CA ASP E 155 76.08 16.62 -1.66
C ASP E 155 76.57 17.87 -2.40
N ASN E 156 75.75 18.92 -2.34
CA ASN E 156 76.03 20.22 -2.94
C ASN E 156 75.97 20.18 -4.47
N ALA E 157 75.54 19.07 -5.06
CA ALA E 157 75.42 18.95 -6.50
C ALA E 157 74.00 19.33 -6.91
N LEU E 158 73.88 20.42 -7.67
CA LEU E 158 72.57 20.82 -8.17
C LEU E 158 71.98 19.71 -9.02
N GLN E 159 70.71 19.39 -8.76
CA GLN E 159 70.03 18.29 -9.43
C GLN E 159 69.16 18.82 -10.56
N SER E 160 69.02 18.02 -11.61
CA SER E 160 68.27 18.42 -12.79
C SER E 160 67.59 17.20 -13.39
N GLY E 161 66.30 17.33 -13.70
CA GLY E 161 65.57 16.31 -14.42
C GLY E 161 65.04 15.17 -13.58
N ASN E 162 65.29 15.15 -12.28
CA ASN E 162 64.81 14.08 -11.41
C ASN E 162 63.90 14.60 -10.30
N SER E 163 63.26 15.75 -10.51
CA SER E 163 62.34 16.31 -9.54
C SER E 163 61.16 16.95 -10.27
N GLN E 164 60.02 16.99 -9.58
CA GLN E 164 58.82 17.63 -10.07
C GLN E 164 58.16 18.38 -8.93
N GLU E 165 57.35 19.38 -9.28
CA GLU E 165 56.67 20.19 -8.29
C GLU E 165 55.25 20.49 -8.73
N SER E 166 54.42 20.86 -7.76
CA SER E 166 53.07 21.32 -8.02
C SER E 166 52.69 22.34 -6.95
N VAL E 167 51.70 23.17 -7.27
CA VAL E 167 51.29 24.27 -6.40
C VAL E 167 49.79 24.17 -6.16
N THR E 168 49.39 24.39 -4.90
CA THR E 168 47.97 24.41 -4.56
C THR E 168 47.33 25.70 -5.10
N GLU E 169 46.01 25.75 -5.01
CA GLU E 169 45.28 26.96 -5.33
C GLU E 169 45.42 27.96 -4.19
N GLN E 170 44.86 29.15 -4.39
CA GLN E 170 44.89 30.16 -3.33
C GLN E 170 44.10 29.68 -2.13
N ASP E 171 44.74 29.69 -0.95
CA ASP E 171 44.09 29.18 0.25
C ASP E 171 42.85 30.00 0.56
N SER E 172 41.83 29.32 1.09
CA SER E 172 40.55 29.98 1.35
C SER E 172 40.59 30.90 2.56
N LYS E 173 41.59 30.76 3.43
CA LYS E 173 41.67 31.58 4.64
C LYS E 173 42.64 32.76 4.47
N ASP E 174 43.90 32.49 4.15
CA ASP E 174 44.92 33.51 4.06
C ASP E 174 45.31 33.84 2.62
N SER E 175 44.64 33.25 1.63
CA SER E 175 44.88 33.57 0.22
C SER E 175 46.34 33.33 -0.17
N THR E 176 46.99 32.37 0.46
CA THR E 176 48.38 32.04 0.19
C THR E 176 48.47 30.79 -0.69
N TYR E 177 49.69 30.51 -1.13
CA TYR E 177 50.00 29.32 -1.91
C TYR E 177 50.88 28.38 -1.11
N SER E 178 50.91 27.13 -1.54
CA SER E 178 51.82 26.13 -1.00
C SER E 178 52.37 25.30 -2.16
N LEU E 179 53.65 24.97 -2.07
CA LEU E 179 54.34 24.24 -3.13
C LEU E 179 54.97 22.98 -2.54
N SER E 180 54.87 21.88 -3.30
CA SER E 180 55.47 20.61 -2.93
C SER E 180 56.38 20.15 -4.06
N SER E 181 57.62 19.81 -3.73
CA SER E 181 58.61 19.35 -4.70
C SER E 181 59.15 18.00 -4.24
N THR E 182 59.14 17.02 -5.13
CA THR E 182 59.56 15.66 -4.83
C THR E 182 60.79 15.31 -5.66
N LEU E 183 61.86 14.92 -4.97
CA LEU E 183 63.07 14.42 -5.62
C LEU E 183 63.09 12.90 -5.46
N THR E 184 63.17 12.19 -6.58
CA THR E 184 63.08 10.73 -6.58
C THR E 184 64.39 10.14 -7.10
N LEU E 185 64.92 9.17 -6.36
CA LEU E 185 66.10 8.42 -6.76
C LEU E 185 65.90 6.96 -6.42
N SER E 186 66.60 6.08 -7.15
CA SER E 186 66.68 4.69 -6.74
C SER E 186 67.43 4.60 -5.41
N LYS E 187 67.04 3.63 -4.58
CA LYS E 187 67.70 3.51 -3.28
C LYS E 187 69.20 3.30 -3.43
N ALA E 188 69.63 2.69 -4.54
CA ALA E 188 71.06 2.58 -4.80
C ALA E 188 71.70 3.96 -4.94
N ASP E 189 71.11 4.83 -5.76
CA ASP E 189 71.62 6.18 -5.89
C ASP E 189 71.49 6.96 -4.58
N TYR E 190 70.38 6.74 -3.86
CA TYR E 190 70.15 7.47 -2.62
C TYR E 190 71.22 7.16 -1.58
N GLU E 191 71.61 5.89 -1.48
CA GLU E 191 72.58 5.48 -0.47
C GLU E 191 74.01 5.87 -0.80
N LYS E 192 74.30 6.29 -2.03
CA LYS E 192 75.64 6.71 -2.41
C LYS E 192 75.98 8.12 -1.95
N HIS E 193 75.01 8.87 -1.44
CA HIS E 193 75.21 10.26 -1.05
C HIS E 193 74.75 10.46 0.38
N LYS E 194 75.13 11.60 0.96
CA LYS E 194 74.90 11.88 2.37
C LYS E 194 73.99 13.08 2.59
N VAL E 195 74.31 14.23 2.01
CA VAL E 195 73.62 15.48 2.30
C VAL E 195 72.55 15.73 1.24
N TYR E 196 71.32 15.93 1.69
CA TYR E 196 70.19 16.23 0.82
C TYR E 196 69.58 17.55 1.28
N ALA E 197 69.64 18.57 0.42
CA ALA E 197 69.26 19.93 0.78
C ALA E 197 68.22 20.47 -0.20
N CYS E 198 67.29 21.24 0.33
CA CYS E 198 66.29 21.94 -0.46
C CYS E 198 66.53 23.44 -0.32
N GLU E 199 66.79 24.12 -1.44
CA GLU E 199 67.06 25.55 -1.45
C GLU E 199 65.88 26.28 -2.05
N VAL E 200 65.43 27.33 -1.36
CA VAL E 200 64.22 28.07 -1.72
C VAL E 200 64.57 29.54 -1.89
N THR E 201 64.08 30.15 -2.96
CA THR E 201 64.22 31.58 -3.19
C THR E 201 62.85 32.18 -3.44
N HIS E 202 62.54 33.27 -2.74
CA HIS E 202 61.26 33.95 -2.86
C HIS E 202 61.45 35.38 -2.40
N GLN E 203 60.71 36.30 -3.02
CA GLN E 203 60.87 37.72 -2.68
C GLN E 203 60.51 37.99 -1.23
N GLY E 204 59.77 37.09 -0.58
CA GLY E 204 59.53 37.23 0.84
C GLY E 204 60.72 36.89 1.71
N LEU E 205 61.78 36.35 1.12
CA LEU E 205 63.00 35.99 1.84
C LEU E 205 64.10 36.99 1.49
N SER E 206 64.77 37.52 2.51
CA SER E 206 65.89 38.42 2.26
C SER E 206 67.00 37.70 1.50
N SER E 207 67.30 36.47 1.88
CA SER E 207 68.28 35.63 1.22
C SER E 207 67.71 34.23 1.12
N PRO E 208 68.22 33.41 0.21
CA PRO E 208 67.68 32.04 0.06
C PRO E 208 67.81 31.26 1.35
N VAL E 209 66.80 30.43 1.63
CA VAL E 209 66.78 29.54 2.78
C VAL E 209 67.02 28.12 2.29
N THR E 210 67.81 27.35 3.04
CA THR E 210 68.13 25.98 2.69
C THR E 210 67.88 25.08 3.88
N LYS E 211 66.97 24.12 3.72
CA LYS E 211 66.72 23.09 4.72
C LYS E 211 67.30 21.79 4.18
N SER E 212 68.18 21.16 4.97
CA SER E 212 68.90 19.98 4.53
C SER E 212 68.98 18.98 5.68
N PHE E 213 69.33 17.74 5.33
CA PHE E 213 69.50 16.69 6.32
C PHE E 213 70.55 15.71 5.82
N ASN E 214 71.14 14.98 6.77
CA ASN E 214 72.03 13.88 6.47
C ASN E 214 71.26 12.56 6.49
N ARG E 215 71.68 11.64 5.63
CA ARG E 215 70.98 10.37 5.50
C ARG E 215 71.07 9.57 6.79
N GLY E 216 69.95 9.52 7.53
CA GLY E 216 69.92 8.78 8.78
C GLY E 216 70.91 9.26 9.80
N GLU E 217 71.22 10.54 9.82
CA GLU E 217 72.21 11.09 10.75
C GLU E 217 71.86 12.54 11.09
N GLY F 2 -37.78 -37.94 25.18
CA GLY F 2 -36.55 -38.66 24.71
C GLY F 2 -35.57 -37.74 24.02
N ILE F 3 -36.07 -36.99 23.03
CA ILE F 3 -35.22 -36.07 22.28
C ILE F 3 -34.63 -35.02 23.22
N GLU F 4 -35.46 -34.46 24.09
CA GLU F 4 -35.06 -33.36 24.97
C GLU F 4 -34.77 -33.91 26.36
N ILE F 5 -33.53 -33.77 26.80
CA ILE F 5 -33.16 -34.11 28.18
C ILE F 5 -33.63 -32.95 29.05
N VAL F 6 -34.58 -33.23 29.93
CA VAL F 6 -35.12 -32.20 30.82
C VAL F 6 -34.21 -32.09 32.04
N LEU F 7 -33.66 -30.90 32.26
CA LEU F 7 -32.83 -30.62 33.41
C LEU F 7 -33.66 -29.85 34.44
N THR F 8 -33.75 -30.40 35.64
CA THR F 8 -34.49 -29.78 36.74
C THR F 8 -33.49 -29.36 37.81
N GLN F 9 -33.46 -28.07 38.12
CA GLN F 9 -32.59 -27.54 39.16
C GLN F 9 -33.35 -27.40 40.47
N SER F 10 -32.61 -27.44 41.57
CA SER F 10 -33.20 -27.32 42.89
C SER F 10 -32.13 -26.79 43.83
N PRO F 11 -32.46 -25.86 44.73
CA PRO F 11 -33.76 -25.19 44.93
C PRO F 11 -33.94 -24.03 43.97
N ASP F 12 -35.13 -23.44 43.89
CA ASP F 12 -35.32 -22.28 43.04
C ASP F 12 -34.53 -21.07 43.55
N THR F 13 -34.61 -20.82 44.86
CA THR F 13 -33.99 -19.64 45.46
C THR F 13 -33.20 -20.04 46.71
N LEU F 14 -32.01 -19.46 46.85
CA LEU F 14 -31.18 -19.64 48.03
C LEU F 14 -30.80 -18.27 48.58
N SER F 15 -30.85 -18.13 49.90
CA SER F 15 -30.49 -16.90 50.59
C SER F 15 -29.40 -17.25 51.60
N LEU F 16 -28.15 -16.92 51.26
CA LEU F 16 -26.99 -17.29 52.06
C LEU F 16 -26.10 -16.08 52.28
N SER F 17 -25.52 -16.00 53.47
CA SER F 17 -24.61 -14.91 53.80
C SER F 17 -23.25 -15.14 53.18
N PRO F 18 -22.48 -14.08 52.94
CA PRO F 18 -21.11 -14.27 52.45
C PRO F 18 -20.29 -15.13 53.40
N GLY F 19 -19.49 -16.03 52.83
CA GLY F 19 -18.73 -16.99 53.59
C GLY F 19 -19.42 -18.34 53.76
N ASP F 20 -20.73 -18.40 53.56
CA ASP F 20 -21.47 -19.65 53.65
C ASP F 20 -21.26 -20.47 52.38
N THR F 21 -21.69 -21.72 52.43
CA THR F 21 -21.53 -22.65 51.32
C THR F 21 -22.89 -22.93 50.68
N ALA F 22 -22.95 -22.78 49.35
CA ALA F 22 -24.15 -23.07 48.59
C ALA F 22 -23.97 -24.38 47.84
N THR F 23 -25.03 -25.19 47.81
CA THR F 23 -25.02 -26.49 47.14
C THR F 23 -26.19 -26.52 46.16
N LEU F 24 -25.91 -26.25 44.89
CA LEU F 24 -26.92 -26.27 43.86
C LEU F 24 -27.01 -27.66 43.23
N SER F 25 -28.23 -28.08 42.89
CA SER F 25 -28.47 -29.40 42.34
C SER F 25 -29.16 -29.29 40.98
N CYS F 26 -28.87 -30.26 40.12
CA CYS F 26 -29.42 -30.30 38.77
C CYS F 26 -29.75 -31.75 38.42
N ARG F 27 -31.03 -32.02 38.18
CA ARG F 27 -31.47 -33.34 37.75
C ARG F 27 -31.38 -33.45 36.22
N ALA F 28 -31.58 -34.68 35.74
CA ALA F 28 -31.61 -34.94 34.30
C ALA F 28 -32.58 -36.07 34.04
N SER F 29 -33.38 -35.92 32.99
CA SER F 29 -34.37 -36.93 32.65
C SER F 29 -33.74 -38.23 32.14
N GLN F 30 -32.46 -38.21 31.79
CA GLN F 30 -31.77 -39.42 31.37
C GLN F 30 -30.27 -39.25 31.62
N THR F 31 -29.53 -40.34 31.43
CA THR F 31 -28.11 -40.34 31.76
C THR F 31 -27.36 -39.29 30.96
N ILE F 32 -26.41 -38.63 31.61
CA ILE F 32 -25.59 -37.58 31.01
C ILE F 32 -24.13 -38.02 31.10
N THR F 33 -23.46 -38.09 29.96
CA THR F 33 -22.03 -38.35 29.97
C THR F 33 -21.30 -37.17 30.59
N ASN F 34 -20.33 -37.47 31.45
CA ASN F 34 -19.69 -36.42 32.24
C ASN F 34 -19.02 -35.37 31.35
N ALA F 35 -18.59 -35.75 30.15
CA ALA F 35 -17.89 -34.83 29.28
C ALA F 35 -18.78 -33.71 28.74
N TYR F 36 -20.10 -33.85 28.86
CA TYR F 36 -21.06 -32.96 28.20
C TYR F 36 -22.01 -32.29 29.19
N PHE F 37 -21.49 -31.93 30.37
CA PHE F 37 -22.26 -31.23 31.37
C PHE F 37 -21.52 -29.96 31.77
N ALA F 38 -22.28 -28.86 31.91
CA ALA F 38 -21.68 -27.55 32.14
C ALA F 38 -22.53 -26.74 33.10
N TRP F 39 -21.91 -25.70 33.68
CA TRP F 39 -22.57 -24.77 34.58
C TRP F 39 -22.33 -23.34 34.09
N TYR F 40 -23.30 -22.47 34.36
CA TYR F 40 -23.23 -21.09 33.91
C TYR F 40 -23.67 -20.15 35.02
N GLN F 41 -23.16 -18.92 34.97
CA GLN F 41 -23.51 -17.87 35.92
C GLN F 41 -24.00 -16.66 35.15
N GLN F 42 -25.16 -16.13 35.55
CA GLN F 42 -25.76 -14.98 34.89
C GLN F 42 -26.12 -13.92 35.94
N LYS F 43 -25.37 -12.83 35.94
CA LYS F 43 -25.76 -11.65 36.71
C LYS F 43 -26.85 -10.88 35.97
N PRO F 44 -27.61 -10.04 36.67
CA PRO F 44 -28.69 -9.30 36.00
C PRO F 44 -28.15 -8.40 34.88
N GLY F 45 -28.90 -8.33 33.80
CA GLY F 45 -28.53 -7.49 32.68
C GLY F 45 -27.31 -7.92 31.91
N GLN F 46 -26.83 -9.14 32.12
CA GLN F 46 -25.63 -9.63 31.46
C GLN F 46 -25.86 -11.04 30.93
N ALA F 47 -25.10 -11.40 29.91
CA ALA F 47 -25.18 -12.74 29.36
C ALA F 47 -24.55 -13.75 30.33
N PRO F 48 -24.99 -15.00 30.29
CA PRO F 48 -24.40 -16.01 31.19
C PRO F 48 -22.93 -16.24 30.88
N ARG F 49 -22.19 -16.62 31.92
CA ARG F 49 -20.75 -16.84 31.83
C ARG F 49 -20.44 -18.28 32.21
N LEU F 50 -19.65 -18.95 31.38
CA LEU F 50 -19.33 -20.36 31.62
C LEU F 50 -18.52 -20.50 32.90
N LEU F 51 -19.04 -21.28 33.85
CA LEU F 51 -18.33 -21.56 35.09
C LEU F 51 -17.55 -22.87 35.00
N ILE F 52 -18.24 -23.99 34.75
CA ILE F 52 -17.64 -25.31 34.74
C ILE F 52 -18.14 -26.07 33.52
N TYR F 53 -17.25 -26.85 32.91
CA TYR F 53 -17.59 -27.72 31.79
C TYR F 53 -16.94 -29.08 32.01
N SER F 54 -17.47 -30.09 31.32
CA SER F 54 -17.07 -31.49 31.54
C SER F 54 -17.33 -31.92 32.98
N THR F 55 -18.27 -31.25 33.64
CA THR F 55 -18.80 -31.59 34.95
C THR F 55 -17.86 -31.26 36.09
N SER F 56 -16.58 -30.98 35.81
CA SER F 56 -15.64 -30.68 36.89
C SER F 56 -14.59 -29.63 36.55
N THR F 57 -14.53 -29.14 35.31
CA THR F 57 -13.44 -28.29 34.87
C THR F 57 -13.91 -26.84 34.84
N ARG F 58 -13.39 -26.03 35.75
CA ARG F 58 -13.77 -24.62 35.79
C ARG F 58 -13.13 -23.87 34.62
N ALA F 59 -13.93 -23.03 33.97
CA ALA F 59 -13.45 -22.29 32.81
C ALA F 59 -12.28 -21.40 33.20
N SER F 60 -11.58 -20.89 32.18
CA SER F 60 -10.45 -20.02 32.42
C SER F 60 -10.86 -18.82 33.25
N GLY F 61 -10.11 -18.55 34.32
CA GLY F 61 -10.36 -17.41 35.17
C GLY F 61 -11.39 -17.62 36.25
N ILE F 62 -12.02 -18.78 36.33
CA ILE F 62 -13.01 -19.05 37.37
C ILE F 62 -12.28 -19.37 38.67
N PRO F 63 -12.64 -18.76 39.79
CA PRO F 63 -11.98 -19.11 41.06
C PRO F 63 -12.22 -20.56 41.44
N ASP F 64 -11.42 -21.05 42.37
CA ASP F 64 -11.51 -22.43 42.82
C ASP F 64 -12.60 -22.65 43.87
N ARG F 65 -13.33 -21.61 44.25
CA ARG F 65 -14.49 -21.80 45.11
C ARG F 65 -15.55 -22.65 44.41
N PHE F 66 -15.79 -22.38 43.13
CA PHE F 66 -16.73 -23.18 42.36
C PHE F 66 -16.16 -24.57 42.09
N SER F 67 -17.00 -25.58 42.28
CA SER F 67 -16.59 -26.96 42.02
C SER F 67 -17.80 -27.74 41.53
N GLY F 68 -17.58 -28.57 40.51
CA GLY F 68 -18.62 -29.39 39.96
C GLY F 68 -18.41 -30.87 40.23
N SER F 69 -19.48 -31.65 40.21
CA SER F 69 -19.40 -33.08 40.44
C SER F 69 -20.72 -33.71 40.01
N GLY F 70 -20.75 -35.04 40.01
CA GLY F 70 -21.95 -35.78 39.70
C GLY F 70 -21.73 -36.84 38.64
N SER F 71 -22.69 -37.74 38.55
CA SER F 71 -22.68 -38.82 37.58
C SER F 71 -24.10 -39.21 37.22
N GLY F 72 -24.26 -39.78 36.04
CA GLY F 72 -25.57 -40.24 35.59
C GLY F 72 -26.57 -39.10 35.47
N THR F 73 -27.56 -39.09 36.37
CA THR F 73 -28.59 -38.06 36.38
C THR F 73 -28.42 -37.07 37.53
N GLU F 74 -27.41 -37.24 38.38
CA GLU F 74 -27.21 -36.41 39.56
C GLU F 74 -25.99 -35.53 39.34
N PHE F 75 -26.18 -34.22 39.43
CA PHE F 75 -25.10 -33.26 39.27
C PHE F 75 -25.26 -32.15 40.30
N THR F 76 -24.13 -31.59 40.73
CA THR F 76 -24.12 -30.65 41.83
C THR F 76 -23.00 -29.63 41.67
N LEU F 77 -23.37 -28.35 41.75
CA LEU F 77 -22.42 -27.25 41.80
C LEU F 77 -22.40 -26.70 43.21
N THR F 78 -21.19 -26.49 43.75
CA THR F 78 -21.03 -25.96 45.09
C THR F 78 -20.08 -24.76 45.06
N ILE F 79 -20.43 -23.72 45.82
CA ILE F 79 -19.59 -22.56 46.01
C ILE F 79 -19.18 -22.53 47.47
N SER F 80 -17.87 -22.61 47.73
CA SER F 80 -17.40 -22.92 49.09
C SER F 80 -17.61 -21.74 50.02
N ARG F 81 -16.98 -20.61 49.74
CA ARG F 81 -17.03 -19.43 50.61
C ARG F 81 -17.56 -18.26 49.80
N LEU F 82 -18.88 -18.08 49.82
CA LEU F 82 -19.51 -17.05 49.03
C LEU F 82 -18.99 -15.67 49.41
N GLU F 83 -18.80 -14.83 48.41
CA GLU F 83 -18.51 -13.41 48.58
C GLU F 83 -19.42 -12.62 47.64
N PRO F 84 -19.60 -11.33 47.90
CA PRO F 84 -20.69 -10.60 47.22
C PRO F 84 -20.70 -10.76 45.71
N GLU F 85 -19.54 -10.82 45.07
CA GLU F 85 -19.50 -10.95 43.62
C GLU F 85 -20.05 -12.28 43.13
N ASP F 86 -20.03 -13.33 43.97
CA ASP F 86 -20.44 -14.64 43.50
C ASP F 86 -21.95 -14.76 43.31
N PHE F 87 -22.73 -14.03 44.11
CA PHE F 87 -24.17 -14.20 44.09
C PHE F 87 -24.73 -13.81 42.72
N ALA F 88 -25.47 -14.74 42.12
CA ALA F 88 -26.08 -14.54 40.80
C ALA F 88 -27.02 -15.71 40.56
N VAL F 89 -27.56 -15.80 39.34
CA VAL F 89 -28.35 -16.94 38.92
C VAL F 89 -27.43 -17.93 38.22
N PHE F 90 -27.61 -19.21 38.53
CA PHE F 90 -26.77 -20.28 38.01
C PHE F 90 -27.61 -21.29 37.25
N TYR F 91 -27.12 -21.70 36.08
CA TYR F 91 -27.80 -22.66 35.22
C TYR F 91 -26.90 -23.86 34.97
N CYS F 92 -27.53 -25.03 34.83
CA CYS F 92 -26.85 -26.21 34.30
C CYS F 92 -27.25 -26.42 32.85
N GLN F 93 -26.40 -27.12 32.12
CA GLN F 93 -26.64 -27.39 30.70
C GLN F 93 -26.11 -28.77 30.35
N GLN F 94 -26.79 -29.42 29.42
CA GLN F 94 -26.34 -30.69 28.85
C GLN F 94 -26.23 -30.53 27.34
N TYR F 95 -25.12 -31.00 26.79
CA TYR F 95 -24.90 -31.05 25.35
C TYR F 95 -24.40 -32.43 24.94
N VAL F 96 -25.06 -33.46 25.49
CA VAL F 96 -24.77 -34.84 25.10
C VAL F 96 -25.69 -35.29 23.96
N ARG F 97 -26.95 -34.90 24.01
CA ARG F 97 -27.93 -35.23 22.99
C ARG F 97 -28.65 -33.96 22.56
N SER F 98 -28.70 -33.72 21.26
CA SER F 98 -29.42 -32.56 20.75
C SER F 98 -30.92 -32.79 20.85
N PRO F 99 -31.72 -31.74 21.10
CA PRO F 99 -31.33 -30.33 21.29
C PRO F 99 -30.68 -30.06 22.64
N TRP F 100 -29.75 -29.11 22.69
CA TRP F 100 -29.12 -28.74 23.95
C TRP F 100 -30.14 -28.05 24.85
N THR F 101 -30.05 -28.33 26.15
CA THR F 101 -31.05 -27.86 27.11
C THR F 101 -30.36 -27.25 28.32
N PHE F 102 -31.11 -26.40 29.02
CA PHE F 102 -30.65 -25.74 30.24
C PHE F 102 -31.64 -26.01 31.36
N GLY F 103 -31.15 -25.89 32.60
CA GLY F 103 -32.04 -25.92 33.74
C GLY F 103 -32.73 -24.59 33.95
N GLN F 104 -33.84 -24.63 34.72
CA GLN F 104 -34.61 -23.40 34.94
C GLN F 104 -33.79 -22.36 35.68
N GLY F 105 -32.83 -22.79 36.49
CA GLY F 105 -31.93 -21.88 37.15
C GLY F 105 -32.21 -21.77 38.64
N THR F 106 -31.14 -21.54 39.40
CA THR F 106 -31.22 -21.32 40.83
C THR F 106 -30.76 -19.90 41.14
N LYS F 107 -31.56 -19.16 41.89
CA LYS F 107 -31.21 -17.81 42.31
C LYS F 107 -30.57 -17.85 43.68
N VAL F 108 -29.40 -17.25 43.82
CA VAL F 108 -28.66 -17.22 45.07
C VAL F 108 -28.51 -15.75 45.46
N GLU F 109 -29.35 -15.29 46.39
CA GLU F 109 -29.26 -13.92 46.88
C GLU F 109 -28.34 -13.87 48.09
N LEU F 110 -28.01 -12.65 48.50
CA LEU F 110 -27.10 -12.41 49.61
C LEU F 110 -27.95 -12.09 50.85
N LYS F 111 -27.93 -13.01 51.82
CA LYS F 111 -28.65 -12.81 53.06
C LYS F 111 -27.93 -11.77 53.90
N ARG F 112 -28.59 -10.64 54.16
CA ARG F 112 -27.98 -9.56 54.92
C ARG F 112 -28.87 -9.16 56.09
N THR F 113 -28.47 -8.10 56.80
CA THR F 113 -29.24 -7.62 57.93
C THR F 113 -30.44 -6.82 57.47
N VAL F 114 -31.53 -6.90 58.24
CA VAL F 114 -32.77 -6.23 57.88
C VAL F 114 -32.57 -4.72 57.95
N ALA F 115 -33.02 -4.02 56.91
CA ALA F 115 -32.97 -2.56 56.85
C ALA F 115 -34.32 -2.04 56.38
N ALA F 116 -34.84 -1.02 57.07
CA ALA F 116 -36.14 -0.46 56.74
C ALA F 116 -36.03 0.46 55.52
N PRO F 117 -37.14 0.64 54.78
CA PRO F 117 -37.11 1.50 53.59
C PRO F 117 -37.15 2.98 53.95
N SER F 118 -36.67 3.79 53.01
CA SER F 118 -36.86 5.23 53.03
C SER F 118 -37.94 5.56 52.01
N VAL F 119 -39.04 6.14 52.47
CA VAL F 119 -40.24 6.31 51.65
C VAL F 119 -40.31 7.73 51.14
N PHE F 120 -40.46 7.89 49.83
CA PHE F 120 -40.64 9.18 49.20
C PHE F 120 -41.91 9.14 48.36
N ILE F 121 -42.53 10.31 48.17
CA ILE F 121 -43.74 10.44 47.39
C ILE F 121 -43.60 11.65 46.46
N PHE F 122 -44.02 11.47 45.20
CA PHE F 122 -43.90 12.50 44.18
C PHE F 122 -45.29 12.84 43.63
N PRO F 123 -45.73 14.09 43.69
CA PRO F 123 -47.01 14.46 43.09
C PRO F 123 -46.92 14.45 41.57
N PRO F 124 -48.03 14.27 40.87
CA PRO F 124 -47.99 14.32 39.40
C PRO F 124 -47.48 15.67 38.92
N SER F 125 -46.60 15.64 37.94
CA SER F 125 -46.01 16.86 37.40
C SER F 125 -47.00 17.60 36.51
N ASP F 126 -46.93 18.92 36.54
CA ASP F 126 -47.84 19.73 35.71
C ASP F 126 -47.64 19.43 34.24
N GLU F 127 -46.44 19.01 33.84
CA GLU F 127 -46.23 18.63 32.44
C GLU F 127 -47.11 17.46 32.05
N GLN F 128 -47.22 16.47 32.94
CA GLN F 128 -48.10 15.33 32.67
C GLN F 128 -49.57 15.76 32.75
N LEU F 129 -49.91 16.59 33.73
CA LEU F 129 -51.31 17.00 33.90
C LEU F 129 -51.84 17.70 32.66
N LYS F 130 -50.97 18.40 31.92
CA LYS F 130 -51.40 19.00 30.67
C LYS F 130 -51.84 17.95 29.67
N SER F 131 -51.29 16.75 29.75
CA SER F 131 -51.67 15.64 28.88
C SER F 131 -52.93 14.93 29.35
N GLY F 132 -53.67 15.50 30.30
CA GLY F 132 -54.88 14.87 30.79
C GLY F 132 -54.64 13.57 31.53
N THR F 133 -53.56 13.49 32.30
CA THR F 133 -53.25 12.30 33.08
C THR F 133 -52.48 12.70 34.32
N ALA F 134 -52.63 11.90 35.37
CA ALA F 134 -51.92 12.12 36.63
C ALA F 134 -51.34 10.80 37.10
N SER F 135 -50.06 10.83 37.49
CA SER F 135 -49.37 9.66 38.02
C SER F 135 -48.66 10.04 39.30
N VAL F 136 -48.98 9.36 40.39
CA VAL F 136 -48.31 9.55 41.68
C VAL F 136 -47.36 8.40 41.88
N VAL F 137 -46.11 8.71 42.24
CA VAL F 137 -45.05 7.72 42.39
C VAL F 137 -44.66 7.63 43.85
N CYS F 138 -44.62 6.41 44.37
CA CYS F 138 -44.15 6.13 45.72
C CYS F 138 -42.87 5.30 45.63
N LEU F 139 -41.84 5.74 46.34
CA LEU F 139 -40.52 5.12 46.28
C LEU F 139 -40.15 4.54 47.64
N LEU F 140 -39.72 3.28 47.64
CA LEU F 140 -39.15 2.64 48.81
C LEU F 140 -37.68 2.39 48.53
N ASN F 141 -36.80 2.95 49.37
CA ASN F 141 -35.38 3.03 49.08
C ASN F 141 -34.59 2.16 50.05
N ASN F 142 -33.80 1.24 49.50
CA ASN F 142 -32.79 0.50 50.25
C ASN F 142 -33.38 -0.21 51.46
N PHE F 143 -34.22 -1.19 51.17
CA PHE F 143 -34.83 -2.03 52.19
C PHE F 143 -34.48 -3.49 51.96
N TYR F 144 -34.47 -4.26 53.06
CA TYR F 144 -34.24 -5.70 53.02
C TYR F 144 -34.99 -6.26 54.23
N PRO F 145 -35.66 -7.43 54.10
CA PRO F 145 -35.75 -8.31 52.94
C PRO F 145 -36.66 -7.81 51.82
N ARG F 146 -36.75 -8.58 50.74
CA ARG F 146 -37.49 -8.14 49.56
C ARG F 146 -38.97 -7.91 49.89
N GLU F 147 -39.55 -8.77 50.71
CA GLU F 147 -40.99 -8.73 50.98
C GLU F 147 -41.41 -7.38 51.54
N ALA F 148 -42.20 -6.63 50.77
CA ALA F 148 -42.76 -5.36 51.20
C ALA F 148 -44.09 -5.17 50.52
N LYS F 149 -44.99 -4.42 51.18
CA LYS F 149 -46.32 -4.18 50.65
C LYS F 149 -46.66 -2.70 50.72
N VAL F 150 -47.29 -2.20 49.65
CA VAL F 150 -47.68 -0.81 49.53
C VAL F 150 -49.13 -0.75 49.05
N GLN F 151 -49.95 0.03 49.74
CA GLN F 151 -51.31 0.30 49.31
C GLN F 151 -51.53 1.81 49.27
N TRP F 152 -52.22 2.27 48.23
CA TRP F 152 -52.53 3.68 48.07
C TRP F 152 -53.85 4.02 48.75
N LYS F 153 -53.94 5.25 49.25
CA LYS F 153 -55.17 5.78 49.83
C LYS F 153 -55.41 7.16 49.26
N VAL F 154 -56.58 7.36 48.64
CA VAL F 154 -57.00 8.66 48.13
C VAL F 154 -58.06 9.20 49.07
N ASP F 155 -57.74 10.28 49.77
CA ASP F 155 -58.60 10.84 50.82
C ASP F 155 -59.22 9.73 51.66
N ASN F 156 -58.37 8.82 52.13
CA ASN F 156 -58.74 7.71 52.99
C ASN F 156 -59.55 6.64 52.28
N ALA F 157 -59.42 6.55 50.95
CA ALA F 157 -60.11 5.54 50.16
C ALA F 157 -59.05 4.59 49.60
N LEU F 158 -59.03 3.36 50.12
CA LEU F 158 -58.06 2.37 49.65
C LEU F 158 -58.22 2.13 48.15
N GLN F 159 -57.09 2.09 47.46
CA GLN F 159 -57.07 1.91 46.02
C GLN F 159 -56.65 0.49 45.65
N SER F 160 -57.21 0.00 44.56
CA SER F 160 -56.92 -1.36 44.08
C SER F 160 -57.11 -1.40 42.57
N GLY F 161 -56.06 -1.80 41.85
CA GLY F 161 -56.14 -1.98 40.42
C GLY F 161 -55.78 -0.75 39.60
N ASN F 162 -55.58 0.40 40.23
CA ASN F 162 -55.18 1.61 39.52
C ASN F 162 -53.72 1.97 39.77
N SER F 163 -52.93 1.06 40.33
CA SER F 163 -51.52 1.29 40.60
C SER F 163 -50.74 0.03 40.25
N GLN F 164 -49.45 0.22 39.95
CA GLN F 164 -48.57 -0.87 39.58
C GLN F 164 -47.26 -0.76 40.35
N GLU F 165 -46.60 -1.91 40.55
CA GLU F 165 -45.39 -2.00 41.34
C GLU F 165 -44.23 -2.47 40.46
N SER F 166 -43.01 -2.22 40.94
CA SER F 166 -41.80 -2.64 40.25
C SER F 166 -40.65 -2.58 41.25
N VAL F 167 -39.83 -3.63 41.28
CA VAL F 167 -38.77 -3.77 42.26
C VAL F 167 -37.44 -3.98 41.55
N THR F 168 -36.40 -3.31 42.04
CA THR F 168 -35.08 -3.42 41.44
C THR F 168 -34.45 -4.76 41.81
N GLU F 169 -33.25 -4.98 41.29
CA GLU F 169 -32.42 -6.11 41.71
C GLU F 169 -31.62 -5.72 42.96
N GLN F 170 -31.14 -6.74 43.66
CA GLN F 170 -30.40 -6.50 44.89
C GLN F 170 -29.15 -5.68 44.60
N ASP F 171 -29.01 -4.55 45.28
CA ASP F 171 -27.96 -3.58 44.95
C ASP F 171 -26.58 -4.17 45.24
N SER F 172 -25.58 -3.65 44.53
CA SER F 172 -24.23 -4.19 44.60
C SER F 172 -23.37 -3.55 45.67
N LYS F 173 -23.86 -2.52 46.36
CA LYS F 173 -23.10 -1.86 47.43
C LYS F 173 -23.63 -2.19 48.82
N ASP F 174 -24.94 -2.33 48.98
CA ASP F 174 -25.53 -2.66 50.27
C ASP F 174 -26.50 -3.85 50.19
N SER F 175 -26.61 -4.49 49.03
CA SER F 175 -27.41 -5.69 48.87
C SER F 175 -28.86 -5.48 49.29
N THR F 176 -29.40 -4.30 48.97
CA THR F 176 -30.77 -3.94 49.30
C THR F 176 -31.61 -3.84 48.04
N TYR F 177 -32.93 -3.86 48.24
CA TYR F 177 -33.90 -3.69 47.17
C TYR F 177 -34.55 -2.33 47.26
N SER F 178 -35.12 -1.90 46.15
CA SER F 178 -35.93 -0.68 46.09
C SER F 178 -37.19 -0.98 45.29
N LEU F 179 -38.30 -0.38 45.70
CA LEU F 179 -39.59 -0.61 45.08
C LEU F 179 -40.22 0.72 44.68
N SER F 180 -40.81 0.75 43.48
CA SER F 180 -41.50 1.92 42.96
C SER F 180 -42.93 1.55 42.63
N SER F 181 -43.87 2.37 43.11
CA SER F 181 -45.29 2.18 42.85
C SER F 181 -45.83 3.45 42.20
N THR F 182 -46.51 3.28 41.06
CA THR F 182 -47.04 4.40 40.29
C THR F 182 -48.56 4.32 40.29
N LEU F 183 -49.20 5.32 40.88
CA LEU F 183 -50.66 5.43 40.92
C LEU F 183 -51.10 6.35 39.80
N THR F 184 -51.63 5.77 38.72
CA THR F 184 -52.04 6.53 37.55
C THR F 184 -53.55 6.72 37.56
N LEU F 185 -53.99 7.96 37.48
CA LEU F 185 -55.41 8.29 37.43
C LEU F 185 -55.64 9.37 36.39
N SER F 186 -56.87 9.43 35.89
CA SER F 186 -57.23 10.46 34.93
C SER F 186 -57.15 11.84 35.59
N LYS F 187 -56.69 12.83 34.82
CA LYS F 187 -56.60 14.19 35.34
C LYS F 187 -57.95 14.69 35.85
N ALA F 188 -59.04 14.21 35.26
CA ALA F 188 -60.36 14.58 35.75
C ALA F 188 -60.60 14.04 37.16
N ASP F 189 -60.34 12.74 37.35
CA ASP F 189 -60.56 12.15 38.67
C ASP F 189 -59.52 12.57 39.69
N TYR F 190 -58.30 12.88 39.23
CA TYR F 190 -57.25 13.31 40.15
C TYR F 190 -57.62 14.61 40.84
N GLU F 191 -58.17 15.56 40.07
CA GLU F 191 -58.53 16.86 40.64
C GLU F 191 -59.76 16.82 41.52
N LYS F 192 -60.48 15.68 41.56
CA LYS F 192 -61.66 15.56 42.41
C LYS F 192 -61.32 15.34 43.89
N HIS F 193 -60.09 14.91 44.20
CA HIS F 193 -59.73 14.51 45.54
C HIS F 193 -58.53 15.32 46.03
N LYS F 194 -58.34 15.30 47.35
CA LYS F 194 -57.37 16.16 48.03
C LYS F 194 -56.16 15.40 48.54
N VAL F 195 -56.37 14.37 49.37
CA VAL F 195 -55.28 13.68 50.04
C VAL F 195 -54.91 12.44 49.25
N TYR F 196 -53.63 12.30 48.93
CA TYR F 196 -53.09 11.13 48.25
C TYR F 196 -51.99 10.55 49.13
N ALA F 197 -52.25 9.39 49.72
CA ALA F 197 -51.39 8.81 50.74
C ALA F 197 -50.85 7.46 50.27
N CYS F 198 -49.56 7.25 50.50
CA CYS F 198 -48.89 5.98 50.23
C CYS F 198 -48.48 5.37 51.56
N GLU F 199 -48.98 4.16 51.84
CA GLU F 199 -48.69 3.45 53.08
C GLU F 199 -47.76 2.28 52.79
N VAL F 200 -46.75 2.12 53.63
CA VAL F 200 -45.73 1.09 53.46
C VAL F 200 -45.76 0.18 54.67
N THR F 201 -45.71 -1.13 54.43
CA THR F 201 -45.66 -2.15 55.47
C THR F 201 -44.49 -3.08 55.16
N HIS F 202 -43.37 -2.86 55.82
CA HIS F 202 -42.17 -3.65 55.63
C HIS F 202 -41.72 -4.24 56.97
N GLN F 203 -40.94 -5.32 56.88
CA GLN F 203 -40.53 -6.06 58.07
C GLN F 203 -39.73 -5.20 59.03
N GLY F 204 -39.00 -4.22 58.52
CA GLY F 204 -38.13 -3.39 59.34
C GLY F 204 -38.77 -2.20 59.99
N LEU F 205 -40.09 -2.02 59.83
CA LEU F 205 -40.81 -0.90 60.42
C LEU F 205 -41.58 -1.41 61.63
N SER F 206 -41.37 -0.76 62.78
CA SER F 206 -42.12 -1.14 63.99
C SER F 206 -43.62 -0.98 63.77
N SER F 207 -44.02 0.12 63.12
CA SER F 207 -45.38 0.34 62.68
C SER F 207 -45.39 0.81 61.24
N PRO F 208 -46.46 0.58 60.49
CA PRO F 208 -46.50 1.04 59.11
C PRO F 208 -46.32 2.55 59.01
N VAL F 209 -45.59 2.97 57.99
CA VAL F 209 -45.29 4.38 57.74
C VAL F 209 -46.11 4.85 56.54
N THR F 210 -46.57 6.09 56.58
CA THR F 210 -47.38 6.66 55.53
C THR F 210 -46.84 8.04 55.16
N LYS F 211 -46.68 8.29 53.86
CA LYS F 211 -46.31 9.59 53.33
C LYS F 211 -47.44 10.07 52.43
N SER F 212 -47.85 11.33 52.63
CA SER F 212 -49.03 11.86 51.96
C SER F 212 -48.80 13.32 51.61
N PHE F 213 -49.68 13.85 50.75
CA PHE F 213 -49.63 15.25 50.35
C PHE F 213 -51.01 15.69 49.91
N ASN F 214 -51.32 16.95 50.18
CA ASN F 214 -52.56 17.54 49.68
C ASN F 214 -52.36 18.01 48.23
N ARG F 215 -53.41 17.91 47.44
CA ARG F 215 -53.33 18.17 46.01
C ARG F 215 -52.99 19.65 45.79
N GLY F 216 -51.78 19.91 45.30
CA GLY F 216 -51.37 21.25 44.93
C GLY F 216 -51.46 22.26 46.07
N GLU F 217 -50.94 21.88 47.24
CA GLU F 217 -50.95 22.78 48.39
C GLU F 217 -49.82 22.43 49.35
#